data_2QIR
# 
_entry.id   2QIR 
# 
_audit_conform.dict_name       mmcif_pdbx.dic 
_audit_conform.dict_version    5.377 
_audit_conform.dict_location   http://mmcif.pdb.org/dictionaries/ascii/mmcif_pdbx.dic 
# 
loop_
_database_2.database_id 
_database_2.database_code 
_database_2.pdbx_database_accession 
_database_2.pdbx_DOI 
PDB   2QIR         pdb_00002qir 10.2210/pdb2qir/pdb 
RCSB  RCSB043649   ?            ?                   
WWPDB D_1000043649 ?            ?                   
# 
loop_
_pdbx_database_related.db_name 
_pdbx_database_related.db_id 
_pdbx_database_related.details 
_pdbx_database_related.content_type 
PDB 2prb . unspecified 
PDB 2pr8 . unspecified 
# 
_pdbx_database_status.entry_id                        2QIR 
_pdbx_database_status.deposit_site                    RCSB 
_pdbx_database_status.process_site                    RCSB 
_pdbx_database_status.recvd_initial_deposition_date   2007-07-05 
_pdbx_database_status.status_code                     REL 
_pdbx_database_status.status_code_sf                  REL 
_pdbx_database_status.status_code_mr                  ? 
_pdbx_database_status.SG_entry                        ? 
_pdbx_database_status.status_code_cs                  ? 
_pdbx_database_status.pdb_format_compatible           Y 
_pdbx_database_status.methods_development_category    ? 
_pdbx_database_status.status_code_nmr_data            ? 
# 
loop_
_audit_author.name 
_audit_author.pdbx_ordinal 
'Maurice, F.'   1 
'Broutin, I.'   2 
'Podglajen, I.' 3 
'Benas, P.'     4 
'Collatz, E.'   5 
'Dardel, F.'    6 
# 
_citation.id                        primary 
_citation.title                     'Enzyme structural plasticity and the emergence of broad-spectrum antibiotic resistance.' 
_citation.journal_abbrev            'Embo Rep.' 
_citation.journal_volume            9 
_citation.page_first                344 
_citation.page_last                 349 
_citation.year                      2008 
_citation.journal_id_ASTM           ? 
_citation.country                   UK 
_citation.journal_id_ISSN           1469-221X 
_citation.journal_id_CSD            ? 
_citation.book_publisher            ? 
_citation.pdbx_database_id_PubMed   18292754 
_citation.pdbx_database_id_DOI      10.1038/embor.2008.9 
# 
loop_
_citation_author.citation_id 
_citation_author.name 
_citation_author.ordinal 
_citation_author.identifier_ORCID 
primary 'Maurice, F.'   1 ? 
primary 'Broutin, I.'   2 ? 
primary 'Podglajen, I.' 3 ? 
primary 'Benas, P.'     4 ? 
primary 'Collatz, E.'   5 ? 
primary 'Dardel, F.'    6 ? 
# 
_cell.length_a           57.404 
_cell.length_b           57.404 
_cell.length_c           145.570 
_cell.angle_alpha        90.000 
_cell.angle_beta         90.000 
_cell.angle_gamma        90.000 
_cell.entry_id           2QIR 
_cell.pdbx_unique_axis   ? 
_cell.Z_PDB              8 
_cell.length_a_esd       ? 
_cell.length_b_esd       ? 
_cell.length_c_esd       ? 
_cell.angle_alpha_esd    ? 
_cell.angle_beta_esd     ? 
_cell.angle_gamma_esd    ? 
# 
_symmetry.space_group_name_H-M             'P 43 21 2' 
_symmetry.entry_id                         2QIR 
_symmetry.Int_Tables_number                96 
_symmetry.pdbx_full_space_group_name_H-M   ? 
_symmetry.cell_setting                     ? 
_symmetry.space_group_name_Hall            ? 
# 
loop_
_entity.id 
_entity.type 
_entity.src_method 
_entity.pdbx_description 
_entity.formula_weight 
_entity.pdbx_number_of_molecules 
_entity.pdbx_ec 
_entity.pdbx_mutation 
_entity.pdbx_fragment 
_entity.details 
1 polymer     man 'Aminoglycoside 6-N-acetyltransferase type Ib11' 21921.439 1  2.3.1.82 'L106Q, S107L' ? ? 
2 non-polymer syn 'COENZYME A' 767.534   1  ?        ?              ? ? 
3 non-polymer syn 
;(1R,2S,3S,4R,6S)-4,6-DIAMINO-3-[(3-AMINO-3-DEOXY-ALPHA-D-GLUCOPYRANOSYL)OXY]-2-HYDROXYCYCLOHEXYL 2,6-DIAMINO-2,6-DIDEOXY-ALPHA-D-GLUCOPYRANOSIDE
;
483.514   1  ?        ?              ? ? 
4 water       nat water 18.015    78 ?        ?              ? ? 
# 
_entity_poly.entity_id                      1 
_entity_poly.type                           'polypeptide(L)' 
_entity_poly.nstd_linkage                   no 
_entity_poly.nstd_monomer                   no 
_entity_poly.pdbx_seq_one_letter_code       
;MKNTIHINSNDSVTLRLMTEHDLAMLYEWLNRSHIVEWWGGEEARPTLADVQEQYLPSVLAQESVTPYIAMLNGEPIGYA
QSYVALGSGDGWWEEETDPGVRGIDQLLANASQLGKGLGTKLVRALVELLFNDPEVTKIQTDPSPSNLRAIRCYEKAGFE
RQGTVTTPDGPAVYMVQTRQAFERTRSDEGRAQFEA
;
_entity_poly.pdbx_seq_one_letter_code_can   
;MKNTIHINSNDSVTLRLMTEHDLAMLYEWLNRSHIVEWWGGEEARPTLADVQEQYLPSVLAQESVTPYIAMLNGEPIGYA
QSYVALGSGDGWWEEETDPGVRGIDQLLANASQLGKGLGTKLVRALVELLFNDPEVTKIQTDPSPSNLRAIRCYEKAGFE
RQGTVTTPDGPAVYMVQTRQAFERTRSDEGRAQFEA
;
_entity_poly.pdbx_strand_id                 A 
_entity_poly.pdbx_target_identifier         ? 
# 
loop_
_entity_poly_seq.entity_id 
_entity_poly_seq.num 
_entity_poly_seq.mon_id 
_entity_poly_seq.hetero 
1 1   MET n 
1 2   LYS n 
1 3   ASN n 
1 4   THR n 
1 5   ILE n 
1 6   HIS n 
1 7   ILE n 
1 8   ASN n 
1 9   SER n 
1 10  ASN n 
1 11  ASP n 
1 12  SER n 
1 13  VAL n 
1 14  THR n 
1 15  LEU n 
1 16  ARG n 
1 17  LEU n 
1 18  MET n 
1 19  THR n 
1 20  GLU n 
1 21  HIS n 
1 22  ASP n 
1 23  LEU n 
1 24  ALA n 
1 25  MET n 
1 26  LEU n 
1 27  TYR n 
1 28  GLU n 
1 29  TRP n 
1 30  LEU n 
1 31  ASN n 
1 32  ARG n 
1 33  SER n 
1 34  HIS n 
1 35  ILE n 
1 36  VAL n 
1 37  GLU n 
1 38  TRP n 
1 39  TRP n 
1 40  GLY n 
1 41  GLY n 
1 42  GLU n 
1 43  GLU n 
1 44  ALA n 
1 45  ARG n 
1 46  PRO n 
1 47  THR n 
1 48  LEU n 
1 49  ALA n 
1 50  ASP n 
1 51  VAL n 
1 52  GLN n 
1 53  GLU n 
1 54  GLN n 
1 55  TYR n 
1 56  LEU n 
1 57  PRO n 
1 58  SER n 
1 59  VAL n 
1 60  LEU n 
1 61  ALA n 
1 62  GLN n 
1 63  GLU n 
1 64  SER n 
1 65  VAL n 
1 66  THR n 
1 67  PRO n 
1 68  TYR n 
1 69  ILE n 
1 70  ALA n 
1 71  MET n 
1 72  LEU n 
1 73  ASN n 
1 74  GLY n 
1 75  GLU n 
1 76  PRO n 
1 77  ILE n 
1 78  GLY n 
1 79  TYR n 
1 80  ALA n 
1 81  GLN n 
1 82  SER n 
1 83  TYR n 
1 84  VAL n 
1 85  ALA n 
1 86  LEU n 
1 87  GLY n 
1 88  SER n 
1 89  GLY n 
1 90  ASP n 
1 91  GLY n 
1 92  TRP n 
1 93  TRP n 
1 94  GLU n 
1 95  GLU n 
1 96  GLU n 
1 97  THR n 
1 98  ASP n 
1 99  PRO n 
1 100 GLY n 
1 101 VAL n 
1 102 ARG n 
1 103 GLY n 
1 104 ILE n 
1 105 ASP n 
1 106 GLN n 
1 107 LEU n 
1 108 LEU n 
1 109 ALA n 
1 110 ASN n 
1 111 ALA n 
1 112 SER n 
1 113 GLN n 
1 114 LEU n 
1 115 GLY n 
1 116 LYS n 
1 117 GLY n 
1 118 LEU n 
1 119 GLY n 
1 120 THR n 
1 121 LYS n 
1 122 LEU n 
1 123 VAL n 
1 124 ARG n 
1 125 ALA n 
1 126 LEU n 
1 127 VAL n 
1 128 GLU n 
1 129 LEU n 
1 130 LEU n 
1 131 PHE n 
1 132 ASN n 
1 133 ASP n 
1 134 PRO n 
1 135 GLU n 
1 136 VAL n 
1 137 THR n 
1 138 LYS n 
1 139 ILE n 
1 140 GLN n 
1 141 THR n 
1 142 ASP n 
1 143 PRO n 
1 144 SER n 
1 145 PRO n 
1 146 SER n 
1 147 ASN n 
1 148 LEU n 
1 149 ARG n 
1 150 ALA n 
1 151 ILE n 
1 152 ARG n 
1 153 CYS n 
1 154 TYR n 
1 155 GLU n 
1 156 LYS n 
1 157 ALA n 
1 158 GLY n 
1 159 PHE n 
1 160 GLU n 
1 161 ARG n 
1 162 GLN n 
1 163 GLY n 
1 164 THR n 
1 165 VAL n 
1 166 THR n 
1 167 THR n 
1 168 PRO n 
1 169 ASP n 
1 170 GLY n 
1 171 PRO n 
1 172 ALA n 
1 173 VAL n 
1 174 TYR n 
1 175 MET n 
1 176 VAL n 
1 177 GLN n 
1 178 THR n 
1 179 ARG n 
1 180 GLN n 
1 181 ALA n 
1 182 PHE n 
1 183 GLU n 
1 184 ARG n 
1 185 THR n 
1 186 ARG n 
1 187 SER n 
1 188 ASP n 
1 189 GLU n 
1 190 GLY n 
1 191 ARG n 
1 192 ALA n 
1 193 GLN n 
1 194 PHE n 
1 195 GLU n 
1 196 ALA n 
# 
_entity_src_gen.entity_id                          1 
_entity_src_gen.pdbx_src_id                        1 
_entity_src_gen.pdbx_alt_source_flag               sample 
_entity_src_gen.pdbx_seq_type                      ? 
_entity_src_gen.pdbx_beg_seq_num                   ? 
_entity_src_gen.pdbx_end_seq_num                   ? 
_entity_src_gen.gene_src_common_name               ? 
_entity_src_gen.gene_src_genus                     Salmonella 
_entity_src_gen.pdbx_gene_src_gene                 "aac(6')-Ib" 
_entity_src_gen.gene_src_species                   ? 
_entity_src_gen.gene_src_strain                    ? 
_entity_src_gen.gene_src_tissue                    ? 
_entity_src_gen.gene_src_tissue_fraction           ? 
_entity_src_gen.gene_src_details                   ? 
_entity_src_gen.pdbx_gene_src_fragment             ? 
_entity_src_gen.pdbx_gene_src_scientific_name      'Salmonella typhimurium' 
_entity_src_gen.pdbx_gene_src_ncbi_taxonomy_id     602 
_entity_src_gen.pdbx_gene_src_variant              ? 
_entity_src_gen.pdbx_gene_src_cell_line            ? 
_entity_src_gen.pdbx_gene_src_atcc                 ? 
_entity_src_gen.pdbx_gene_src_organ                ? 
_entity_src_gen.pdbx_gene_src_organelle            ? 
_entity_src_gen.pdbx_gene_src_cell                 ? 
_entity_src_gen.pdbx_gene_src_cellular_location    ? 
_entity_src_gen.host_org_common_name               ? 
_entity_src_gen.pdbx_host_org_scientific_name      'Escherichia coli' 
_entity_src_gen.pdbx_host_org_ncbi_taxonomy_id     562 
_entity_src_gen.host_org_genus                     Escherichia 
_entity_src_gen.pdbx_host_org_gene                 ? 
_entity_src_gen.pdbx_host_org_organ                ? 
_entity_src_gen.host_org_species                   ? 
_entity_src_gen.pdbx_host_org_tissue               ? 
_entity_src_gen.pdbx_host_org_tissue_fraction      ? 
_entity_src_gen.pdbx_host_org_strain               ? 
_entity_src_gen.pdbx_host_org_variant              ? 
_entity_src_gen.pdbx_host_org_cell_line            ? 
_entity_src_gen.pdbx_host_org_atcc                 ? 
_entity_src_gen.pdbx_host_org_culture_collection   ? 
_entity_src_gen.pdbx_host_org_cell                 ? 
_entity_src_gen.pdbx_host_org_organelle            ? 
_entity_src_gen.pdbx_host_org_cellular_location    ? 
_entity_src_gen.pdbx_host_org_vector_type          PLASMID 
_entity_src_gen.pdbx_host_org_vector               ? 
_entity_src_gen.host_org_details                   ? 
_entity_src_gen.expression_system_id               ? 
_entity_src_gen.plasmid_name                       pET101 
_entity_src_gen.plasmid_details                    ? 
_entity_src_gen.pdbx_description                   ? 
# 
_struct_ref.id                         1 
_struct_ref.db_name                    UNP 
_struct_ref.db_code                    Q8GLI5_SALTY 
_struct_ref.pdbx_db_accession          Q8GLI5 
_struct_ref.entity_id                  1 
_struct_ref.pdbx_seq_one_letter_code   
;MKNTIHINSNDSVTLRLMTEHDLAMLYEWLNRSHIVEWWGGEEARPTLADVQEQYLPSVLAQESVTPYIAMLNGEPIGYA
QSYVALGSGDGWWEEETDPGVRGIDLSLANASQLGKGLGTKLVRALVELLFNDPEVTKIQTDPSPSNLRAIRCYEKAGFE
RQGTVTTPDGPAVYMVQTRQAFERTRSD
;
_struct_ref.pdbx_align_begin           1 
_struct_ref.pdbx_db_isoform            ? 
# 
_struct_ref_seq.align_id                      1 
_struct_ref_seq.ref_id                        1 
_struct_ref_seq.pdbx_PDB_id_code              2QIR 
_struct_ref_seq.pdbx_strand_id                A 
_struct_ref_seq.seq_align_beg                 1 
_struct_ref_seq.pdbx_seq_align_beg_ins_code   ? 
_struct_ref_seq.seq_align_end                 188 
_struct_ref_seq.pdbx_seq_align_end_ins_code   ? 
_struct_ref_seq.pdbx_db_accession             Q8GLI5 
_struct_ref_seq.db_align_beg                  1 
_struct_ref_seq.pdbx_db_align_beg_ins_code    ? 
_struct_ref_seq.db_align_end                  188 
_struct_ref_seq.pdbx_db_align_end_ins_code    ? 
_struct_ref_seq.pdbx_auth_seq_align_beg       1 
_struct_ref_seq.pdbx_auth_seq_align_end       188 
# 
loop_
_struct_ref_seq_dif.align_id 
_struct_ref_seq_dif.pdbx_pdb_id_code 
_struct_ref_seq_dif.mon_id 
_struct_ref_seq_dif.pdbx_pdb_strand_id 
_struct_ref_seq_dif.seq_num 
_struct_ref_seq_dif.pdbx_pdb_ins_code 
_struct_ref_seq_dif.pdbx_seq_db_name 
_struct_ref_seq_dif.pdbx_seq_db_accession_code 
_struct_ref_seq_dif.db_mon_id 
_struct_ref_seq_dif.pdbx_seq_db_seq_num 
_struct_ref_seq_dif.details 
_struct_ref_seq_dif.pdbx_auth_seq_num 
_struct_ref_seq_dif.pdbx_ordinal 
1 2QIR GLN A 106 ? UNP Q8GLI5 LEU 106 'engineered mutation' 106 1  
1 2QIR LEU A 107 ? UNP Q8GLI5 SER 107 'engineered mutation' 107 2  
1 2QIR GLU A 189 ? UNP Q8GLI5 ?   ?   'expression tag'      189 3  
1 2QIR GLY A 190 ? UNP Q8GLI5 ?   ?   'expression tag'      190 4  
1 2QIR ARG A 191 ? UNP Q8GLI5 ?   ?   'expression tag'      191 5  
1 2QIR ALA A 192 ? UNP Q8GLI5 ?   ?   'expression tag'      192 6  
1 2QIR GLN A 193 ? UNP Q8GLI5 ?   ?   'expression tag'      193 7  
1 2QIR PHE A 194 ? UNP Q8GLI5 ?   ?   'expression tag'      194 8  
1 2QIR GLU A 195 ? UNP Q8GLI5 ?   ?   'expression tag'      195 9  
1 2QIR ALA A 196 ? UNP Q8GLI5 ?   ?   'expression tag'      196 10 
# 
loop_
_chem_comp.id 
_chem_comp.type 
_chem_comp.mon_nstd_flag 
_chem_comp.name 
_chem_comp.pdbx_synonyms 
_chem_comp.formula 
_chem_comp.formula_weight 
9CS non-polymer         . 
;(1R,2S,3S,4R,6S)-4,6-DIAMINO-3-[(3-AMINO-3-DEOXY-ALPHA-D-GLUCOPYRANOSYL)OXY]-2-HYDROXYCYCLOHEXYL 2,6-DIAMINO-2,6-DIDEOXY-ALPHA-D-GLUCOPYRANOSIDE
;
'Kanamycin B; Bekanamycin' 'C18 H37 N5 O10'      483.514 
ALA 'L-peptide linking' y ALANINE ?                          'C3 H7 N O2'          89.093  
ARG 'L-peptide linking' y ARGININE ?                          'C6 H15 N4 O2 1'      175.209 
ASN 'L-peptide linking' y ASPARAGINE ?                          'C4 H8 N2 O3'         132.118 
ASP 'L-peptide linking' y 'ASPARTIC ACID' ?                          'C4 H7 N O4'          133.103 
COA non-polymer         . 'COENZYME A' ?                          'C21 H36 N7 O16 P3 S' 767.534 
CYS 'L-peptide linking' y CYSTEINE ?                          'C3 H7 N O2 S'        121.158 
GLN 'L-peptide linking' y GLUTAMINE ?                          'C5 H10 N2 O3'        146.144 
GLU 'L-peptide linking' y 'GLUTAMIC ACID' ?                          'C5 H9 N O4'          147.129 
GLY 'peptide linking'   y GLYCINE ?                          'C2 H5 N O2'          75.067  
HIS 'L-peptide linking' y HISTIDINE ?                          'C6 H10 N3 O2 1'      156.162 
HOH non-polymer         . WATER ?                          'H2 O'                18.015  
ILE 'L-peptide linking' y ISOLEUCINE ?                          'C6 H13 N O2'         131.173 
LEU 'L-peptide linking' y LEUCINE ?                          'C6 H13 N O2'         131.173 
LYS 'L-peptide linking' y LYSINE ?                          'C6 H15 N2 O2 1'      147.195 
MET 'L-peptide linking' y METHIONINE ?                          'C5 H11 N O2 S'       149.211 
PHE 'L-peptide linking' y PHENYLALANINE ?                          'C9 H11 N O2'         165.189 
PRO 'L-peptide linking' y PROLINE ?                          'C5 H9 N O2'          115.130 
SER 'L-peptide linking' y SERINE ?                          'C3 H7 N O3'          105.093 
THR 'L-peptide linking' y THREONINE ?                          'C4 H9 N O3'          119.119 
TRP 'L-peptide linking' y TRYPTOPHAN ?                          'C11 H12 N2 O2'       204.225 
TYR 'L-peptide linking' y TYROSINE ?                          'C9 H11 N O3'         181.189 
VAL 'L-peptide linking' y VALINE ?                          'C5 H11 N O2'         117.146 
# 
_exptl.crystals_number   1 
_exptl.entry_id          2QIR 
_exptl.method            'X-RAY DIFFRACTION' 
# 
_exptl_crystal.id                    1 
_exptl_crystal.density_Matthews      2.73 
_exptl_crystal.density_meas          ? 
_exptl_crystal.density_percent_sol   55.01 
_exptl_crystal.description           ? 
_exptl_crystal.F_000                 ? 
_exptl_crystal.preparation           ? 
# 
_exptl_crystal_grow.crystal_id      1 
_exptl_crystal_grow.method          'VAPOR DIFFUSION, HANGING DROP' 
_exptl_crystal_grow.pH              7.5 
_exptl_crystal_grow.temp            291 
_exptl_crystal_grow.temp_details    ? 
_exptl_crystal_grow.pdbx_details    
'K2HPO4 1.5 M, NaH2PO4 0.06M, Guanidine 0.1M, pH 7.5, VAPOR DIFFUSION, HANGING DROP, temperature 291K' 
_exptl_crystal_grow.pdbx_pH_range   . 
# 
_diffrn.id                     1 
_diffrn.ambient_temp           77 
_diffrn.ambient_temp_details   ? 
_diffrn.crystal_id             1 
# 
_diffrn_detector.diffrn_id              1 
_diffrn_detector.detector               CCD 
_diffrn_detector.type                   'ADSC QUANTUM 210' 
_diffrn_detector.pdbx_collection_date   2007-05-17 
_diffrn_detector.details                ? 
# 
_diffrn_radiation.diffrn_id                        1 
_diffrn_radiation.wavelength_id                    1 
_diffrn_radiation.pdbx_diffrn_protocol             'SINGLE WAVELENGTH' 
_diffrn_radiation.monochromator                    ? 
_diffrn_radiation.pdbx_monochromatic_or_laue_m_l   M 
_diffrn_radiation.pdbx_scattering_type             x-ray 
# 
_diffrn_radiation_wavelength.id           1 
_diffrn_radiation_wavelength.wavelength   0.934 
_diffrn_radiation_wavelength.wt           1.0 
# 
_diffrn_source.diffrn_id                   1 
_diffrn_source.source                      SYNCHROTRON 
_diffrn_source.type                        'ESRF BEAMLINE ID14-1' 
_diffrn_source.pdbx_wavelength             ? 
_diffrn_source.pdbx_wavelength_list        0.934 
_diffrn_source.pdbx_synchrotron_site       ESRF 
_diffrn_source.pdbx_synchrotron_beamline   ID14-1 
# 
_reflns.entry_id                     2QIR 
_reflns.d_resolution_high            2.400 
_reflns.d_resolution_low             53.402 
_reflns.number_obs                   10187 
_reflns.pdbx_Rmerge_I_obs            0.081 
_reflns.pdbx_netI_over_sigmaI        8.300 
_reflns.pdbx_Rsym_value              0.081 
_reflns.pdbx_redundancy              13.400 
_reflns.percent_possible_obs         100.000 
_reflns.observed_criterion_sigma_F   0 
_reflns.observed_criterion_sigma_I   3 
_reflns.number_all                   10187 
_reflns.B_iso_Wilson_estimate        ? 
_reflns.R_free_details               ? 
_reflns.limit_h_max                  ? 
_reflns.limit_h_min                  ? 
_reflns.limit_k_max                  ? 
_reflns.limit_k_min                  ? 
_reflns.limit_l_max                  ? 
_reflns.limit_l_min                  ? 
_reflns.observed_criterion_F_max     ? 
_reflns.observed_criterion_F_min     ? 
_reflns.pdbx_chi_squared             ? 
_reflns.pdbx_scaling_rejects         ? 
_reflns.pdbx_ordinal                 1 
_reflns.pdbx_diffrn_id               1 
# 
loop_
_reflns_shell.d_res_high 
_reflns_shell.d_res_low 
_reflns_shell.number_measured_obs 
_reflns_shell.number_measured_all 
_reflns_shell.number_unique_obs 
_reflns_shell.Rmerge_I_obs 
_reflns_shell.meanI_over_sigI_obs 
_reflns_shell.pdbx_Rsym_value 
_reflns_shell.pdbx_chi_squared 
_reflns_shell.pdbx_redundancy 
_reflns_shell.percent_possible_obs 
_reflns_shell.number_unique_all 
_reflns_shell.percent_possible_all 
_reflns_shell.pdbx_ordinal 
_reflns_shell.pdbx_diffrn_id 
2.40 2.53  ? 16407 ? 0.212 3.4  0.212 ? 11.50 ? 1427 100.0  1  1 
2.53 2.68  ? 19455 ? 0.180 4.1  0.180 ? 14.30 ? 1362 100.00 2  1 
2.68 2.87  ? 18447 ? 0.132 5.5  0.132 ? 14.20 ? 1301 100.00 3  1 
2.87 3.10  ? 16918 ? 0.102 7.3  0.102 ? 14.10 ? 1198 100.00 4  1 
3.10 3.39  ? 15896 ? 0.077 9.1  0.077 ? 14.00 ? 1137 100.00 5  1 
3.39 3.80  ? 14148 ? 0.061 11.1 0.061 ? 13.90 ? 1016 100.00 6  1 
3.80 4.38  ? 12463 ? 0.051 13.0 0.051 ? 13.70 ? 910  100.00 7  1 
4.38 5.37  ? 10596 ? 0.052 11.9 0.052 ? 13.30 ? 796  100.00 8  1 
5.37 7.59  ? 8057  ? 0.060 9.7  0.060 ? 12.70 ? 636  100.00 9  1 
7.59 72.79 ? 4270  ? 0.056 10.8 0.056 ? 10.60 ? 404  99.80  10 1 
# 
_refine.entry_id                                 2QIR 
_refine.ls_d_res_high                            2.400 
_refine.ls_d_res_low                             45.080 
_refine.pdbx_ls_sigma_F                          0.00 
_refine.ls_percent_reflns_obs                    99.980 
_refine.ls_number_reflns_obs                     10125 
_refine.pdbx_ls_cross_valid_method               THROUGHOUT 
_refine.pdbx_R_Free_selection_details            RANDOM 
_refine.details                                  'HYDROGENS HAVE BEEN ADDED IN THE RIDING POSITIONS' 
_refine.ls_R_factor_obs                          0.194 
_refine.ls_R_factor_R_work                       0.192 
_refine.ls_R_factor_R_free                       0.235 
_refine.ls_percent_reflns_R_free                 4.800 
_refine.ls_number_reflns_R_free                  490 
_refine.B_iso_mean                               15.601 
_refine.aniso_B[1][1]                            -0.010 
_refine.aniso_B[2][2]                            -0.010 
_refine.aniso_B[3][3]                            0.020 
_refine.aniso_B[1][2]                            0.000 
_refine.aniso_B[1][3]                            0.000 
_refine.aniso_B[2][3]                            0.000 
_refine.correlation_coeff_Fo_to_Fc               0.927 
_refine.correlation_coeff_Fo_to_Fc_free          0.892 
_refine.pdbx_overall_ESU_R                       0.305 
_refine.pdbx_overall_ESU_R_Free                  0.227 
_refine.overall_SU_ML                            0.141 
_refine.overall_SU_B                             5.865 
_refine.solvent_model_details                    MASK 
_refine.pdbx_solvent_vdw_probe_radii             1.200 
_refine.pdbx_solvent_ion_probe_radii             0.800 
_refine.pdbx_solvent_shrinkage_radii             0.800 
_refine.pdbx_stereochemistry_target_values       'MAXIMUM LIKELIHOOD' 
_refine.pdbx_ls_sigma_I                          3 
_refine.ls_number_reflns_all                     10187 
_refine.ls_R_factor_all                          0.192 
_refine.ls_redundancy_reflns_obs                 ? 
_refine.pdbx_data_cutoff_high_absF               ? 
_refine.pdbx_data_cutoff_low_absF                ? 
_refine.ls_number_parameters                     ? 
_refine.ls_number_restraints                     ? 
_refine.ls_R_factor_R_free_error                 ? 
_refine.ls_R_factor_R_free_error_details         ? 
_refine.pdbx_method_to_determine_struct          'MOLECULAR REPLACEMENT' 
_refine.pdbx_starting_model                      'pdb entry 2prb' 
_refine.pdbx_stereochem_target_val_spec_case     ? 
_refine.solvent_model_param_bsol                 ? 
_refine.solvent_model_param_ksol                 ? 
_refine.occupancy_max                            ? 
_refine.occupancy_min                            ? 
_refine.pdbx_isotropic_thermal_model             ? 
_refine.B_iso_min                                ? 
_refine.B_iso_max                                ? 
_refine.overall_SU_R_Cruickshank_DPI             ? 
_refine.overall_SU_R_free                        ? 
_refine.pdbx_data_cutoff_high_rms_absF           ? 
_refine.ls_wR_factor_R_free                      ? 
_refine.ls_wR_factor_R_work                      ? 
_refine.overall_FOM_free_R_set                   ? 
_refine.overall_FOM_work_R_set                   ? 
_refine.pdbx_refine_id                           'X-RAY DIFFRACTION' 
_refine.pdbx_diffrn_id                           1 
_refine.pdbx_TLS_residual_ADP_flag               ? 
_refine.pdbx_overall_phase_error                 ? 
_refine.pdbx_overall_SU_R_free_Cruickshank_DPI   ? 
_refine.pdbx_overall_SU_R_Blow_DPI               ? 
_refine.pdbx_overall_SU_R_free_Blow_DPI          ? 
# 
_refine_hist.pdbx_refine_id                   'X-RAY DIFFRACTION' 
_refine_hist.cycle_id                         LAST 
_refine_hist.pdbx_number_atoms_protein        1356 
_refine_hist.pdbx_number_atoms_nucleic_acid   0 
_refine_hist.pdbx_number_atoms_ligand         81 
_refine_hist.number_atoms_solvent             78 
_refine_hist.number_atoms_total               1515 
_refine_hist.d_res_high                       2.400 
_refine_hist.d_res_low                        45.080 
# 
loop_
_refine_ls_restr.type 
_refine_ls_restr.number 
_refine_ls_restr.dev_ideal 
_refine_ls_restr.dev_ideal_target 
_refine_ls_restr.weight 
_refine_ls_restr.pdbx_refine_id 
_refine_ls_restr.pdbx_restraint_function 
r_bond_refined_d         1471 0.011  0.022  ? 'X-RAY DIFFRACTION' ? 
r_angle_refined_deg      2015 1.349  2.037  ? 'X-RAY DIFFRACTION' ? 
r_dihedral_angle_1_deg   170  6.411  5.000  ? 'X-RAY DIFFRACTION' ? 
r_dihedral_angle_2_deg   65   36.254 24.000 ? 'X-RAY DIFFRACTION' ? 
r_dihedral_angle_3_deg   226  14.086 15.000 ? 'X-RAY DIFFRACTION' ? 
r_dihedral_angle_4_deg   11   14.672 15.000 ? 'X-RAY DIFFRACTION' ? 
r_chiral_restr           229  0.088  0.200  ? 'X-RAY DIFFRACTION' ? 
r_gen_planes_refined     1079 0.004  0.020  ? 'X-RAY DIFFRACTION' ? 
r_nbd_refined            629  0.196  0.200  ? 'X-RAY DIFFRACTION' ? 
r_nbtor_refined          1001 0.300  0.200  ? 'X-RAY DIFFRACTION' ? 
r_xyhbond_nbd_refined    95   0.144  0.200  ? 'X-RAY DIFFRACTION' ? 
r_symmetry_vdw_refined   23   0.161  0.200  ? 'X-RAY DIFFRACTION' ? 
r_symmetry_hbond_refined 18   0.385  0.200  ? 'X-RAY DIFFRACTION' ? 
r_mcbond_it              884  0.750  1.500  ? 'X-RAY DIFFRACTION' ? 
r_mcangle_it             1379 1.202  2.000  ? 'X-RAY DIFFRACTION' ? 
r_scbond_it              679  1.704  3.000  ? 'X-RAY DIFFRACTION' ? 
r_scangle_it             636  2.842  4.500  ? 'X-RAY DIFFRACTION' ? 
# 
_refine_ls_shell.d_res_high                       2.400 
_refine_ls_shell.d_res_low                        2.463 
_refine_ls_shell.pdbx_total_number_of_bins_used   20 
_refine_ls_shell.percent_reflns_obs               100.000 
_refine_ls_shell.number_reflns_R_work             681 
_refine_ls_shell.R_factor_all                     ? 
_refine_ls_shell.R_factor_R_work                  0.203 
_refine_ls_shell.R_factor_R_free                  0.261 
_refine_ls_shell.percent_reflns_R_free            ? 
_refine_ls_shell.number_reflns_R_free             37 
_refine_ls_shell.R_factor_R_free_error            ? 
_refine_ls_shell.number_reflns_all                ? 
_refine_ls_shell.number_reflns_obs                718 
_refine_ls_shell.redundancy_reflns_obs            ? 
_refine_ls_shell.pdbx_refine_id                   'X-RAY DIFFRACTION' 
# 
_struct.entry_id                  2QIR 
_struct.title                     
;Crystal structure of aminoglycoside acetyltransferase AAC(6')-Ib in complex whith coenzyme A and kanamycin
;
_struct.pdbx_model_details        ? 
_struct.pdbx_CASP_flag            ? 
_struct.pdbx_model_type_details   ? 
# 
_struct_keywords.entry_id        2QIR 
_struct_keywords.pdbx_keywords   TRANSFERASE 
_struct_keywords.text            'Aminoglycoside resistance, acetyltransferase, TRANSFERASE' 
# 
loop_
_struct_asym.id 
_struct_asym.pdbx_blank_PDB_chainid_flag 
_struct_asym.pdbx_modified 
_struct_asym.entity_id 
_struct_asym.details 
A N N 1 ? 
B N N 2 ? 
C N N 3 ? 
D N N 4 ? 
# 
_struct_biol.id        1 
_struct_biol.details   ? 
# 
loop_
_struct_conf.conf_type_id 
_struct_conf.id 
_struct_conf.pdbx_PDB_helix_id 
_struct_conf.beg_label_comp_id 
_struct_conf.beg_label_asym_id 
_struct_conf.beg_label_seq_id 
_struct_conf.pdbx_beg_PDB_ins_code 
_struct_conf.end_label_comp_id 
_struct_conf.end_label_asym_id 
_struct_conf.end_label_seq_id 
_struct_conf.pdbx_end_PDB_ins_code 
_struct_conf.beg_auth_comp_id 
_struct_conf.beg_auth_asym_id 
_struct_conf.beg_auth_seq_id 
_struct_conf.end_auth_comp_id 
_struct_conf.end_auth_asym_id 
_struct_conf.end_auth_seq_id 
_struct_conf.pdbx_PDB_helix_class 
_struct_conf.details 
_struct_conf.pdbx_PDB_helix_length 
HELX_P HELX_P1  1  THR A 19  ? HIS A 21  ? THR A 19  HIS A 21  5 ? 3  
HELX_P HELX_P2  2  ASP A 22  ? LEU A 30  ? ASP A 22  LEU A 30  1 ? 9  
HELX_P HELX_P3  3  ARG A 32  ? GLU A 37  ? ARG A 32  GLU A 37  1 ? 6  
HELX_P HELX_P4  4  THR A 47  ? TYR A 55  ? THR A 47  TYR A 55  1 ? 9  
HELX_P HELX_P5  5  LEU A 56  ? ALA A 61  ? LEU A 56  ALA A 61  1 ? 6  
HELX_P HELX_P6  6  LEU A 86  ? SER A 88  ? LEU A 86  SER A 88  5 ? 3  
HELX_P HELX_P7  7  ASN A 110 ? LEU A 114 ? ASN A 110 LEU A 114 5 ? 5  
HELX_P HELX_P8  8  GLY A 117 ? ASN A 132 ? GLY A 117 ASN A 132 1 ? 16 
HELX_P HELX_P9  9  ASN A 147 ? ALA A 157 ? ASN A 147 ALA A 157 1 ? 11 
HELX_P HELX_P10 10 ARG A 179 ? ARG A 186 ? ARG A 179 ARG A 186 1 ? 8  
# 
_struct_conf_type.id          HELX_P 
_struct_conf_type.criteria    ? 
_struct_conf_type.reference   ? 
# 
_struct_sheet.id               A 
_struct_sheet.type             ? 
_struct_sheet.number_strands   7 
_struct_sheet.details          ? 
# 
loop_
_struct_sheet_order.sheet_id 
_struct_sheet_order.range_id_1 
_struct_sheet_order.range_id_2 
_struct_sheet_order.offset 
_struct_sheet_order.sense 
A 1 2 ? anti-parallel 
A 2 3 ? anti-parallel 
A 3 4 ? anti-parallel 
A 4 5 ? parallel      
A 5 6 ? anti-parallel 
A 6 7 ? anti-parallel 
# 
loop_
_struct_sheet_range.sheet_id 
_struct_sheet_range.id 
_struct_sheet_range.beg_label_comp_id 
_struct_sheet_range.beg_label_asym_id 
_struct_sheet_range.beg_label_seq_id 
_struct_sheet_range.pdbx_beg_PDB_ins_code 
_struct_sheet_range.end_label_comp_id 
_struct_sheet_range.end_label_asym_id 
_struct_sheet_range.end_label_seq_id 
_struct_sheet_range.pdbx_end_PDB_ins_code 
_struct_sheet_range.beg_auth_comp_id 
_struct_sheet_range.beg_auth_asym_id 
_struct_sheet_range.beg_auth_seq_id 
_struct_sheet_range.end_auth_comp_id 
_struct_sheet_range.end_auth_asym_id 
_struct_sheet_range.end_auth_seq_id 
A 1 THR A 14  ? LEU A 17  ? THR A 14  LEU A 17  
A 2 VAL A 65  ? LEU A 72  ? VAL A 65  LEU A 72  
A 3 GLU A 75  ? VAL A 84  ? GLU A 75  VAL A 84  
A 4 VAL A 101 ? LEU A 108 ? VAL A 101 LEU A 108 
A 5 LYS A 138 ? THR A 141 ? LYS A 138 THR A 141 
A 6 GLY A 170 ? THR A 178 ? GLY A 170 THR A 178 
A 7 GLU A 160 ? THR A 167 ? GLU A 160 THR A 167 
# 
loop_
_pdbx_struct_sheet_hbond.sheet_id 
_pdbx_struct_sheet_hbond.range_id_1 
_pdbx_struct_sheet_hbond.range_id_2 
_pdbx_struct_sheet_hbond.range_1_label_atom_id 
_pdbx_struct_sheet_hbond.range_1_label_comp_id 
_pdbx_struct_sheet_hbond.range_1_label_asym_id 
_pdbx_struct_sheet_hbond.range_1_label_seq_id 
_pdbx_struct_sheet_hbond.range_1_PDB_ins_code 
_pdbx_struct_sheet_hbond.range_1_auth_atom_id 
_pdbx_struct_sheet_hbond.range_1_auth_comp_id 
_pdbx_struct_sheet_hbond.range_1_auth_asym_id 
_pdbx_struct_sheet_hbond.range_1_auth_seq_id 
_pdbx_struct_sheet_hbond.range_2_label_atom_id 
_pdbx_struct_sheet_hbond.range_2_label_comp_id 
_pdbx_struct_sheet_hbond.range_2_label_asym_id 
_pdbx_struct_sheet_hbond.range_2_label_seq_id 
_pdbx_struct_sheet_hbond.range_2_PDB_ins_code 
_pdbx_struct_sheet_hbond.range_2_auth_atom_id 
_pdbx_struct_sheet_hbond.range_2_auth_comp_id 
_pdbx_struct_sheet_hbond.range_2_auth_asym_id 
_pdbx_struct_sheet_hbond.range_2_auth_seq_id 
A 1 2 N ARG A 16  ? N ARG A 16  O ILE A 69  ? O ILE A 69  
A 2 3 N ALA A 70  ? N ALA A 70  O ILE A 77  ? O ILE A 77  
A 3 4 N TYR A 79  ? N TYR A 79  O LEU A 107 ? O LEU A 107 
A 4 5 N ARG A 102 ? N ARG A 102 O GLN A 140 ? O GLN A 140 
A 5 6 N ILE A 139 ? N ILE A 139 O GLN A 177 ? O GLN A 177 
A 6 7 O TYR A 174 ? O TYR A 174 N GLN A 162 ? N GLN A 162 
# 
loop_
_struct_site.id 
_struct_site.pdbx_evidence_code 
_struct_site.pdbx_auth_asym_id 
_struct_site.pdbx_auth_comp_id 
_struct_site.pdbx_auth_seq_id 
_struct_site.pdbx_auth_ins_code 
_struct_site.pdbx_num_residues 
_struct_site.details 
AC1 Software A COA 197 ? 21 'BINDING SITE FOR RESIDUE COA A 197' 
AC2 Software A 9CS 501 ? 13 'BINDING SITE FOR RESIDUE 9CS A 501' 
# 
loop_
_struct_site_gen.id 
_struct_site_gen.site_id 
_struct_site_gen.pdbx_num_res 
_struct_site_gen.label_comp_id 
_struct_site_gen.label_asym_id 
_struct_site_gen.label_seq_id 
_struct_site_gen.pdbx_auth_ins_code 
_struct_site_gen.auth_comp_id 
_struct_site_gen.auth_asym_id 
_struct_site_gen.auth_seq_id 
_struct_site_gen.label_atom_id 
_struct_site_gen.label_alt_id 
_struct_site_gen.symmetry 
_struct_site_gen.details 
1  AC1 21 HIS A 34  ? HIS A 34  . ? 1_555 ? 
2  AC1 21 TRP A 38  ? TRP A 38  . ? 1_555 ? 
3  AC1 21 GLN A 106 ? GLN A 106 . ? 1_555 ? 
4  AC1 21 LEU A 107 ? LEU A 107 . ? 1_555 ? 
5  AC1 21 LEU A 108 ? LEU A 108 . ? 1_555 ? 
6  AC1 21 LEU A 114 ? LEU A 114 . ? 1_555 ? 
7  AC1 21 GLY A 115 ? GLY A 115 . ? 1_555 ? 
8  AC1 21 LYS A 116 ? LYS A 116 . ? 1_555 ? 
9  AC1 21 GLY A 117 ? GLY A 117 . ? 1_555 ? 
10 AC1 21 GLY A 119 ? GLY A 119 . ? 1_555 ? 
11 AC1 21 THR A 120 ? THR A 120 . ? 1_555 ? 
12 AC1 21 ASN A 147 ? ASN A 147 . ? 1_555 ? 
13 AC1 21 LEU A 148 ? LEU A 148 . ? 1_555 ? 
14 AC1 21 ARG A 149 ? ARG A 149 . ? 1_555 ? 
15 AC1 21 ARG A 152 ? ARG A 152 . ? 1_555 ? 
16 AC1 21 CYS A 153 ? CYS A 153 . ? 1_555 ? 
17 AC1 21 LYS A 156 ? LYS A 156 . ? 1_555 ? 
18 AC1 21 HOH D .   ? HOH A 519 . ? 1_555 ? 
19 AC1 21 HOH D .   ? HOH A 555 . ? 1_555 ? 
20 AC1 21 HOH D .   ? HOH A 564 . ? 1_555 ? 
21 AC1 21 HOH D .   ? HOH A 579 . ? 1_555 ? 
22 AC2 13 TRP A 38  ? TRP A 38  . ? 1_555 ? 
23 AC2 13 TRP A 39  ? TRP A 39  . ? 1_555 ? 
24 AC2 13 GLU A 63  ? GLU A 63  . ? 1_555 ? 
25 AC2 13 GLN A 81  ? GLN A 81  . ? 1_555 ? 
26 AC2 13 TYR A 83  ? TYR A 83  . ? 1_555 ? 
27 AC2 13 SER A 88  ? SER A 88  . ? 1_555 ? 
28 AC2 13 ASP A 90  ? ASP A 90  . ? 1_555 ? 
29 AC2 13 TRP A 92  ? TRP A 92  . ? 1_555 ? 
30 AC2 13 TRP A 93  ? TRP A 93  . ? 1_555 ? 
31 AC2 13 ASP A 105 ? ASP A 105 . ? 1_555 ? 
32 AC2 13 ASP A 142 ? ASP A 142 . ? 1_555 ? 
33 AC2 13 HOH D .   ? HOH A 569 . ? 1_555 ? 
34 AC2 13 HOH D .   ? HOH A 579 . ? 1_555 ? 
# 
_atom_sites.entry_id                    2QIR 
_atom_sites.fract_transf_matrix[1][1]   -0.00346735 
_atom_sites.fract_transf_matrix[1][2]   -0.01306312 
_atom_sites.fract_transf_matrix[1][3]   -0.01099039 
_atom_sites.fract_transf_matrix[2][1]   -0.00826570 
_atom_sites.fract_transf_matrix[2][2]   -0.00852793 
_atom_sites.fract_transf_matrix[2][3]   0.01274398 
_atom_sites.fract_transf_matrix[3][1]   -0.00589074 
_atom_sites.fract_transf_matrix[3][2]   0.00305699 
_atom_sites.fract_transf_matrix[3][3]   -0.00177506 
_atom_sites.fract_transf_vector[1]      0.125753 
_atom_sites.fract_transf_vector[2]      0.283176 
_atom_sites.fract_transf_vector[3]      -0.126170 
# 
loop_
_atom_type.symbol 
C 
N 
O 
P 
S 
# 
loop_
_atom_site.group_PDB 
_atom_site.id 
_atom_site.type_symbol 
_atom_site.label_atom_id 
_atom_site.label_alt_id 
_atom_site.label_comp_id 
_atom_site.label_asym_id 
_atom_site.label_entity_id 
_atom_site.label_seq_id 
_atom_site.pdbx_PDB_ins_code 
_atom_site.Cartn_x 
_atom_site.Cartn_y 
_atom_site.Cartn_z 
_atom_site.occupancy 
_atom_site.B_iso_or_equiv 
_atom_site.pdbx_formal_charge 
_atom_site.auth_seq_id 
_atom_site.auth_comp_id 
_atom_site.auth_asym_id 
_atom_site.auth_atom_id 
_atom_site.pdbx_PDB_model_num 
ATOM   1    N N   . SER A 1 12  ? 11.370  4.705   14.367  1.00 23.06 ? 12  SER A N   1 
ATOM   2    C CA  . SER A 1 12  ? 10.721  3.419   13.928  1.00 23.22 ? 12  SER A CA  1 
ATOM   3    C C   . SER A 1 12  ? 9.202   3.529   13.696  1.00 22.36 ? 12  SER A C   1 
ATOM   4    O O   . SER A 1 12  ? 8.446   3.932   14.584  1.00 21.86 ? 12  SER A O   1 
ATOM   5    C CB  . SER A 1 12  ? 11.047  2.262   14.893  1.00 23.73 ? 12  SER A CB  1 
ATOM   6    O OG  . SER A 1 12  ? 10.052  2.120   15.902  1.00 25.27 ? 12  SER A OG  1 
ATOM   7    N N   . VAL A 1 13  ? 8.789   3.149   12.486  1.00 21.77 ? 13  VAL A N   1 
ATOM   8    C CA  . VAL A 1 13  ? 7.405   3.230   12.017  1.00 20.16 ? 13  VAL A CA  1 
ATOM   9    C C   . VAL A 1 13  ? 6.718   1.896   12.295  1.00 19.80 ? 13  VAL A C   1 
ATOM   10   O O   . VAL A 1 13  ? 7.278   0.847   11.972  1.00 19.62 ? 13  VAL A O   1 
ATOM   11   C CB  . VAL A 1 13  ? 7.362   3.532   10.489  1.00 20.25 ? 13  VAL A CB  1 
ATOM   12   C CG1 . VAL A 1 13  ? 5.910   3.607   9.952   1.00 19.74 ? 13  VAL A CG1 1 
ATOM   13   C CG2 . VAL A 1 13  ? 8.141   4.807   10.159  1.00 18.13 ? 13  VAL A CG2 1 
ATOM   14   N N   . THR A 1 14  ? 5.528   1.939   12.903  1.00 19.10 ? 14  THR A N   1 
ATOM   15   C CA  . THR A 1 14  ? 4.705   0.735   13.108  1.00 18.79 ? 14  THR A CA  1 
ATOM   16   C C   . THR A 1 14  ? 3.340   0.887   12.439  1.00 18.65 ? 14  THR A C   1 
ATOM   17   O O   . THR A 1 14  ? 2.979   1.972   11.976  1.00 18.68 ? 14  THR A O   1 
ATOM   18   C CB  . THR A 1 14  ? 4.494   0.394   14.597  1.00 18.90 ? 14  THR A CB  1 
ATOM   19   O OG1 . THR A 1 14  ? 3.931   1.523   15.272  1.00 19.25 ? 14  THR A OG1 1 
ATOM   20   C CG2 . THR A 1 14  ? 5.816   0.000   15.278  1.00 19.41 ? 14  THR A CG2 1 
ATOM   21   N N   . LEU A 1 15  ? 2.581   -0.205  12.398  1.00 18.12 ? 15  LEU A N   1 
ATOM   22   C CA  . LEU A 1 15  ? 1.269   -0.201  11.767  1.00 17.58 ? 15  LEU A CA  1 
ATOM   23   C C   . LEU A 1 15  ? 0.200   -0.705  12.704  1.00 17.26 ? 15  LEU A C   1 
ATOM   24   O O   . LEU A 1 15  ? 0.399   -1.699  13.408  1.00 17.88 ? 15  LEU A O   1 
ATOM   25   C CB  . LEU A 1 15  ? 1.276   -1.049  10.497  1.00 17.31 ? 15  LEU A CB  1 
ATOM   26   C CG  . LEU A 1 15  ? 2.256   -0.596  9.415   1.00 18.10 ? 15  LEU A CG  1 
ATOM   27   C CD1 . LEU A 1 15  ? 2.729   -1.791  8.641   1.00 19.01 ? 15  LEU A CD1 1 
ATOM   28   C CD2 . LEU A 1 15  ? 1.657   0.466   8.500   1.00 18.85 ? 15  LEU A CD2 1 
ATOM   29   N N   . ARG A 1 16  ? -0.930  -0.004  12.714  1.00 16.34 ? 16  ARG A N   1 
ATOM   30   C CA  . ARG A 1 16  ? -2.131  -0.465  13.403  1.00 15.63 ? 16  ARG A CA  1 
ATOM   31   C C   . ARG A 1 16  ? -3.261  -0.502  12.376  1.00 15.79 ? 16  ARG A C   1 
ATOM   32   O O   . ARG A 1 16  ? -3.204  0.202   11.360  1.00 15.26 ? 16  ARG A O   1 
ATOM   33   C CB  . ARG A 1 16  ? -2.484  0.448   14.594  1.00 15.05 ? 16  ARG A CB  1 
ATOM   34   C CG  . ARG A 1 16  ? -2.805  1.874   14.222  1.00 14.67 ? 16  ARG A CG  1 
ATOM   35   C CD  . ARG A 1 16  ? -3.501  2.628   15.348  1.00 13.69 ? 16  ARG A CD  1 
ATOM   36   N NE  . ARG A 1 16  ? -3.765  4.018   14.981  1.00 9.60  ? 16  ARG A NE  1 
ATOM   37   C CZ  . ARG A 1 16  ? -4.867  4.440   14.361  1.00 10.06 ? 16  ARG A CZ  1 
ATOM   38   N NH1 . ARG A 1 16  ? -5.022  5.732   14.072  1.00 7.98  ? 16  ARG A NH1 1 
ATOM   39   N NH2 . ARG A 1 16  ? -5.816  3.570   14.012  1.00 8.78  ? 16  ARG A NH2 1 
ATOM   40   N N   . LEU A 1 17  ? -4.266  -1.342  12.619  1.00 15.71 ? 17  LEU A N   1 
ATOM   41   C CA  . LEU A 1 17  ? -5.446  -1.351  11.764  1.00 15.96 ? 17  LEU A CA  1 
ATOM   42   C C   . LEU A 1 17  ? -6.110  0.024   11.778  1.00 15.68 ? 17  LEU A C   1 
ATOM   43   O O   . LEU A 1 17  ? -6.094  0.728   12.790  1.00 15.63 ? 17  LEU A O   1 
ATOM   44   C CB  . LEU A 1 17  ? -6.434  -2.437  12.188  1.00 16.12 ? 17  LEU A CB  1 
ATOM   45   C CG  . LEU A 1 17  ? -5.919  -3.880  12.069  1.00 17.49 ? 17  LEU A CG  1 
ATOM   46   C CD1 . LEU A 1 17  ? -6.827  -4.841  12.818  1.00 17.28 ? 17  LEU A CD1 1 
ATOM   47   C CD2 . LEU A 1 17  ? -5.693  -4.336  10.600  1.00 15.88 ? 17  LEU A CD2 1 
ATOM   48   N N   . MET A 1 18  ? -6.633  0.434   10.628  1.00 15.25 ? 18  MET A N   1 
ATOM   49   C CA  . MET A 1 18  ? -7.454  1.620   10.586  1.00 14.64 ? 18  MET A CA  1 
ATOM   50   C C   . MET A 1 18  ? -8.843  1.261   11.104  1.00 14.74 ? 18  MET A C   1 
ATOM   51   O O   . MET A 1 18  ? -9.324  0.148   10.884  1.00 13.70 ? 18  MET A O   1 
ATOM   52   C CB  . MET A 1 18  ? -7.544  2.165   9.170   1.00 14.73 ? 18  MET A CB  1 
ATOM   53   C CG  . MET A 1 18  ? -8.115  3.565   9.131   1.00 14.36 ? 18  MET A CG  1 
ATOM   54   S SD  . MET A 1 18  ? -8.293  4.214   7.490   1.00 13.61 ? 18  MET A SD  1 
ATOM   55   C CE  . MET A 1 18  ? -9.723  3.306   6.925   1.00 13.05 ? 18  MET A CE  1 
ATOM   56   N N   . THR A 1 19  ? -9.463  2.201   11.811  1.00 15.35 ? 19  THR A N   1 
ATOM   57   C CA  . THR A 1 19  ? -10.861 2.063   12.243  1.00 16.32 ? 19  THR A CA  1 
ATOM   58   C C   . THR A 1 19  ? -11.746 3.152   11.608  1.00 17.19 ? 19  THR A C   1 
ATOM   59   O O   . THR A 1 19  ? -11.243 4.079   10.952  1.00 16.58 ? 19  THR A O   1 
ATOM   60   C CB  . THR A 1 19  ? -11.005 2.089   13.810  1.00 16.45 ? 19  THR A CB  1 
ATOM   61   O OG1 . THR A 1 19  ? -10.769 3.413   14.303  1.00 15.18 ? 19  THR A OG1 1 
ATOM   62   C CG2 . THR A 1 19  ? -10.027 1.103   14.493  1.00 15.76 ? 19  THR A CG2 1 
ATOM   63   N N   . GLU A 1 20  ? -13.059 3.020   11.809  1.00 18.70 ? 20  GLU A N   1 
ATOM   64   C CA  . GLU A 1 20  ? -14.061 4.024   11.418  1.00 20.33 ? 20  GLU A CA  1 
ATOM   65   C C   . GLU A 1 20  ? -13.673 5.400   11.968  1.00 20.15 ? 20  GLU A C   1 
ATOM   66   O O   . GLU A 1 20  ? -13.879 6.426   11.316  1.00 20.63 ? 20  GLU A O   1 
ATOM   67   C CB  . GLU A 1 20  ? -15.451 3.599   11.931  1.00 20.63 ? 20  GLU A CB  1 
ATOM   68   C CG  . GLU A 1 20  ? -16.652 4.312   11.273  1.00 23.70 ? 20  GLU A CG  1 
ATOM   69   C CD  . GLU A 1 20  ? -18.037 3.817   11.762  1.00 25.14 ? 20  GLU A CD  1 
ATOM   70   O OE1 . GLU A 1 20  ? -18.313 2.587   11.750  1.00 27.82 ? 20  GLU A OE1 1 
ATOM   71   O OE2 . GLU A 1 20  ? -18.875 4.679   12.127  1.00 29.74 ? 20  GLU A OE2 1 
ATOM   72   N N   . HIS A 1 21  ? -13.077 5.408   13.159  1.00 20.07 ? 21  HIS A N   1 
ATOM   73   C CA  . HIS A 1 21  ? -12.643 6.640   13.825  1.00 19.80 ? 21  HIS A CA  1 
ATOM   74   C C   . HIS A 1 21  ? -11.518 7.395   13.130  1.00 18.62 ? 21  HIS A C   1 
ATOM   75   O O   . HIS A 1 21  ? -11.248 8.557   13.482  1.00 18.01 ? 21  HIS A O   1 
ATOM   76   C CB  . HIS A 1 21  ? -12.233 6.342   15.275  1.00 20.81 ? 21  HIS A CB  1 
ATOM   77   C CG  . HIS A 1 21  ? -13.335 5.744   16.088  1.00 23.52 ? 21  HIS A CG  1 
ATOM   78   N ND1 . HIS A 1 21  ? -13.367 4.409   16.432  1.00 26.55 ? 21  HIS A ND1 1 
ATOM   79   C CD2 . HIS A 1 21  ? -14.467 6.292   16.596  1.00 26.50 ? 21  HIS A CD2 1 
ATOM   80   C CE1 . HIS A 1 21  ? -14.466 4.162   17.127  1.00 28.42 ? 21  HIS A CE1 1 
ATOM   81   N NE2 . HIS A 1 21  ? -15.150 5.287   17.241  1.00 28.57 ? 21  HIS A NE2 1 
ATOM   82   N N   . ASP A 1 22  ? -10.867 6.755   12.153  1.00 17.02 ? 22  ASP A N   1 
ATOM   83   C CA  . ASP A 1 22  ? -9.753  7.386   11.437  1.00 15.75 ? 22  ASP A CA  1 
ATOM   84   C C   . ASP A 1 22  ? -10.181 8.016   10.109  1.00 15.17 ? 22  ASP A C   1 
ATOM   85   O O   . ASP A 1 22  ? -9.368  8.656   9.440   1.00 15.47 ? 22  ASP A O   1 
ATOM   86   C CB  . ASP A 1 22  ? -8.621  6.388   11.171  1.00 15.42 ? 22  ASP A CB  1 
ATOM   87   C CG  . ASP A 1 22  ? -8.009  5.819   12.443  1.00 14.59 ? 22  ASP A CG  1 
ATOM   88   O OD1 . ASP A 1 22  ? -7.566  6.599   13.309  1.00 13.27 ? 22  ASP A OD1 1 
ATOM   89   O OD2 . ASP A 1 22  ? -7.948  4.575   12.554  1.00 13.90 ? 22  ASP A OD2 1 
ATOM   90   N N   . LEU A 1 23  ? -11.447 7.838   9.740   1.00 14.19 ? 23  LEU A N   1 
ATOM   91   C CA  . LEU A 1 23  ? -11.938 8.194   8.400   1.00 13.68 ? 23  LEU A CA  1 
ATOM   92   C C   . LEU A 1 23  ? -11.885 9.692   8.054   1.00 13.59 ? 23  LEU A C   1 
ATOM   93   O O   . LEU A 1 23  ? -11.488 10.066  6.932   1.00 13.57 ? 23  LEU A O   1 
ATOM   94   C CB  . LEU A 1 23  ? -13.347 7.628   8.173   1.00 13.38 ? 23  LEU A CB  1 
ATOM   95   C CG  . LEU A 1 23  ? -13.431 6.109   7.942   1.00 12.27 ? 23  LEU A CG  1 
ATOM   96   C CD1 . LEU A 1 23  ? -14.883 5.626   7.883   1.00 8.72  ? 23  LEU A CD1 1 
ATOM   97   C CD2 . LEU A 1 23  ? -12.673 5.716   6.669   1.00 10.57 ? 23  LEU A CD2 1 
ATOM   98   N N   . ALA A 1 24  ? -12.270 10.535  9.014   1.00 12.49 ? 24  ALA A N   1 
ATOM   99   C CA  . ALA A 1 24  ? -12.212 11.982  8.853   1.00 12.01 ? 24  ALA A CA  1 
ATOM   100  C C   . ALA A 1 24  ? -10.763 12.472  8.676   1.00 11.52 ? 24  ALA A C   1 
ATOM   101  O O   . ALA A 1 24  ? -10.498 13.377  7.897   1.00 11.09 ? 24  ALA A O   1 
ATOM   102  C CB  . ALA A 1 24  ? -12.894 12.689  10.048  1.00 11.73 ? 24  ALA A CB  1 
ATOM   103  N N   . MET A 1 25  ? -9.838  11.870  9.416   1.00 11.34 ? 25  MET A N   1 
ATOM   104  C CA  . MET A 1 25  ? -8.416  12.168  9.274   1.00 11.50 ? 25  MET A CA  1 
ATOM   105  C C   . MET A 1 25  ? -7.899  11.722  7.895   1.00 10.95 ? 25  MET A C   1 
ATOM   106  O O   . MET A 1 25  ? -7.171  12.457  7.234   1.00 11.00 ? 25  MET A O   1 
ATOM   107  C CB  . MET A 1 25  ? -7.635  11.504  10.407  1.00 11.34 ? 25  MET A CB  1 
ATOM   108  C CG  . MET A 1 25  ? -6.126  11.581  10.255  1.00 11.63 ? 25  MET A CG  1 
ATOM   109  S SD  . MET A 1 25  ? -5.286  10.715  11.588  1.00 13.13 ? 25  MET A SD  1 
ATOM   110  C CE  . MET A 1 25  ? -5.524  8.982   11.154  1.00 9.50  ? 25  MET A CE  1 
ATOM   111  N N   . LEU A 1 26  ? -8.309  10.534  7.452   1.00 10.32 ? 26  LEU A N   1 
ATOM   112  C CA  . LEU A 1 26  ? -7.949  10.059  6.122   1.00 10.02 ? 26  LEU A CA  1 
ATOM   113  C C   . LEU A 1 26  ? -8.484  10.994  5.033   1.00 10.06 ? 26  LEU A C   1 
ATOM   114  O O   . LEU A 1 26  ? -7.795  11.280  4.043   1.00 10.34 ? 26  LEU A O   1 
ATOM   115  C CB  . LEU A 1 26  ? -8.446  8.611   5.905   1.00 9.97  ? 26  LEU A CB  1 
ATOM   116  C CG  . LEU A 1 26  ? -8.215  7.980   4.526   1.00 8.65  ? 26  LEU A CG  1 
ATOM   117  C CD1 . LEU A 1 26  ? -6.727  7.787   4.230   1.00 7.92  ? 26  LEU A CD1 1 
ATOM   118  C CD2 . LEU A 1 26  ? -8.939  6.681   4.401   1.00 9.09  ? 26  LEU A CD2 1 
ATOM   119  N N   . TYR A 1 27  ? -9.715  11.460  5.228   1.00 10.12 ? 27  TYR A N   1 
ATOM   120  C CA  . TYR A 1 27  ? -10.369 12.393  4.316   1.00 10.58 ? 27  TYR A CA  1 
ATOM   121  C C   . TYR A 1 27  ? -9.547  13.672  4.165   1.00 10.59 ? 27  TYR A C   1 
ATOM   122  O O   . TYR A 1 27  ? -9.370  14.174  3.055   1.00 10.99 ? 27  TYR A O   1 
ATOM   123  C CB  . TYR A 1 27  ? -11.798 12.718  4.807   1.00 10.87 ? 27  TYR A CB  1 
ATOM   124  C CG  . TYR A 1 27  ? -12.359 14.047  4.312   1.00 10.60 ? 27  TYR A CG  1 
ATOM   125  C CD1 . TYR A 1 27  ? -12.635 14.253  2.953   1.00 9.61  ? 27  TYR A CD1 1 
ATOM   126  C CD2 . TYR A 1 27  ? -12.620 15.090  5.202   1.00 9.85  ? 27  TYR A CD2 1 
ATOM   127  C CE1 . TYR A 1 27  ? -13.143 15.460  2.506   1.00 10.24 ? 27  TYR A CE1 1 
ATOM   128  C CE2 . TYR A 1 27  ? -13.135 16.303  4.758   1.00 9.04  ? 27  TYR A CE2 1 
ATOM   129  C CZ  . TYR A 1 27  ? -13.394 16.485  3.413   1.00 11.27 ? 27  TYR A CZ  1 
ATOM   130  O OH  . TYR A 1 27  ? -13.916 17.696  2.953   1.00 12.37 ? 27  TYR A OH  1 
ATOM   131  N N   . GLU A 1 28  ? -9.040  14.197  5.272   1.00 10.70 ? 28  GLU A N   1 
ATOM   132  C CA  . GLU A 1 28  ? -8.156  15.348  5.180   1.00 11.03 ? 28  GLU A CA  1 
ATOM   133  C C   . GLU A 1 28  ? -6.897  15.038  4.357   1.00 10.69 ? 28  GLU A C   1 
ATOM   134  O O   . GLU A 1 28  ? -6.554  15.787  3.438   1.00 10.66 ? 28  GLU A O   1 
ATOM   135  C CB  . GLU A 1 28  ? -7.770  15.880  6.558   1.00 10.94 ? 28  GLU A CB  1 
ATOM   136  C CG  . GLU A 1 28  ? -6.896  17.122  6.434   1.00 12.70 ? 28  GLU A CG  1 
ATOM   137  C CD  . GLU A 1 28  ? -6.312  17.574  7.741   1.00 14.85 ? 28  GLU A CD  1 
ATOM   138  O OE1 . GLU A 1 28  ? -6.664  16.994  8.796   1.00 15.17 ? 28  GLU A OE1 1 
ATOM   139  O OE2 . GLU A 1 28  ? -5.501  18.526  7.706   1.00 15.79 ? 28  GLU A OE2 1 
ATOM   140  N N   . TRP A 1 29  ? -6.216  13.939  4.689   1.00 10.45 ? 29  TRP A N   1 
ATOM   141  C CA  . TRP A 1 29  ? -5.003  13.533  3.960   1.00 10.12 ? 29  TRP A CA  1 
ATOM   142  C C   . TRP A 1 29  ? -5.233  13.408  2.455   1.00 9.72  ? 29  TRP A C   1 
ATOM   143  O O   . TRP A 1 29  ? -4.410  13.843  1.668   1.00 10.16 ? 29  TRP A O   1 
ATOM   144  C CB  . TRP A 1 29  ? -4.465  12.195  4.482   1.00 9.55  ? 29  TRP A CB  1 
ATOM   145  C CG  . TRP A 1 29  ? -4.003  12.215  5.895   1.00 10.20 ? 29  TRP A CG  1 
ATOM   146  C CD1 . TRP A 1 29  ? -3.826  13.316  6.698   1.00 9.24  ? 29  TRP A CD1 1 
ATOM   147  C CD2 . TRP A 1 29  ? -3.630  11.076  6.688   1.00 9.34  ? 29  TRP A CD2 1 
ATOM   148  N NE1 . TRP A 1 29  ? -3.376  12.926  7.939   1.00 8.90  ? 29  TRP A NE1 1 
ATOM   149  C CE2 . TRP A 1 29  ? -3.243  11.562  7.960   1.00 8.29  ? 29  TRP A CE2 1 
ATOM   150  C CE3 . TRP A 1 29  ? -3.579  9.695   6.446   1.00 7.95  ? 29  TRP A CE3 1 
ATOM   151  C CZ2 . TRP A 1 29  ? -2.797  10.717  8.982   1.00 8.43  ? 29  TRP A CZ2 1 
ATOM   152  C CZ3 . TRP A 1 29  ? -3.151  8.855   7.469   1.00 8.29  ? 29  TRP A CZ3 1 
ATOM   153  C CH2 . TRP A 1 29  ? -2.756  9.374   8.720   1.00 7.89  ? 29  TRP A CH2 1 
ATOM   154  N N   . LEU A 1 30  ? -6.357  12.812  2.059   1.00 9.84  ? 30  LEU A N   1 
ATOM   155  C CA  . LEU A 1 30  ? -6.615  12.546  0.637   1.00 9.32  ? 30  LEU A CA  1 
ATOM   156  C C   . LEU A 1 30  ? -6.953  13.783  -0.168  1.00 9.86  ? 30  LEU A C   1 
ATOM   157  O O   . LEU A 1 30  ? -7.166  13.703  -1.382  1.00 9.69  ? 30  LEU A O   1 
ATOM   158  C CB  . LEU A 1 30  ? -7.697  11.488  0.470   1.00 9.38  ? 30  LEU A CB  1 
ATOM   159  C CG  . LEU A 1 30  ? -7.377  10.078  0.962   1.00 8.05  ? 30  LEU A CG  1 
ATOM   160  C CD1 . LEU A 1 30  ? -8.613  9.217   0.884   1.00 5.54  ? 30  LEU A CD1 1 
ATOM   161  C CD2 . LEU A 1 30  ? -6.204  9.466   0.179   1.00 7.34  ? 30  LEU A CD2 1 
ATOM   162  N N   . ASN A 1 31  ? -6.989  14.933  0.512   1.00 10.31 ? 31  ASN A N   1 
ATOM   163  C CA  . ASN A 1 31  ? -7.197  16.202  -0.156  1.00 10.40 ? 31  ASN A CA  1 
ATOM   164  C C   . ASN A 1 31  ? -5.958  17.098  -0.113  1.00 10.61 ? 31  ASN A C   1 
ATOM   165  O O   . ASN A 1 31  ? -5.989  18.222  -0.626  1.00 10.80 ? 31  ASN A O   1 
ATOM   166  C CB  . ASN A 1 31  ? -8.438  16.909  0.398   1.00 10.64 ? 31  ASN A CB  1 
ATOM   167  C CG  . ASN A 1 31  ? -9.727  16.261  -0.059  1.00 11.51 ? 31  ASN A CG  1 
ATOM   168  O OD1 . ASN A 1 31  ? -10.304 15.402  0.634   1.00 12.09 ? 31  ASN A OD1 1 
ATOM   169  N ND2 . ASN A 1 31  ? -10.189 16.662  -1.231  1.00 11.34 ? 31  ASN A ND2 1 
ATOM   170  N N   . ARG A 1 32  ? -4.869  16.590  0.465   1.00 10.38 ? 32  ARG A N   1 
ATOM   171  C CA  . ARG A 1 32  ? -3.575  17.273  0.419   1.00 10.48 ? 32  ARG A CA  1 
ATOM   172  C C   . ARG A 1 32  ? -2.921  17.073  -0.958  1.00 11.01 ? 32  ARG A C   1 
ATOM   173  O O   . ARG A 1 32  ? -2.944  15.974  -1.521  1.00 11.10 ? 32  ARG A O   1 
ATOM   174  C CB  . ARG A 1 32  ? -2.683  16.793  1.556   1.00 10.04 ? 32  ARG A CB  1 
ATOM   175  C CG  . ARG A 1 32  ? -3.231  17.194  2.922   1.00 9.63  ? 32  ARG A CG  1 
ATOM   176  C CD  . ARG A 1 32  ? -2.354  16.714  4.065   1.00 11.08 ? 32  ARG A CD  1 
ATOM   177  N NE  . ARG A 1 32  ? -2.896  17.194  5.334   1.00 12.71 ? 32  ARG A NE  1 
ATOM   178  C CZ  . ARG A 1 32  ? -2.437  16.868  6.538   1.00 13.27 ? 32  ARG A CZ  1 
ATOM   179  N NH1 . ARG A 1 32  ? -1.415  16.030  6.684   1.00 12.98 ? 32  ARG A NH1 1 
ATOM   180  N NH2 . ARG A 1 32  ? -3.021  17.374  7.606   1.00 14.05 ? 32  ARG A NH2 1 
ATOM   181  N N   . SER A 1 33  ? -2.357  18.129  -1.518  1.00 11.68 ? 33  SER A N   1 
ATOM   182  C CA  . SER A 1 33  ? -2.045  18.092  -2.950  1.00 12.91 ? 33  SER A CA  1 
ATOM   183  C C   . SER A 1 33  ? -0.880  17.176  -3.323  1.00 12.60 ? 33  SER A C   1 
ATOM   184  O O   . SER A 1 33  ? -0.808  16.725  -4.453  1.00 12.93 ? 33  SER A O   1 
ATOM   185  C CB  . SER A 1 33  ? -1.860  19.502  -3.528  1.00 13.11 ? 33  SER A CB  1 
ATOM   186  O OG  . SER A 1 33  ? -0.701  20.077  -3.002  1.00 15.03 ? 33  SER A OG  1 
ATOM   187  N N   . HIS A 1 34  ? 0.009   16.891  -2.375  1.00 12.84 ? 34  HIS A N   1 
ATOM   188  C CA  . HIS A 1 34  ? 1.097   15.934  -2.604  1.00 12.55 ? 34  HIS A CA  1 
ATOM   189  C C   . HIS A 1 34  ? 0.560   14.497  -2.726  1.00 12.81 ? 34  HIS A C   1 
ATOM   190  O O   . HIS A 1 34  ? 1.178   13.638  -3.373  1.00 13.20 ? 34  HIS A O   1 
ATOM   191  C CB  . HIS A 1 34  ? 2.208   16.072  -1.538  1.00 12.15 ? 34  HIS A CB  1 
ATOM   192  C CG  . HIS A 1 34  ? 1.834   15.562  -0.176  1.00 11.70 ? 34  HIS A CG  1 
ATOM   193  N ND1 . HIS A 1 34  ? 2.228   14.322  0.291   1.00 11.34 ? 34  HIS A ND1 1 
ATOM   194  C CD2 . HIS A 1 34  ? 1.123   16.130  0.826   1.00 9.99  ? 34  HIS A CD2 1 
ATOM   195  C CE1 . HIS A 1 34  ? 1.768   14.145  1.516   1.00 8.57  ? 34  HIS A CE1 1 
ATOM   196  N NE2 . HIS A 1 34  ? 1.086   15.223  1.860   1.00 9.82  ? 34  HIS A NE2 1 
ATOM   197  N N   . ILE A 1 35  ? -0.609  14.262  -2.133  1.00 12.92 ? 35  ILE A N   1 
ATOM   198  C CA  . ILE A 1 35  ? -1.288  12.965  -2.175  1.00 12.86 ? 35  ILE A CA  1 
ATOM   199  C C   . ILE A 1 35  ? -2.201  12.846  -3.399  1.00 13.14 ? 35  ILE A C   1 
ATOM   200  O O   . ILE A 1 35  ? -2.116  11.880  -4.147  1.00 13.41 ? 35  ILE A O   1 
ATOM   201  C CB  . ILE A 1 35  ? -2.049  12.683  -0.829  1.00 12.89 ? 35  ILE A CB  1 
ATOM   202  C CG1 . ILE A 1 35  ? -1.025  12.410  0.274   1.00 12.58 ? 35  ILE A CG1 1 
ATOM   203  C CG2 . ILE A 1 35  ? -3.045  11.500  -0.959  1.00 11.53 ? 35  ILE A CG2 1 
ATOM   204  C CD1 . ILE A 1 35  ? -1.574  12.486  1.673   1.00 14.32 ? 35  ILE A CD1 1 
ATOM   205  N N   . VAL A 1 36  ? -3.053  13.846  -3.597  1.00 13.76 ? 36  VAL A N   1 
ATOM   206  C CA  . VAL A 1 36  ? -3.917  13.964  -4.774  1.00 14.11 ? 36  VAL A CA  1 
ATOM   207  C C   . VAL A 1 36  ? -3.159  13.705  -6.096  1.00 15.15 ? 36  VAL A C   1 
ATOM   208  O O   . VAL A 1 36  ? -3.698  13.064  -7.008  1.00 15.78 ? 36  VAL A O   1 
ATOM   209  C CB  . VAL A 1 36  ? -4.592  15.377  -4.835  1.00 13.92 ? 36  VAL A CB  1 
ATOM   210  C CG1 . VAL A 1 36  ? -5.339  15.591  -6.163  1.00 13.49 ? 36  VAL A CG1 1 
ATOM   211  C CG2 . VAL A 1 36  ? -5.493  15.614  -3.635  1.00 12.37 ? 36  VAL A CG2 1 
ATOM   212  N N   . GLU A 1 37  ? -1.925  14.191  -6.213  1.00 15.38 ? 37  GLU A N   1 
ATOM   213  C CA  . GLU A 1 37  ? -1.221  14.017  -7.471  1.00 16.54 ? 37  GLU A CA  1 
ATOM   214  C C   . GLU A 1 37  ? -0.910  12.550  -7.828  1.00 16.13 ? 37  GLU A C   1 
ATOM   215  O O   . GLU A 1 37  ? -0.914  12.191  -9.009  1.00 16.09 ? 37  GLU A O   1 
ATOM   216  C CB  . GLU A 1 37  ? -0.003  14.944  -7.597  1.00 16.84 ? 37  GLU A CB  1 
ATOM   217  C CG  . GLU A 1 37  ? 1.228   14.528  -6.890  1.00 20.20 ? 37  GLU A CG  1 
ATOM   218  C CD  . GLU A 1 37  ? 2.441   15.309  -7.363  1.00 24.54 ? 37  GLU A CD  1 
ATOM   219  O OE1 . GLU A 1 37  ? 2.649   15.400  -8.592  1.00 25.73 ? 37  GLU A OE1 1 
ATOM   220  O OE2 . GLU A 1 37  ? 3.188   15.830  -6.506  1.00 26.06 ? 37  GLU A OE2 1 
ATOM   221  N N   . TRP A 1 38  ? -0.701  11.707  -6.815  1.00 15.58 ? 38  TRP A N   1 
ATOM   222  C CA  . TRP A 1 38  ? -0.432  10.284  -7.044  1.00 15.23 ? 38  TRP A CA  1 
ATOM   223  C C   . TRP A 1 38  ? -1.554  9.304   -6.672  1.00 15.66 ? 38  TRP A C   1 
ATOM   224  O O   . TRP A 1 38  ? -1.549  8.173   -7.125  1.00 15.65 ? 38  TRP A O   1 
ATOM   225  C CB  . TRP A 1 38  ? 0.859   9.879   -6.328  1.00 14.76 ? 38  TRP A CB  1 
ATOM   226  C CG  . TRP A 1 38  ? 2.029   10.696  -6.762  1.00 13.67 ? 38  TRP A CG  1 
ATOM   227  C CD1 . TRP A 1 38  ? 2.718   11.601  -6.010  1.00 13.24 ? 38  TRP A CD1 1 
ATOM   228  C CD2 . TRP A 1 38  ? 2.639   10.697  -8.060  1.00 12.49 ? 38  TRP A CD2 1 
ATOM   229  N NE1 . TRP A 1 38  ? 3.725   12.168  -6.759  1.00 13.27 ? 38  TRP A NE1 1 
ATOM   230  C CE2 . TRP A 1 38  ? 3.699   11.629  -8.021  1.00 12.36 ? 38  TRP A CE2 1 
ATOM   231  C CE3 . TRP A 1 38  ? 2.394   9.999   -9.251  1.00 12.86 ? 38  TRP A CE3 1 
ATOM   232  C CZ2 . TRP A 1 38  ? 4.517   11.878  -9.127  1.00 11.79 ? 38  TRP A CZ2 1 
ATOM   233  C CZ3 . TRP A 1 38  ? 3.199   10.258  -10.353 1.00 12.99 ? 38  TRP A CZ3 1 
ATOM   234  C CH2 . TRP A 1 38  ? 4.253   11.187  -10.277 1.00 12.47 ? 38  TRP A CH2 1 
ATOM   235  N N   . TRP A 1 39  ? -2.511  9.723   -5.849  1.00 16.33 ? 39  TRP A N   1 
ATOM   236  C CA  . TRP A 1 39  ? -3.482  8.771   -5.315  1.00 16.71 ? 39  TRP A CA  1 
ATOM   237  C C   . TRP A 1 39  ? -4.767  8.686   -6.164  1.00 17.36 ? 39  TRP A C   1 
ATOM   238  O O   . TRP A 1 39  ? -5.725  9.437   -5.977  1.00 17.83 ? 39  TRP A O   1 
ATOM   239  C CB  . TRP A 1 39  ? -3.771  9.038   -3.829  1.00 15.96 ? 39  TRP A CB  1 
ATOM   240  C CG  . TRP A 1 39  ? -4.335  7.835   -3.109  1.00 16.05 ? 39  TRP A CG  1 
ATOM   241  C CD1 . TRP A 1 39  ? -5.661  7.521   -2.947  1.00 15.94 ? 39  TRP A CD1 1 
ATOM   242  C CD2 . TRP A 1 39  ? -3.596  6.773   -2.476  1.00 16.01 ? 39  TRP A CD2 1 
ATOM   243  N NE1 . TRP A 1 39  ? -5.791  6.347   -2.243  1.00 16.30 ? 39  TRP A NE1 1 
ATOM   244  C CE2 . TRP A 1 39  ? -4.544  5.865   -1.944  1.00 15.93 ? 39  TRP A CE2 1 
ATOM   245  C CE3 . TRP A 1 39  ? -2.229  6.509   -2.293  1.00 15.58 ? 39  TRP A CE3 1 
ATOM   246  C CZ2 . TRP A 1 39  ? -4.168  4.709   -1.239  1.00 15.86 ? 39  TRP A CZ2 1 
ATOM   247  C CZ3 . TRP A 1 39  ? -1.856  5.356   -1.600  1.00 15.26 ? 39  TRP A CZ3 1 
ATOM   248  C CH2 . TRP A 1 39  ? -2.825  4.473   -1.083  1.00 15.54 ? 39  TRP A CH2 1 
ATOM   249  N N   . ALA A 1 44  ? -10.853 10.659  -6.060  1.00 25.04 ? 44  ALA A N   1 
ATOM   250  C CA  . ALA A 1 44  ? -9.897  11.483  -6.781  1.00 25.53 ? 44  ALA A CA  1 
ATOM   251  C C   . ALA A 1 44  ? -9.551  12.716  -5.940  1.00 25.40 ? 44  ALA A C   1 
ATOM   252  O O   . ALA A 1 44  ? -8.390  12.890  -5.546  1.00 26.38 ? 44  ALA A O   1 
ATOM   253  C CB  . ALA A 1 44  ? -10.435 11.868  -8.165  1.00 26.16 ? 44  ALA A CB  1 
ATOM   254  N N   . ARG A 1 45  ? -10.537 13.570  -5.679  1.00 24.14 ? 45  ARG A N   1 
ATOM   255  C CA  . ARG A 1 45  ? -10.491 14.465  -4.514  1.00 23.37 ? 45  ARG A CA  1 
ATOM   256  C C   . ARG A 1 45  ? -11.753 14.095  -3.758  1.00 22.11 ? 45  ARG A C   1 
ATOM   257  O O   . ARG A 1 45  ? -12.814 14.651  -4.026  1.00 23.27 ? 45  ARG A O   1 
ATOM   258  C CB  . ARG A 1 45  ? -10.529 15.953  -4.907  1.00 23.54 ? 45  ARG A CB  1 
ATOM   259  C CG  . ARG A 1 45  ? -9.163  16.553  -5.213  1.00 24.78 ? 45  ARG A CG  1 
ATOM   260  C CD  . ARG A 1 45  ? -9.205  18.075  -5.410  1.00 24.42 ? 45  ARG A CD  1 
ATOM   261  N NE  . ARG A 1 45  ? -7.872  18.662  -5.238  1.00 25.95 ? 45  ARG A NE  1 
ATOM   262  C CZ  . ARG A 1 45  ? -7.301  18.900  -4.054  1.00 26.32 ? 45  ARG A CZ  1 
ATOM   263  N NH1 . ARG A 1 45  ? -7.937  18.595  -2.922  1.00 24.98 ? 45  ARG A NH1 1 
ATOM   264  N NH2 . ARG A 1 45  ? -6.084  19.431  -3.992  1.00 26.63 ? 45  ARG A NH2 1 
ATOM   265  N N   . PRO A 1 46  ? -11.665 13.126  -2.836  1.00 20.13 ? 46  PRO A N   1 
ATOM   266  C CA  . PRO A 1 46  ? -12.917 12.604  -2.320  1.00 18.25 ? 46  PRO A CA  1 
ATOM   267  C C   . PRO A 1 46  ? -13.580 13.553  -1.318  1.00 16.74 ? 46  PRO A C   1 
ATOM   268  O O   . PRO A 1 46  ? -12.892 14.217  -0.547  1.00 16.69 ? 46  PRO A O   1 
ATOM   269  C CB  . PRO A 1 46  ? -12.485 11.307  -1.637  1.00 17.96 ? 46  PRO A CB  1 
ATOM   270  C CG  . PRO A 1 46  ? -11.083 11.561  -1.212  1.00 18.67 ? 46  PRO A CG  1 
ATOM   271  C CD  . PRO A 1 46  ? -10.488 12.484  -2.218  1.00 19.76 ? 46  PRO A CD  1 
ATOM   272  N N   . THR A 1 47  ? -14.905 13.608  -1.336  1.00 15.09 ? 47  THR A N   1 
ATOM   273  C CA  . THR A 1 47  ? -15.666 14.276  -0.266  1.00 13.46 ? 47  THR A CA  1 
ATOM   274  C C   . THR A 1 47  ? -15.607 13.401  0.987   1.00 13.15 ? 47  THR A C   1 
ATOM   275  O O   . THR A 1 47  ? -15.236 12.224  0.906   1.00 13.20 ? 47  THR A O   1 
ATOM   276  C CB  . THR A 1 47  ? -17.141 14.495  -0.669  1.00 13.00 ? 47  THR A CB  1 
ATOM   277  O OG1 . THR A 1 47  ? -17.745 13.227  -0.943  1.00 11.61 ? 47  THR A OG1 1 
ATOM   278  C CG2 . THR A 1 47  ? -17.239 15.384  -1.912  1.00 11.47 ? 47  THR A CG2 1 
ATOM   279  N N   . LEU A 1 48  ? -15.960 13.960  2.141   1.00 12.25 ? 48  LEU A N   1 
ATOM   280  C CA  . LEU A 1 48  ? -16.033 13.160  3.364   1.00 11.66 ? 48  LEU A CA  1 
ATOM   281  C C   . LEU A 1 48  ? -16.873 11.889  3.170   1.00 11.69 ? 48  LEU A C   1 
ATOM   282  O O   . LEU A 1 48  ? -16.446 10.797  3.556   1.00 12.00 ? 48  LEU A O   1 
ATOM   283  C CB  . LEU A 1 48  ? -16.538 13.981  4.562   1.00 11.26 ? 48  LEU A CB  1 
ATOM   284  C CG  . LEU A 1 48  ? -16.606 13.184  5.871   1.00 11.39 ? 48  LEU A CG  1 
ATOM   285  C CD1 . LEU A 1 48  ? -15.220 12.585  6.235   1.00 9.14  ? 48  LEU A CD1 1 
ATOM   286  C CD2 . LEU A 1 48  ? -17.191 14.003  7.031   1.00 10.53 ? 48  LEU A CD2 1 
ATOM   287  N N   . ALA A 1 49  ? -18.050 12.030  2.570   1.00 11.31 ? 49  ALA A N   1 
ATOM   288  C CA  . ALA A 1 49  ? -18.926 10.881  2.302   1.00 11.32 ? 49  ALA A CA  1 
ATOM   289  C C   . ALA A 1 49  ? -18.307 9.850   1.353   1.00 10.89 ? 49  ALA A C   1 
ATOM   290  O O   . ALA A 1 49  ? -18.485 8.657   1.565   1.00 11.25 ? 49  ALA A O   1 
ATOM   291  C CB  . ALA A 1 49  ? -20.302 11.336  1.796   1.00 10.75 ? 49  ALA A CB  1 
ATOM   292  N N   . ASP A 1 50  ? -17.577 10.303  0.331   1.00 11.21 ? 50  ASP A N   1 
ATOM   293  C CA  . ASP A 1 50  ? -16.803 9.410   -0.563  1.00 11.22 ? 50  ASP A CA  1 
ATOM   294  C C   . ASP A 1 50  ? -15.908 8.507   0.261   1.00 11.41 ? 50  ASP A C   1 
ATOM   295  O O   . ASP A 1 50  ? -15.959 7.279   0.126   1.00 11.99 ? 50  ASP A O   1 
ATOM   296  C CB  . ASP A 1 50  ? -15.906 10.204  -1.524  1.00 11.44 ? 50  ASP A CB  1 
ATOM   297  C CG  . ASP A 1 50  ? -16.670 10.829  -2.685  1.00 11.79 ? 50  ASP A CG  1 
ATOM   298  O OD1 . ASP A 1 50  ? -17.757 10.321  -3.029  1.00 11.01 ? 50  ASP A OD1 1 
ATOM   299  O OD2 . ASP A 1 50  ? -16.164 11.817  -3.266  1.00 10.71 ? 50  ASP A OD2 1 
ATOM   300  N N   . VAL A 1 51  ? -15.113 9.136   1.133   1.00 11.14 ? 51  VAL A N   1 
ATOM   301  C CA  . VAL A 1 51  ? -14.175 8.454   2.032   1.00 11.07 ? 51  VAL A CA  1 
ATOM   302  C C   . VAL A 1 51  ? -14.867 7.484   2.999   1.00 11.56 ? 51  VAL A C   1 
ATOM   303  O O   . VAL A 1 51  ? -14.371 6.384   3.217   1.00 11.90 ? 51  VAL A O   1 
ATOM   304  C CB  . VAL A 1 51  ? -13.267 9.485   2.794   1.00 10.98 ? 51  VAL A CB  1 
ATOM   305  C CG1 . VAL A 1 51  ? -12.363 8.805   3.812   1.00 9.57  ? 51  VAL A CG1 1 
ATOM   306  C CG2 . VAL A 1 51  ? -12.429 10.266  1.812   1.00 10.19 ? 51  VAL A CG2 1 
ATOM   307  N N   . GLN A 1 52  ? -16.012 7.881   3.558   1.00 11.98 ? 52  GLN A N   1 
ATOM   308  C CA  . GLN A 1 52  ? -16.756 7.039   4.505   1.00 12.36 ? 52  GLN A CA  1 
ATOM   309  C C   . GLN A 1 52  ? -17.359 5.812   3.818   1.00 13.42 ? 52  GLN A C   1 
ATOM   310  O O   . GLN A 1 52  ? -17.413 4.730   4.394   1.00 14.03 ? 52  GLN A O   1 
ATOM   311  C CB  . GLN A 1 52  ? -17.850 7.847   5.225   1.00 11.71 ? 52  GLN A CB  1 
ATOM   312  C CG  . GLN A 1 52  ? -17.307 8.907   6.201   1.00 11.48 ? 52  GLN A CG  1 
ATOM   313  C CD  . GLN A 1 52  ? -18.381 9.847   6.766   1.00 11.58 ? 52  GLN A CD  1 
ATOM   314  O OE1 . GLN A 1 52  ? -19.344 10.200  6.083   1.00 10.69 ? 52  GLN A OE1 1 
ATOM   315  N NE2 . GLN A 1 52  ? -18.199 10.273  8.021   1.00 11.68 ? 52  GLN A NE2 1 
ATOM   316  N N   . GLU A 1 53  ? -17.832 5.994   2.595   1.00 14.25 ? 53  GLU A N   1 
ATOM   317  C CA  . GLU A 1 53  ? -18.413 4.915   1.824   1.00 15.59 ? 53  GLU A CA  1 
ATOM   318  C C   . GLU A 1 53  ? -17.341 3.957   1.271   1.00 15.19 ? 53  GLU A C   1 
ATOM   319  O O   . GLU A 1 53  ? -17.538 2.748   1.286   1.00 15.92 ? 53  GLU A O   1 
ATOM   320  C CB  . GLU A 1 53  ? -19.299 5.483   0.699   1.00 15.71 ? 53  GLU A CB  1 
ATOM   321  C CG  . GLU A 1 53  ? -20.600 6.161   1.224   1.00 18.14 ? 53  GLU A CG  1 
ATOM   322  C CD  . GLU A 1 53  ? -21.260 7.138   0.227   1.00 19.59 ? 53  GLU A CD  1 
ATOM   323  O OE1 . GLU A 1 53  ? -20.939 7.113   -0.993  1.00 21.72 ? 53  GLU A OE1 1 
ATOM   324  O OE2 . GLU A 1 53  ? -22.108 7.950   0.681   1.00 23.14 ? 53  GLU A OE2 1 
ATOM   325  N N   . GLN A 1 54  ? -16.209 4.497   0.818   1.00 14.58 ? 54  GLN A N   1 
ATOM   326  C CA  . GLN A 1 54  ? -15.177 3.709   0.151   1.00 14.20 ? 54  GLN A CA  1 
ATOM   327  C C   . GLN A 1 54  ? -14.114 3.101   1.072   1.00 13.69 ? 54  GLN A C   1 
ATOM   328  O O   . GLN A 1 54  ? -13.602 2.018   0.790   1.00 14.03 ? 54  GLN A O   1 
ATOM   329  C CB  . GLN A 1 54  ? -14.486 4.553   -0.923  1.00 14.61 ? 54  GLN A CB  1 
ATOM   330  C CG  . GLN A 1 54  ? -15.354 4.823   -2.147  1.00 15.98 ? 54  GLN A CG  1 
ATOM   331  C CD  . GLN A 1 54  ? -14.846 5.969   -2.983  1.00 16.65 ? 54  GLN A CD  1 
ATOM   332  O OE1 . GLN A 1 54  ? -13.631 6.189   -3.100  1.00 18.00 ? 54  GLN A OE1 1 
ATOM   333  N NE2 . GLN A 1 54  ? -15.772 6.717   -3.569  1.00 15.40 ? 54  GLN A NE2 1 
ATOM   334  N N   . TYR A 1 55  ? -13.765 3.792   2.152   1.00 12.43 ? 55  TYR A N   1 
ATOM   335  C CA  . TYR A 1 55  ? -12.663 3.341   2.999   1.00 11.63 ? 55  TYR A CA  1 
ATOM   336  C C   . TYR A 1 55  ? -13.060 2.752   4.363   1.00 11.97 ? 55  TYR A C   1 
ATOM   337  O O   . TYR A 1 55  ? -12.183 2.454   5.181   1.00 11.75 ? 55  TYR A O   1 
ATOM   338  C CB  . TYR A 1 55  ? -11.663 4.460   3.205   1.00 11.23 ? 55  TYR A CB  1 
ATOM   339  C CG  . TYR A 1 55  ? -10.872 4.816   1.976   1.00 9.83  ? 55  TYR A CG  1 
ATOM   340  C CD1 . TYR A 1 55  ? -9.639  4.211   1.728   1.00 8.24  ? 55  TYR A CD1 1 
ATOM   341  C CD2 . TYR A 1 55  ? -11.356 5.755   1.058   1.00 8.67  ? 55  TYR A CD2 1 
ATOM   342  C CE1 . TYR A 1 55  ? -8.898  4.533   0.592   1.00 9.66  ? 55  TYR A CE1 1 
ATOM   343  C CE2 . TYR A 1 55  ? -10.627 6.089   -0.088  1.00 9.75  ? 55  TYR A CE2 1 
ATOM   344  C CZ  . TYR A 1 55  ? -9.396  5.474   -0.304  1.00 10.04 ? 55  TYR A CZ  1 
ATOM   345  O OH  . TYR A 1 55  ? -8.659  5.794   -1.405  1.00 11.17 ? 55  TYR A OH  1 
ATOM   346  N N   . LEU A 1 56  ? -14.359 2.586   4.609   1.00 11.25 ? 56  LEU A N   1 
ATOM   347  C CA  . LEU A 1 56  ? -14.802 1.931   5.825   1.00 11.64 ? 56  LEU A CA  1 
ATOM   348  C C   . LEU A 1 56  ? -14.235 0.499   5.818   1.00 11.63 ? 56  LEU A C   1 
ATOM   349  O O   . LEU A 1 56  ? -14.406 -0.232  4.824   1.00 11.56 ? 56  LEU A O   1 
ATOM   350  C CB  . LEU A 1 56  ? -16.339 1.960   5.931   1.00 11.57 ? 56  LEU A CB  1 
ATOM   351  C CG  . LEU A 1 56  ? -17.029 1.344   7.149   1.00 11.67 ? 56  LEU A CG  1 
ATOM   352  C CD1 . LEU A 1 56  ? -16.902 2.237   8.389   1.00 11.23 ? 56  LEU A CD1 1 
ATOM   353  C CD2 . LEU A 1 56  ? -18.486 1.093   6.817   1.00 11.43 ? 56  LEU A CD2 1 
ATOM   354  N N   . PRO A 1 57  ? -13.510 0.115   6.895   1.00 11.58 ? 57  PRO A N   1 
ATOM   355  C CA  . PRO A 1 57  ? -12.829 -1.188  6.880   1.00 11.56 ? 57  PRO A CA  1 
ATOM   356  C C   . PRO A 1 57  ? -13.713 -2.355  6.428   1.00 11.43 ? 57  PRO A C   1 
ATOM   357  O O   . PRO A 1 57  ? -13.240 -3.198  5.648   1.00 11.14 ? 57  PRO A O   1 
ATOM   358  C CB  . PRO A 1 57  ? -12.327 -1.353  8.334   1.00 11.64 ? 57  PRO A CB  1 
ATOM   359  C CG  . PRO A 1 57  ? -12.133 0.033   8.820   1.00 11.18 ? 57  PRO A CG  1 
ATOM   360  C CD  . PRO A 1 57  ? -13.235 0.862   8.146   1.00 11.62 ? 57  PRO A CD  1 
ATOM   361  N N   . SER A 1 58  ? -14.976 -2.392  6.880   1.00 11.42 ? 58  SER A N   1 
ATOM   362  C CA  . SER A 1 58  ? -15.926 -3.447  6.452   1.00 11.58 ? 58  SER A CA  1 
ATOM   363  C C   . SER A 1 58  ? -16.313 -3.395  4.972   1.00 10.74 ? 58  SER A C   1 
ATOM   364  O O   . SER A 1 58  ? -16.592 -4.440  4.376   1.00 10.91 ? 58  SER A O   1 
ATOM   365  C CB  . SER A 1 58  ? -17.180 -3.532  7.357   1.00 11.67 ? 58  SER A CB  1 
ATOM   366  O OG  . SER A 1 58  ? -18.016 -2.397  7.223   1.00 14.89 ? 58  SER A OG  1 
ATOM   367  N N   . VAL A 1 59  ? -16.320 -2.198  4.383   1.00 10.14 ? 59  VAL A N   1 
ATOM   368  C CA  . VAL A 1 59  ? -16.484 -2.052  2.922   1.00 9.59  ? 59  VAL A CA  1 
ATOM   369  C C   . VAL A 1 59  ? -15.244 -2.493  2.145   1.00 9.41  ? 59  VAL A C   1 
ATOM   370  O O   . VAL A 1 59  ? -15.350 -3.218  1.148   1.00 8.83  ? 59  VAL A O   1 
ATOM   371  C CB  . VAL A 1 59  ? -16.885 -0.607  2.518   1.00 10.16 ? 59  VAL A CB  1 
ATOM   372  C CG1 . VAL A 1 59  ? -16.767 -0.400  0.988   1.00 8.77  ? 59  VAL A CG1 1 
ATOM   373  C CG2 . VAL A 1 59  ? -18.311 -0.291  3.028   1.00 9.69  ? 59  VAL A CG2 1 
ATOM   374  N N   . LEU A 1 60  ? -14.070 -2.041  2.597   1.00 9.70  ? 60  LEU A N   1 
ATOM   375  C CA  . LEU A 1 60  ? -12.792 -2.478  2.025   1.00 9.63  ? 60  LEU A CA  1 
ATOM   376  C C   . LEU A 1 60  ? -12.659 -3.993  2.095   1.00 10.23 ? 60  LEU A C   1 
ATOM   377  O O   . LEU A 1 60  ? -12.197 -4.618  1.149   1.00 10.37 ? 60  LEU A O   1 
ATOM   378  C CB  . LEU A 1 60  ? -11.608 -1.795  2.724   1.00 8.93  ? 60  LEU A CB  1 
ATOM   379  C CG  . LEU A 1 60  ? -11.363 -0.331  2.325   1.00 8.48  ? 60  LEU A CG  1 
ATOM   380  C CD1 . LEU A 1 60  ? -10.315 0.294   3.206   1.00 5.32  ? 60  LEU A CD1 1 
ATOM   381  C CD2 . LEU A 1 60  ? -11.005 -0.163  0.828   1.00 7.14  ? 60  LEU A CD2 1 
ATOM   382  N N   . ALA A 1 61  ? -13.089 -4.563  3.226   1.00 11.51 ? 61  ALA A N   1 
ATOM   383  C CA  . ALA A 1 61  ? -13.124 -6.006  3.469   1.00 11.86 ? 61  ALA A CA  1 
ATOM   384  C C   . ALA A 1 61  ? -13.758 -6.807  2.348   1.00 12.59 ? 61  ALA A C   1 
ATOM   385  O O   . ALA A 1 61  ? -13.347 -7.923  2.104   1.00 12.64 ? 61  ALA A O   1 
ATOM   386  C CB  . ALA A 1 61  ? -13.827 -6.304  4.808   1.00 11.72 ? 61  ALA A CB  1 
ATOM   387  N N   . GLN A 1 62  ? -14.761 -6.233  1.674   1.00 14.17 ? 62  GLN A N   1 
ATOM   388  C CA  . GLN A 1 62  ? -15.473 -6.890  0.569   1.00 15.40 ? 62  GLN A CA  1 
ATOM   389  C C   . GLN A 1 62  ? -14.628 -7.028  -0.692  1.00 15.19 ? 62  GLN A C   1 
ATOM   390  O O   . GLN A 1 62  ? -14.935 -7.855  -1.550  1.00 15.44 ? 62  GLN A O   1 
ATOM   391  C CB  . GLN A 1 62  ? -16.753 -6.123  0.203   1.00 16.36 ? 62  GLN A CB  1 
ATOM   392  C CG  . GLN A 1 62  ? -17.532 -5.543  1.384   1.00 20.50 ? 62  GLN A CG  1 
ATOM   393  C CD  . GLN A 1 62  ? -18.296 -6.602  2.148   1.00 25.19 ? 62  GLN A CD  1 
ATOM   394  O OE1 . GLN A 1 62  ? -18.824 -7.545  1.545   1.00 27.33 ? 62  GLN A OE1 1 
ATOM   395  N NE2 . GLN A 1 62  ? -18.355 -6.462  3.483   1.00 25.81 ? 62  GLN A NE2 1 
ATOM   396  N N   . GLU A 1 63  ? -13.606 -6.186  -0.834  1.00 15.33 ? 63  GLU A N   1 
ATOM   397  C CA  . GLU A 1 63  ? -12.640 -6.332  -1.933  1.00 15.53 ? 63  GLU A CA  1 
ATOM   398  C C   . GLU A 1 63  ? -11.319 -6.927  -1.472  1.00 13.83 ? 63  GLU A C   1 
ATOM   399  O O   . GLU A 1 63  ? -10.340 -6.857  -2.206  1.00 13.62 ? 63  GLU A O   1 
ATOM   400  C CB  . GLU A 1 63  ? -12.365 -5.009  -2.659  1.00 16.44 ? 63  GLU A CB  1 
ATOM   401  C CG  . GLU A 1 63  ? -13.469 -4.558  -3.611  1.00 21.20 ? 63  GLU A CG  1 
ATOM   402  C CD  . GLU A 1 63  ? -14.303 -3.456  -2.982  1.00 29.56 ? 63  GLU A CD  1 
ATOM   403  O OE1 . GLU A 1 63  ? -13.684 -2.504  -2.421  1.00 32.05 ? 63  GLU A OE1 1 
ATOM   404  O OE2 . GLU A 1 63  ? -15.562 -3.545  -3.027  1.00 32.03 ? 63  GLU A OE2 1 
ATOM   405  N N   . SER A 1 64  ? -11.308 -7.521  -0.274  1.00 12.19 ? 64  SER A N   1 
ATOM   406  C CA  . SER A 1 64  ? -10.113 -8.156  0.290   1.00 10.89 ? 64  SER A CA  1 
ATOM   407  C C   . SER A 1 64  ? -9.005  -7.123  0.544   1.00 10.16 ? 64  SER A C   1 
ATOM   408  O O   . SER A 1 64  ? -7.812  -7.416  0.382   1.00 9.21  ? 64  SER A O   1 
ATOM   409  C CB  . SER A 1 64  ? -9.601  -9.283  -0.608  1.00 10.55 ? 64  SER A CB  1 
ATOM   410  O OG  . SER A 1 64  ? -10.386 -10.450 -0.459  1.00 10.65 ? 64  SER A OG  1 
ATOM   411  N N   . VAL A 1 65  ? -9.424  -5.919  0.939   1.00 9.14  ? 65  VAL A N   1 
ATOM   412  C CA  . VAL A 1 65  ? -8.495  -4.860  1.278   1.00 8.36  ? 65  VAL A CA  1 
ATOM   413  C C   . VAL A 1 65  ? -8.473  -4.616  2.783   1.00 8.24  ? 65  VAL A C   1 
ATOM   414  O O   . VAL A 1 65  ? -9.519  -4.513  3.413   1.00 8.00  ? 65  VAL A O   1 
ATOM   415  C CB  . VAL A 1 65  ? -8.801  -3.541  0.545   1.00 8.16  ? 65  VAL A CB  1 
ATOM   416  C CG1 . VAL A 1 65  ? -7.779  -2.499  0.954   1.00 7.06  ? 65  VAL A CG1 1 
ATOM   417  C CG2 . VAL A 1 65  ? -8.768  -3.736  -0.975  1.00 6.80  ? 65  VAL A CG2 1 
ATOM   418  N N   . THR A 1 66  ? -7.263  -4.510  3.335   1.00 8.02  ? 66  THR A N   1 
ATOM   419  C CA  . THR A 1 66  ? -7.058  -4.165  4.736   1.00 7.25  ? 66  THR A CA  1 
ATOM   420  C C   . THR A 1 66  ? -6.332  -2.834  4.876   1.00 7.57  ? 66  THR A C   1 
ATOM   421  O O   . THR A 1 66  ? -5.182  -2.714  4.457   1.00 7.76  ? 66  THR A O   1 
ATOM   422  C CB  . THR A 1 66  ? -6.253  -5.263  5.462   1.00 7.06  ? 66  THR A CB  1 
ATOM   423  O OG1 . THR A 1 66  ? -6.836  -6.547  5.174   1.00 5.87  ? 66  THR A OG1 1 
ATOM   424  C CG2 . THR A 1 66  ? -6.203  -4.993  6.949   1.00 5.03  ? 66  THR A CG2 1 
ATOM   425  N N   . PRO A 1 67  ? -6.998  -1.826  5.472   1.00 8.34  ? 67  PRO A N   1 
ATOM   426  C CA  . PRO A 1 67  ? -6.372  -0.533  5.745   1.00 8.51  ? 67  PRO A CA  1 
ATOM   427  C C   . PRO A 1 67  ? -5.600  -0.469  7.068   1.00 8.94  ? 67  PRO A C   1 
ATOM   428  O O   . PRO A 1 67  ? -6.014  -1.042  8.073   1.00 9.22  ? 67  PRO A O   1 
ATOM   429  C CB  . PRO A 1 67  ? -7.573  0.413   5.778   1.00 8.71  ? 67  PRO A CB  1 
ATOM   430  C CG  . PRO A 1 67  ? -8.664  -0.413  6.372   1.00 7.83  ? 67  PRO A CG  1 
ATOM   431  C CD  . PRO A 1 67  ? -8.424  -1.832  5.873   1.00 8.43  ? 67  PRO A CD  1 
ATOM   432  N N   . TYR A 1 68  ? -4.480  0.241   7.054   1.00 9.27  ? 68  TYR A N   1 
ATOM   433  C CA  . TYR A 1 68  ? -3.688  0.456   8.242   1.00 9.86  ? 68  TYR A CA  1 
ATOM   434  C C   . TYR A 1 68  ? -3.314  1.923   8.375   1.00 10.18 ? 68  TYR A C   1 
ATOM   435  O O   . TYR A 1 68  ? -3.300  2.665   7.388   1.00 9.46  ? 68  TYR A O   1 
ATOM   436  C CB  . TYR A 1 68  ? -2.370  -0.325  8.197   1.00 10.31 ? 68  TYR A CB  1 
ATOM   437  C CG  . TYR A 1 68  ? -2.437  -1.756  7.758   1.00 10.26 ? 68  TYR A CG  1 
ATOM   438  C CD1 . TYR A 1 68  ? -2.545  -2.789  8.686   1.00 9.65  ? 68  TYR A CD1 1 
ATOM   439  C CD2 . TYR A 1 68  ? -2.331  -2.082  6.410   1.00 10.12 ? 68  TYR A CD2 1 
ATOM   440  C CE1 . TYR A 1 68  ? -2.577  -4.120  8.264   1.00 10.77 ? 68  TYR A CE1 1 
ATOM   441  C CE2 . TYR A 1 68  ? -2.374  -3.391  5.983   1.00 9.83  ? 68  TYR A CE2 1 
ATOM   442  C CZ  . TYR A 1 68  ? -2.490  -4.404  6.903   1.00 11.09 ? 68  TYR A CZ  1 
ATOM   443  O OH  . TYR A 1 68  ? -2.512  -5.705  6.436   1.00 13.54 ? 68  TYR A OH  1 
ATOM   444  N N   . ILE A 1 69  ? -2.974  2.311   9.605   1.00 10.96 ? 69  ILE A N   1 
ATOM   445  C CA  . ILE A 1 69  ? -2.398  3.622   9.886   1.00 11.31 ? 69  ILE A CA  1 
ATOM   446  C C   . ILE A 1 69  ? -0.953  3.445   10.352  1.00 12.57 ? 69  ILE A C   1 
ATOM   447  O O   . ILE A 1 69  ? -0.677  2.676   11.273  1.00 12.43 ? 69  ILE A O   1 
ATOM   448  C CB  . ILE A 1 69  ? -3.215  4.396   10.934  1.00 11.34 ? 69  ILE A CB  1 
ATOM   449  C CG1 . ILE A 1 69  ? -4.654  4.669   10.418  1.00 10.44 ? 69  ILE A CG1 1 
ATOM   450  C CG2 . ILE A 1 69  ? -2.459  5.694   11.377  1.00 9.90  ? 69  ILE A CG2 1 
ATOM   451  C CD1 . ILE A 1 69  ? -4.746  5.609   9.183   1.00 7.86  ? 69  ILE A CD1 1 
ATOM   452  N N   . ALA A 1 70  ? -0.040  4.140   9.680   1.00 13.72 ? 70  ALA A N   1 
ATOM   453  C CA  . ALA A 1 70  ? 1.365   4.168   10.060  1.00 14.79 ? 70  ALA A CA  1 
ATOM   454  C C   . ALA A 1 70  ? 1.591   5.152   11.211  1.00 15.99 ? 70  ALA A C   1 
ATOM   455  O O   . ALA A 1 70  ? 1.144   6.308   11.164  1.00 16.11 ? 70  ALA A O   1 
ATOM   456  C CB  . ALA A 1 70  ? 2.229   4.523   8.854   1.00 14.80 ? 70  ALA A CB  1 
ATOM   457  N N   . MET A 1 71  ? 2.272   4.665   12.245  1.00 17.42 ? 71  MET A N   1 
ATOM   458  C CA  . MET A 1 71  ? 2.498   5.397   13.489  1.00 18.80 ? 71  MET A CA  1 
ATOM   459  C C   . MET A 1 71  ? 3.977   5.713   13.671  1.00 19.61 ? 71  MET A C   1 
ATOM   460  O O   . MET A 1 71  ? 4.835   4.920   13.297  1.00 19.33 ? 71  MET A O   1 
ATOM   461  C CB  . MET A 1 71  ? 1.998   4.572   14.686  1.00 18.84 ? 71  MET A CB  1 
ATOM   462  C CG  . MET A 1 71  ? 0.512   4.225   14.635  1.00 19.13 ? 71  MET A CG  1 
ATOM   463  S SD  . MET A 1 71  ? -0.534  5.695   14.703  1.00 19.86 ? 71  MET A SD  1 
ATOM   464  C CE  . MET A 1 71  ? -0.368  6.134   16.445  1.00 19.49 ? 71  MET A CE  1 
ATOM   465  N N   . LEU A 1 72  ? 4.264   6.880   14.238  1.00 21.13 ? 72  LEU A N   1 
ATOM   466  C CA  . LEU A 1 72  ? 5.642   7.299   14.513  1.00 22.56 ? 72  LEU A CA  1 
ATOM   467  C C   . LEU A 1 72  ? 5.666   8.190   15.747  1.00 23.27 ? 72  LEU A C   1 
ATOM   468  O O   . LEU A 1 72  ? 5.148   9.318   15.715  1.00 23.25 ? 72  LEU A O   1 
ATOM   469  C CB  . LEU A 1 72  ? 6.261   8.049   13.320  1.00 22.51 ? 72  LEU A CB  1 
ATOM   470  C CG  . LEU A 1 72  ? 7.720   8.506   13.511  1.00 23.20 ? 72  LEU A CG  1 
ATOM   471  C CD1 . LEU A 1 72  ? 8.707   7.334   13.445  1.00 23.74 ? 72  LEU A CD1 1 
ATOM   472  C CD2 . LEU A 1 72  ? 8.103   9.579   12.515  1.00 23.59 ? 72  LEU A CD2 1 
ATOM   473  N N   . ASN A 1 73  ? 6.277   7.681   16.821  1.00 24.16 ? 73  ASN A N   1 
ATOM   474  C CA  . ASN A 1 73  ? 6.339   8.399   18.096  1.00 24.86 ? 73  ASN A CA  1 
ATOM   475  C C   . ASN A 1 73  ? 4.929   8.789   18.570  1.00 24.78 ? 73  ASN A C   1 
ATOM   476  O O   . ASN A 1 73  ? 4.698   9.908   19.023  1.00 24.82 ? 73  ASN A O   1 
ATOM   477  C CB  . ASN A 1 73  ? 7.278   9.616   17.994  1.00 25.18 ? 73  ASN A CB  1 
ATOM   478  C CG  . ASN A 1 73  ? 8.745   9.213   17.782  1.00 27.28 ? 73  ASN A CG  1 
ATOM   479  O OD1 . ASN A 1 73  ? 9.230   8.258   18.396  1.00 28.68 ? 73  ASN A OD1 1 
ATOM   480  N ND2 . ASN A 1 73  ? 9.450   9.938   16.912  1.00 27.18 ? 73  ASN A ND2 1 
ATOM   481  N N   . GLY A 1 74  ? 3.990   7.848   18.424  1.00 24.68 ? 74  GLY A N   1 
ATOM   482  C CA  . GLY A 1 74  ? 2.617   8.007   18.894  1.00 24.21 ? 74  GLY A CA  1 
ATOM   483  C C   . GLY A 1 74  ? 1.680   8.779   17.981  1.00 23.96 ? 74  GLY A C   1 
ATOM   484  O O   . GLY A 1 74  ? 0.484   8.879   18.268  1.00 24.61 ? 74  GLY A O   1 
ATOM   485  N N   . GLU A 1 75  ? 2.213   9.341   16.899  1.00 23.10 ? 75  GLU A N   1 
ATOM   486  C CA  . GLU A 1 75  ? 1.432   10.141  15.971  1.00 22.76 ? 75  GLU A CA  1 
ATOM   487  C C   . GLU A 1 75  ? 1.233   9.396   14.642  1.00 21.64 ? 75  GLU A C   1 
ATOM   488  O O   . GLU A 1 75  ? 2.173   8.758   14.140  1.00 21.07 ? 75  GLU A O   1 
ATOM   489  C CB  . GLU A 1 75  ? 2.092   11.509  15.728  1.00 23.38 ? 75  GLU A CB  1 
ATOM   490  C CG  . GLU A 1 75  ? 2.234   12.408  16.984  1.00 27.23 ? 75  GLU A CG  1 
ATOM   491  C CD  . GLU A 1 75  ? 0.911   13.050  17.417  1.00 31.49 ? 75  GLU A CD  1 
ATOM   492  O OE1 . GLU A 1 75  ? 0.571   14.148  16.916  1.00 31.99 ? 75  GLU A OE1 1 
ATOM   493  O OE2 . GLU A 1 75  ? 0.211   12.456  18.272  1.00 34.37 ? 75  GLU A OE2 1 
ATOM   494  N N   . PRO A 1 76  ? 0.001   9.468   14.080  1.00 20.57 ? 76  PRO A N   1 
ATOM   495  C CA  . PRO A 1 76  ? -0.296  8.925   12.747  1.00 19.24 ? 76  PRO A CA  1 
ATOM   496  C C   . PRO A 1 76  ? 0.398   9.742   11.678  1.00 18.17 ? 76  PRO A C   1 
ATOM   497  O O   . PRO A 1 76  ? 0.229   10.963  11.629  1.00 18.07 ? 76  PRO A O   1 
ATOM   498  C CB  . PRO A 1 76  ? -1.819  9.075   12.618  1.00 19.39 ? 76  PRO A CB  1 
ATOM   499  C CG  . PRO A 1 76  ? -2.206  10.148  13.607  1.00 20.16 ? 76  PRO A CG  1 
ATOM   500  C CD  . PRO A 1 76  ? -1.193  10.071  14.722  1.00 20.44 ? 76  PRO A CD  1 
ATOM   501  N N   . ILE A 1 77  ? 1.174   9.073   10.825  1.00 16.58 ? 77  ILE A N   1 
ATOM   502  C CA  . ILE A 1 77  ? 1.939   9.764   9.795   1.00 15.00 ? 77  ILE A CA  1 
ATOM   503  C C   . ILE A 1 77  ? 1.613   9.296   8.378   1.00 14.00 ? 77  ILE A C   1 
ATOM   504  O O   . ILE A 1 77  ? 2.152   9.836   7.405   1.00 13.38 ? 77  ILE A O   1 
ATOM   505  C CB  . ILE A 1 77  ? 3.471   9.671   10.041  1.00 15.20 ? 77  ILE A CB  1 
ATOM   506  C CG1 . ILE A 1 77  ? 3.908   8.212   10.177  1.00 14.89 ? 77  ILE A CG1 1 
ATOM   507  C CG2 . ILE A 1 77  ? 3.870   10.521  11.271  1.00 15.71 ? 77  ILE A CG2 1 
ATOM   508  C CD1 . ILE A 1 77  ? 5.302   7.937   9.685   1.00 15.65 ? 77  ILE A CD1 1 
ATOM   509  N N   . GLY A 1 78  ? 0.742   8.293   8.263   1.00 12.51 ? 78  GLY A N   1 
ATOM   510  C CA  . GLY A 1 78  ? 0.362   7.782   6.950   1.00 10.78 ? 78  GLY A CA  1 
ATOM   511  C C   . GLY A 1 78  ? -0.671  6.673   6.912   1.00 9.41  ? 78  GLY A C   1 
ATOM   512  O O   . GLY A 1 78  ? -1.147  6.203   7.939   1.00 8.98  ? 78  GLY A O   1 
ATOM   513  N N   . TYR A 1 79  ? -0.997  6.259   5.698   1.00 8.44  ? 79  TYR A N   1 
ATOM   514  C CA  . TYR A 1 79  ? -2.014  5.262   5.431   1.00 7.31  ? 79  TYR A CA  1 
ATOM   515  C C   . TYR A 1 79  ? -1.416  4.197   4.533   1.00 7.30  ? 79  TYR A C   1 
ATOM   516  O O   . TYR A 1 79  ? -0.587  4.501   3.667   1.00 8.04  ? 79  TYR A O   1 
ATOM   517  C CB  . TYR A 1 79  ? -3.217  5.915   4.740   1.00 6.60  ? 79  TYR A CB  1 
ATOM   518  C CG  . TYR A 1 79  ? -4.220  4.930   4.174   1.00 6.50  ? 79  TYR A CG  1 
ATOM   519  C CD1 . TYR A 1 79  ? -5.189  4.359   4.988   1.00 4.21  ? 79  TYR A CD1 1 
ATOM   520  C CD2 . TYR A 1 79  ? -4.173  4.541   2.822   1.00 6.31  ? 79  TYR A CD2 1 
ATOM   521  C CE1 . TYR A 1 79  ? -6.100  3.460   4.486   1.00 3.98  ? 79  TYR A CE1 1 
ATOM   522  C CE2 . TYR A 1 79  ? -5.076  3.641   2.315   1.00 4.62  ? 79  TYR A CE2 1 
ATOM   523  C CZ  . TYR A 1 79  ? -6.045  3.107   3.160   1.00 5.27  ? 79  TYR A CZ  1 
ATOM   524  O OH  . TYR A 1 79  ? -6.962  2.203   2.692   1.00 4.99  ? 79  TYR A OH  1 
ATOM   525  N N   . ALA A 1 80  ? -1.828  2.953   4.746   1.00 6.83  ? 80  ALA A N   1 
ATOM   526  C CA  . ALA A 1 80  ? -1.407  1.846   3.913   1.00 6.59  ? 80  ALA A CA  1 
ATOM   527  C C   . ALA A 1 80  ? -2.558  0.880   3.727   1.00 6.57  ? 80  ALA A C   1 
ATOM   528  O O   . ALA A 1 80  ? -3.530  0.913   4.477   1.00 6.15  ? 80  ALA A O   1 
ATOM   529  C CB  . ALA A 1 80  ? -0.169  1.128   4.512   1.00 6.71  ? 80  ALA A CB  1 
ATOM   530  N N   . GLN A 1 81  ? -2.421  0.029   2.715   1.00 6.73  ? 81  GLN A N   1 
ATOM   531  C CA  . GLN A 1 81  ? -3.409  -0.966  2.333   1.00 7.37  ? 81  GLN A CA  1 
ATOM   532  C C   . GLN A 1 81  ? -2.677  -2.241  1.952   1.00 7.33  ? 81  GLN A C   1 
ATOM   533  O O   . GLN A 1 81  ? -1.688  -2.183  1.217   1.00 7.37  ? 81  GLN A O   1 
ATOM   534  C CB  . GLN A 1 81  ? -4.126  -0.537  1.052   1.00 7.21  ? 81  GLN A CB  1 
ATOM   535  C CG  . GLN A 1 81  ? -5.295  0.316   1.228   1.00 8.40  ? 81  GLN A CG  1 
ATOM   536  C CD  . GLN A 1 81  ? -5.908  0.731   -0.089  1.00 9.62  ? 81  GLN A CD  1 
ATOM   537  O OE1 . GLN A 1 81  ? -5.448  0.333   -1.182  1.00 11.15 ? 81  GLN A OE1 1 
ATOM   538  N NE2 . GLN A 1 81  ? -6.963  1.525   -0.003  1.00 8.84  ? 81  GLN A NE2 1 
ATOM   539  N N   . SER A 1 82  ? -3.196  -3.385  2.385   1.00 6.69  ? 82  SER A N   1 
ATOM   540  C CA  . SER A 1 82  ? -2.817  -4.645  1.767   1.00 6.91  ? 82  SER A CA  1 
ATOM   541  C C   . SER A 1 82  ? -4.049  -5.266  1.100   1.00 6.40  ? 82  SER A C   1 
ATOM   542  O O   . SER A 1 82  ? -5.172  -4.982  1.493   1.00 7.29  ? 82  SER A O   1 
ATOM   543  C CB  . SER A 1 82  ? -2.157  -5.594  2.783   1.00 6.81  ? 82  SER A CB  1 
ATOM   544  O OG  . SER A 1 82  ? -3.063  -5.992  3.799   1.00 7.22  ? 82  SER A OG  1 
ATOM   545  N N   . TYR A 1 83  ? -3.846  -6.086  0.079   1.00 5.67  ? 83  TYR A N   1 
ATOM   546  C CA  . TYR A 1 83  ? -4.971  -6.713  -0.593  1.00 5.64  ? 83  TYR A CA  1 
ATOM   547  C C   . TYR A 1 83  ? -4.577  -8.106  -1.101  1.00 5.74  ? 83  TYR A C   1 
ATOM   548  O O   . TYR A 1 83  ? -3.421  -8.357  -1.407  1.00 5.71  ? 83  TYR A O   1 
ATOM   549  C CB  . TYR A 1 83  ? -5.543  -5.804  -1.732  1.00 5.50  ? 83  TYR A CB  1 
ATOM   550  C CG  . TYR A 1 83  ? -4.558  -5.495  -2.855  1.00 5.06  ? 83  TYR A CG  1 
ATOM   551  C CD1 . TYR A 1 83  ? -4.396  -6.378  -3.919  1.00 3.91  ? 83  TYR A CD1 1 
ATOM   552  C CD2 . TYR A 1 83  ? -3.779  -4.329  -2.839  1.00 4.02  ? 83  TYR A CD2 1 
ATOM   553  C CE1 . TYR A 1 83  ? -3.490  -6.121  -4.950  1.00 4.42  ? 83  TYR A CE1 1 
ATOM   554  C CE2 . TYR A 1 83  ? -2.868  -4.057  -3.875  1.00 4.20  ? 83  TYR A CE2 1 
ATOM   555  C CZ  . TYR A 1 83  ? -2.728  -4.961  -4.923  1.00 4.93  ? 83  TYR A CZ  1 
ATOM   556  O OH  . TYR A 1 83  ? -1.818  -4.739  -5.938  1.00 4.28  ? 83  TYR A OH  1 
ATOM   557  N N   . VAL A 1 84  ? -5.548  -9.005  -1.152  1.00 5.96  ? 84  VAL A N   1 
ATOM   558  C CA  . VAL A 1 84  ? -5.381  -10.291 -1.767  1.00 6.31  ? 84  VAL A CA  1 
ATOM   559  C C   . VAL A 1 84  ? -5.600  -10.077 -3.265  1.00 7.70  ? 84  VAL A C   1 
ATOM   560  O O   . VAL A 1 84  ? -6.708  -9.743  -3.705  1.00 7.39  ? 84  VAL A O   1 
ATOM   561  C CB  . VAL A 1 84  ? -6.375  -11.309 -1.184  1.00 6.87  ? 84  VAL A CB  1 
ATOM   562  C CG1 . VAL A 1 84  ? -6.230  -12.704 -1.871  1.00 5.66  ? 84  VAL A CG1 1 
ATOM   563  C CG2 . VAL A 1 84  ? -6.210  -11.393 0.359   1.00 5.50  ? 84  VAL A CG2 1 
ATOM   564  N N   . ALA A 1 85  ? -4.516  -10.205 -4.034  1.00 8.67  ? 85  ALA A N   1 
ATOM   565  C CA  . ALA A 1 85  ? -4.541  -9.931  -5.468  1.00 9.60  ? 85  ALA A CA  1 
ATOM   566  C C   . ALA A 1 85  ? -5.592  -10.768 -6.181  1.00 10.04 ? 85  ALA A C   1 
ATOM   567  O O   . ALA A 1 85  ? -6.389  -10.237 -6.939  1.00 10.94 ? 85  ALA A O   1 
ATOM   568  C CB  . ALA A 1 85  ? -3.139  -10.124 -6.092  1.00 9.00  ? 85  ALA A CB  1 
ATOM   569  N N   . LEU A 1 86  ? -5.614  -12.066 -5.911  1.00 11.65 ? 86  LEU A N   1 
ATOM   570  C CA  . LEU A 1 86  ? -6.639  -12.967 -6.443  1.00 13.37 ? 86  LEU A CA  1 
ATOM   571  C C   . LEU A 1 86  ? -8.064  -12.556 -6.072  1.00 14.49 ? 86  LEU A C   1 
ATOM   572  O O   . LEU A 1 86  ? -9.004  -12.849 -6.809  1.00 14.75 ? 86  LEU A O   1 
ATOM   573  C CB  . LEU A 1 86  ? -6.368  -14.403 -5.989  1.00 13.54 ? 86  LEU A CB  1 
ATOM   574  C CG  . LEU A 1 86  ? -7.156  -15.568 -6.604  1.00 14.28 ? 86  LEU A CG  1 
ATOM   575  C CD1 . LEU A 1 86  ? -6.837  -15.698 -8.071  1.00 15.37 ? 86  LEU A CD1 1 
ATOM   576  C CD2 . LEU A 1 86  ? -6.853  -16.866 -5.890  1.00 13.07 ? 86  LEU A CD2 1 
ATOM   577  N N   . GLY A 1 87  ? -8.215  -11.863 -4.944  1.00 16.16 ? 87  GLY A N   1 
ATOM   578  C CA  . GLY A 1 87  ? -9.523  -11.446 -4.439  1.00 18.26 ? 87  GLY A CA  1 
ATOM   579  C C   . GLY A 1 87  ? -10.031 -10.100 -4.943  1.00 20.08 ? 87  GLY A C   1 
ATOM   580  O O   . GLY A 1 87  ? -11.027 -9.560  -4.405  1.00 20.65 ? 87  GLY A O   1 
ATOM   581  N N   . SER A 1 88  ? -9.389  -9.576  -5.994  1.00 20.71 ? 88  SER A N   1 
ATOM   582  C CA  . SER A 1 88  ? -9.557  -8.178  -6.396  1.00 21.35 ? 88  SER A CA  1 
ATOM   583  C C   . SER A 1 88  ? -10.776 -7.847  -7.267  1.00 22.01 ? 88  SER A C   1 
ATOM   584  O O   . SER A 1 88  ? -11.449 -6.839  -7.040  1.00 21.94 ? 88  SER A O   1 
ATOM   585  C CB  . SER A 1 88  ? -8.284  -7.666  -7.075  1.00 21.36 ? 88  SER A CB  1 
ATOM   586  O OG  . SER A 1 88  ? -7.249  -7.474  -6.128  1.00 20.76 ? 88  SER A OG  1 
ATOM   587  N N   . GLY A 1 89  ? -11.042 -8.656  -8.284  1.00 22.75 ? 89  GLY A N   1 
ATOM   588  C CA  . GLY A 1 89  ? -12.147 -8.343  -9.213  1.00 23.95 ? 89  GLY A CA  1 
ATOM   589  C C   . GLY A 1 89  ? -12.072 -7.017  -9.967  1.00 24.10 ? 89  GLY A C   1 
ATOM   590  O O   . GLY A 1 89  ? -11.025 -6.386  -10.043 1.00 24.22 ? 89  GLY A O   1 
ATOM   591  N N   . ASP A 1 90  ? -13.221 -6.587  -10.485 1.00 24.48 ? 90  ASP A N   1 
ATOM   592  C CA  . ASP A 1 90  ? -13.351 -5.554  -11.548 1.00 24.45 ? 90  ASP A CA  1 
ATOM   593  C C   . ASP A 1 90  ? -12.122 -5.190  -12.412 1.00 22.67 ? 90  ASP A C   1 
ATOM   594  O O   . ASP A 1 90  ? -11.726 -4.031  -12.497 1.00 22.85 ? 90  ASP A O   1 
ATOM   595  C CB  . ASP A 1 90  ? -14.159 -4.313  -11.059 1.00 25.86 ? 90  ASP A CB  1 
ATOM   596  C CG  . ASP A 1 90  ? -13.420 -3.470  -10.022 1.00 28.31 ? 90  ASP A CG  1 
ATOM   597  O OD1 . ASP A 1 90  ? -12.417 -2.832  -10.402 1.00 30.64 ? 90  ASP A OD1 1 
ATOM   598  O OD2 . ASP A 1 90  ? -13.868 -3.403  -8.843  1.00 31.40 ? 90  ASP A OD2 1 
ATOM   599  N N   . GLY A 1 91  ? -11.555 -6.189  -13.082 1.00 20.85 ? 91  GLY A N   1 
ATOM   600  C CA  . GLY A 1 91  ? -10.445 -5.980  -14.007 1.00 18.72 ? 91  GLY A CA  1 
ATOM   601  C C   . GLY A 1 91  ? -9.047  -6.027  -13.399 1.00 17.78 ? 91  GLY A C   1 
ATOM   602  O O   . GLY A 1 91  ? -8.055  -5.940  -14.128 1.00 17.51 ? 91  GLY A O   1 
ATOM   603  N N   . TRP A 1 92  ? -8.966  -6.167  -12.073 1.00 16.18 ? 92  TRP A N   1 
ATOM   604  C CA  . TRP A 1 92  ? -7.686  -6.159  -11.348 1.00 15.07 ? 92  TRP A CA  1 
ATOM   605  C C   . TRP A 1 92  ? -7.071  -7.539  -11.232 1.00 14.63 ? 92  TRP A C   1 
ATOM   606  O O   . TRP A 1 92  ? -7.716  -8.467  -10.760 1.00 14.66 ? 92  TRP A O   1 
ATOM   607  C CB  . TRP A 1 92  ? -7.865  -5.576  -9.948  1.00 14.30 ? 92  TRP A CB  1 
ATOM   608  C CG  . TRP A 1 92  ? -8.121  -4.116  -9.961  1.00 13.27 ? 92  TRP A CG  1 
ATOM   609  C CD1 . TRP A 1 92  ? -9.337  -3.493  -9.916  1.00 11.91 ? 92  TRP A CD1 1 
ATOM   610  C CD2 . TRP A 1 92  ? -7.137  -3.079  -10.039 1.00 12.35 ? 92  TRP A CD2 1 
ATOM   611  N NE1 . TRP A 1 92  ? -9.170  -2.133  -9.957  1.00 11.37 ? 92  TRP A NE1 1 
ATOM   612  C CE2 . TRP A 1 92  ? -7.833  -1.846  -10.036 1.00 11.49 ? 92  TRP A CE2 1 
ATOM   613  C CE3 . TRP A 1 92  ? -5.737  -3.069  -10.128 1.00 11.54 ? 92  TRP A CE3 1 
ATOM   614  C CZ2 . TRP A 1 92  ? -7.179  -0.619  -10.110 1.00 11.54 ? 92  TRP A CZ2 1 
ATOM   615  C CZ3 . TRP A 1 92  ? -5.079  -1.840  -10.198 1.00 11.84 ? 92  TRP A CZ3 1 
ATOM   616  C CH2 . TRP A 1 92  ? -5.803  -0.634  -10.194 1.00 12.81 ? 92  TRP A CH2 1 
ATOM   617  N N   . TRP A 1 93  ? -5.817  -7.667  -11.656 1.00 14.36 ? 93  TRP A N   1 
ATOM   618  C CA  . TRP A 1 93  ? -5.055  -8.912  -11.490 1.00 14.71 ? 93  TRP A CA  1 
ATOM   619  C C   . TRP A 1 93  ? -5.829  -10.135 -11.935 1.00 15.85 ? 93  TRP A C   1 
ATOM   620  O O   . TRP A 1 93  ? -5.906  -11.135 -11.212 1.00 15.99 ? 93  TRP A O   1 
ATOM   621  C CB  . TRP A 1 93  ? -4.553  -9.061  -10.046 1.00 13.59 ? 93  TRP A CB  1 
ATOM   622  C CG  . TRP A 1 93  ? -4.161  -7.747  -9.506  1.00 11.68 ? 93  TRP A CG  1 
ATOM   623  C CD1 . TRP A 1 93  ? -4.778  -7.061  -8.512  1.00 10.12 ? 93  TRP A CD1 1 
ATOM   624  C CD2 . TRP A 1 93  ? -3.105  -6.912  -9.992  1.00 11.04 ? 93  TRP A CD2 1 
ATOM   625  N NE1 . TRP A 1 93  ? -4.152  -5.858  -8.320  1.00 13.14 ? 93  TRP A NE1 1 
ATOM   626  C CE2 . TRP A 1 93  ? -3.119  -5.742  -9.218  1.00 11.33 ? 93  TRP A CE2 1 
ATOM   627  C CE3 . TRP A 1 93  ? -2.139  -7.047  -11.008 1.00 11.86 ? 93  TRP A CE3 1 
ATOM   628  C CZ2 . TRP A 1 93  ? -2.214  -4.706  -9.418  1.00 11.00 ? 93  TRP A CZ2 1 
ATOM   629  C CZ3 . TRP A 1 93  ? -1.231  -6.021  -11.205 1.00 11.61 ? 93  TRP A CZ3 1 
ATOM   630  C CH2 . TRP A 1 93  ? -1.278  -4.859  -10.412 1.00 11.56 ? 93  TRP A CH2 1 
ATOM   631  N N   . GLU A 1 94  ? -6.380  -10.040 -13.143 1.00 17.20 ? 94  GLU A N   1 
ATOM   632  C CA  . GLU A 1 94  ? -7.167  -11.109 -13.753 1.00 18.57 ? 94  GLU A CA  1 
ATOM   633  C C   . GLU A 1 94  ? -6.334  -12.356 -14.040 1.00 18.35 ? 94  GLU A C   1 
ATOM   634  O O   . GLU A 1 94  ? -6.871  -13.443 -14.169 1.00 18.67 ? 94  GLU A O   1 
ATOM   635  C CB  . GLU A 1 94  ? -7.836  -10.625 -15.051 1.00 19.03 ? 94  GLU A CB  1 
ATOM   636  C CG  . GLU A 1 94  ? -9.026  -9.681  -14.868 1.00 23.13 ? 94  GLU A CG  1 
ATOM   637  C CD  . GLU A 1 94  ? -10.057 -10.191 -13.860 1.00 28.42 ? 94  GLU A CD  1 
ATOM   638  O OE1 . GLU A 1 94  ? -10.125 -11.427 -13.643 1.00 32.26 ? 94  GLU A OE1 1 
ATOM   639  O OE2 . GLU A 1 94  ? -10.806 -9.359  -13.284 1.00 29.61 ? 94  GLU A OE2 1 
ATOM   640  N N   . GLU A 1 95  ? -5.024  -12.191 -14.132 1.00 18.60 ? 95  GLU A N   1 
ATOM   641  C CA  . GLU A 1 95  ? -4.149  -13.299 -14.487 1.00 19.04 ? 95  GLU A CA  1 
ATOM   642  C C   . GLU A 1 95  ? -3.556  -13.981 -13.261 1.00 18.15 ? 95  GLU A C   1 
ATOM   643  O O   . GLU A 1 95  ? -2.812  -14.945 -13.402 1.00 18.49 ? 95  GLU A O   1 
ATOM   644  C CB  . GLU A 1 95  ? -3.039  -12.837 -15.442 1.00 19.57 ? 95  GLU A CB  1 
ATOM   645  C CG  . GLU A 1 95  ? -3.561  -12.216 -16.755 1.00 23.15 ? 95  GLU A CG  1 
ATOM   646  C CD  . GLU A 1 95  ? -4.509  -13.146 -17.525 1.00 28.71 ? 95  GLU A CD  1 
ATOM   647  O OE1 . GLU A 1 95  ? -4.174  -14.351 -17.700 1.00 30.82 ? 95  GLU A OE1 1 
ATOM   648  O OE2 . GLU A 1 95  ? -5.591  -12.670 -17.958 1.00 30.61 ? 95  GLU A OE2 1 
ATOM   649  N N   . GLU A 1 96  ? -3.885  -13.484 -12.070 1.00 17.14 ? 96  GLU A N   1 
ATOM   650  C CA  . GLU A 1 96  ? -3.367  -14.068 -10.833 1.00 16.08 ? 96  GLU A CA  1 
ATOM   651  C C   . GLU A 1 96  ? -4.042  -15.413 -10.591 1.00 15.55 ? 96  GLU A C   1 
ATOM   652  O O   . GLU A 1 96  ? -5.247  -15.551 -10.799 1.00 15.54 ? 96  GLU A O   1 
ATOM   653  C CB  . GLU A 1 96  ? -3.560  -13.112 -9.640  1.00 15.80 ? 96  GLU A CB  1 
ATOM   654  C CG  . GLU A 1 96  ? -2.819  -13.532 -8.366  1.00 16.17 ? 96  GLU A CG  1 
ATOM   655  C CD  . GLU A 1 96  ? -1.352  -13.913 -8.624  1.00 16.92 ? 96  GLU A CD  1 
ATOM   656  O OE1 . GLU A 1 96  ? -0.510  -12.992 -8.739  1.00 15.25 ? 96  GLU A OE1 1 
ATOM   657  O OE2 . GLU A 1 96  ? -1.051  -15.130 -8.717  1.00 16.22 ? 96  GLU A OE2 1 
ATOM   658  N N   . THR A 1 97  ? -3.252  -16.403 -10.178 1.00 14.97 ? 97  THR A N   1 
ATOM   659  C CA  . THR A 1 97  ? -3.770  -17.720 -9.808  1.00 14.45 ? 97  THR A CA  1 
ATOM   660  C C   . THR A 1 97  ? -3.397  -18.106 -8.374  1.00 14.05 ? 97  THR A C   1 
ATOM   661  O O   . THR A 1 97  ? -3.921  -19.084 -7.828  1.00 14.79 ? 97  THR A O   1 
ATOM   662  C CB  . THR A 1 97  ? -3.234  -18.836 -10.753 1.00 14.80 ? 97  THR A CB  1 
ATOM   663  O OG1 . THR A 1 97  ? -1.801  -18.803 -10.783 1.00 14.61 ? 97  THR A OG1 1 
ATOM   664  C CG2 . THR A 1 97  ? -3.771  -18.668 -12.170 1.00 15.05 ? 97  THR A CG2 1 
ATOM   665  N N   . ASP A 1 98  ? -2.484  -17.349 -7.776  1.00 12.94 ? 98  ASP A N   1 
ATOM   666  C CA  . ASP A 1 98  ? -1.910  -17.696 -6.487  1.00 12.29 ? 98  ASP A CA  1 
ATOM   667  C C   . ASP A 1 98  ? -2.592  -16.931 -5.338  1.00 11.67 ? 98  ASP A C   1 
ATOM   668  O O   . ASP A 1 98  ? -2.427  -15.710 -5.230  1.00 11.69 ? 98  ASP A O   1 
ATOM   669  C CB  . ASP A 1 98  ? -0.388  -17.441 -6.531  1.00 11.98 ? 98  ASP A CB  1 
ATOM   670  C CG  . ASP A 1 98  ? 0.329   -17.820 -5.241  1.00 12.43 ? 98  ASP A CG  1 
ATOM   671  O OD1 . ASP A 1 98  ? -0.277  -18.421 -4.323  1.00 13.74 ? 98  ASP A OD1 1 
ATOM   672  O OD2 . ASP A 1 98  ? 1.530   -17.501 -5.143  1.00 13.62 ? 98  ASP A OD2 1 
ATOM   673  N N   . PRO A 1 99  ? -3.356  -17.647 -4.473  1.00 11.39 ? 99  PRO A N   1 
ATOM   674  C CA  . PRO A 1 99  ? -4.058  -16.992 -3.346  1.00 10.78 ? 99  PRO A CA  1 
ATOM   675  C C   . PRO A 1 99  ? -3.110  -16.380 -2.303  1.00 10.06 ? 99  PRO A C   1 
ATOM   676  O O   . PRO A 1 99  ? -3.554  -15.602 -1.454  1.00 10.11 ? 99  PRO A O   1 
ATOM   677  C CB  . PRO A 1 99  ? -4.870  -18.133 -2.720  1.00 10.90 ? 99  PRO A CB  1 
ATOM   678  C CG  . PRO A 1 99  ? -4.169  -19.388 -3.135  1.00 10.69 ? 99  PRO A CG  1 
ATOM   679  C CD  . PRO A 1 99  ? -3.612  -19.106 -4.500  1.00 11.55 ? 99  PRO A CD  1 
ATOM   680  N N   . GLY A 1 100 ? -1.823  -16.725 -2.386  1.00 9.15  ? 100 GLY A N   1 
ATOM   681  C CA  . GLY A 1 100 ? -0.810  -16.243 -1.450  1.00 8.27  ? 100 GLY A CA  1 
ATOM   682  C C   . GLY A 1 100 ? -0.236  -14.869 -1.778  1.00 7.78  ? 100 GLY A C   1 
ATOM   683  O O   . GLY A 1 100 ? 0.475   -14.288 -0.966  1.00 7.40  ? 100 GLY A O   1 
ATOM   684  N N   . VAL A 1 101 ? -0.545  -14.347 -2.964  1.00 7.24  ? 101 VAL A N   1 
ATOM   685  C CA  . VAL A 1 101 ? -0.044  -13.033 -3.363  1.00 6.71  ? 101 VAL A CA  1 
ATOM   686  C C   . VAL A 1 101 ? -0.803  -11.898 -2.658  1.00 6.83  ? 101 VAL A C   1 
ATOM   687  O O   . VAL A 1 101 ? -2.045  -11.902 -2.563  1.00 6.51  ? 101 VAL A O   1 
ATOM   688  C CB  . VAL A 1 101 ? -0.021  -12.853 -4.917  1.00 6.58  ? 101 VAL A CB  1 
ATOM   689  C CG1 . VAL A 1 101 ? 0.635   -11.518 -5.330  1.00 5.78  ? 101 VAL A CG1 1 
ATOM   690  C CG2 . VAL A 1 101 ? 0.735   -13.993 -5.557  1.00 5.67  ? 101 VAL A CG2 1 
ATOM   691  N N   . ARG A 1 102 ? -0.032  -10.950 -2.140  1.00 6.87  ? 102 ARG A N   1 
ATOM   692  C CA  . ARG A 1 102 ? -0.569  -9.719  -1.568  1.00 7.44  ? 102 ARG A CA  1 
ATOM   693  C C   . ARG A 1 102 ? -0.054  -8.520  -2.354  1.00 7.73  ? 102 ARG A C   1 
ATOM   694  O O   . ARG A 1 102 ? 1.064   -8.531  -2.860  1.00 8.43  ? 102 ARG A O   1 
ATOM   695  C CB  . ARG A 1 102 ? -0.159  -9.555  -0.089  1.00 6.79  ? 102 ARG A CB  1 
ATOM   696  C CG  . ARG A 1 102 ? -0.608  -10.666 0.819   1.00 6.65  ? 102 ARG A CG  1 
ATOM   697  C CD  . ARG A 1 102 ? -2.121  -10.619 1.147   1.00 6.49  ? 102 ARG A CD  1 
ATOM   698  N NE  . ARG A 1 102 ? -2.500  -11.828 1.877   1.00 7.58  ? 102 ARG A NE  1 
ATOM   699  C CZ  . ARG A 1 102 ? -2.769  -13.005 1.309   1.00 6.99  ? 102 ARG A CZ  1 
ATOM   700  N NH1 . ARG A 1 102 ? -2.742  -13.133 -0.007  1.00 6.62  ? 102 ARG A NH1 1 
ATOM   701  N NH2 . ARG A 1 102 ? -3.079  -14.056 2.060   1.00 4.50  ? 102 ARG A NH2 1 
ATOM   702  N N   . GLY A 1 103 ? -0.866  -7.483  -2.448  1.00 7.54  ? 103 GLY A N   1 
ATOM   703  C CA  . GLY A 1 103 ? -0.392  -6.224  -2.968  1.00 7.96  ? 103 GLY A CA  1 
ATOM   704  C C   . GLY A 1 103 ? -0.412  -5.161  -1.897  1.00 8.35  ? 103 GLY A C   1 
ATOM   705  O O   . GLY A 1 103 ? -1.142  -5.272  -0.904  1.00 8.30  ? 103 GLY A O   1 
ATOM   706  N N   . ILE A 1 104 ? 0.393   -4.123  -2.088  1.00 8.81  ? 104 ILE A N   1 
ATOM   707  C CA  . ILE A 1 104 ? 0.372   -3.003  -1.154  1.00 9.21  ? 104 ILE A CA  1 
ATOM   708  C C   . ILE A 1 104 ? 0.254   -1.661  -1.829  1.00 9.51  ? 104 ILE A C   1 
ATOM   709  O O   . ILE A 1 104 ? 0.666   -1.500  -2.981  1.00 10.01 ? 104 ILE A O   1 
ATOM   710  C CB  . ILE A 1 104 ? 1.563   -3.029  -0.159  1.00 9.36  ? 104 ILE A CB  1 
ATOM   711  C CG1 . ILE A 1 104 ? 2.889   -2.743  -0.872  1.00 9.28  ? 104 ILE A CG1 1 
ATOM   712  C CG2 . ILE A 1 104 ? 1.565   -4.343  0.615   1.00 8.46  ? 104 ILE A CG2 1 
ATOM   713  C CD1 . ILE A 1 104 ? 4.093   -2.631  0.048   1.00 9.15  ? 104 ILE A CD1 1 
ATOM   714  N N   . ASP A 1 105 ? -0.351  -0.716  -1.112  1.00 10.00 ? 105 ASP A N   1 
ATOM   715  C CA  . ASP A 1 105 ? -0.350  0.711   -1.484  1.00 10.87 ? 105 ASP A CA  1 
ATOM   716  C C   . ASP A 1 105 ? -0.153  1.525   -0.209  1.00 10.74 ? 105 ASP A C   1 
ATOM   717  O O   . ASP A 1 105 ? -0.508  1.058   0.881   1.00 10.72 ? 105 ASP A O   1 
ATOM   718  C CB  . ASP A 1 105 ? -1.662  1.137   -2.156  1.00 10.84 ? 105 ASP A CB  1 
ATOM   719  C CG  . ASP A 1 105 ? -1.990  0.312   -3.379  1.00 13.84 ? 105 ASP A CG  1 
ATOM   720  O OD1 . ASP A 1 105 ? -1.355  0.550   -4.439  1.00 15.34 ? 105 ASP A OD1 1 
ATOM   721  O OD2 . ASP A 1 105 ? -2.884  -0.572  -3.277  1.00 15.35 ? 105 ASP A OD2 1 
ATOM   722  N N   . GLN A 1 106 ? 0.403   2.728   -0.335  1.00 10.51 ? 106 GLN A N   1 
ATOM   723  C CA  . GLN A 1 106 ? 0.607   3.574   0.841   1.00 11.20 ? 106 GLN A CA  1 
ATOM   724  C C   . GLN A 1 106 ? 0.923   5.042   0.539   1.00 10.83 ? 106 GLN A C   1 
ATOM   725  O O   . GLN A 1 106 ? 1.298   5.413   -0.574  1.00 10.58 ? 106 GLN A O   1 
ATOM   726  C CB  . GLN A 1 106 ? 1.661   2.969   1.785   1.00 11.32 ? 106 GLN A CB  1 
ATOM   727  C CG  . GLN A 1 106 ? 3.110   3.118   1.355   1.00 15.01 ? 106 GLN A CG  1 
ATOM   728  C CD  . GLN A 1 106 ? 3.434   2.416   0.040   1.00 20.94 ? 106 GLN A CD  1 
ATOM   729  O OE1 . GLN A 1 106 ? 4.077   3.010   -0.847  1.00 22.05 ? 106 GLN A OE1 1 
ATOM   730  N NE2 . GLN A 1 106 ? 2.996   1.150   -0.098  1.00 19.98 ? 106 GLN A NE2 1 
ATOM   731  N N   . LEU A 1 107 ? 0.777   5.863   1.567   1.00 10.20 ? 107 LEU A N   1 
ATOM   732  C CA  . LEU A 1 107 ? 1.010   7.280   1.455   1.00 9.64  ? 107 LEU A CA  1 
ATOM   733  C C   . LEU A 1 107 ? 1.509   7.814   2.796   1.00 10.03 ? 107 LEU A C   1 
ATOM   734  O O   . LEU A 1 107 ? 1.198   7.256   3.863   1.00 10.13 ? 107 LEU A O   1 
ATOM   735  C CB  . LEU A 1 107 ? -0.274  8.001   1.022   1.00 8.92  ? 107 LEU A CB  1 
ATOM   736  C CG  . LEU A 1 107 ? -1.488  7.988   1.983   1.00 8.54  ? 107 LEU A CG  1 
ATOM   737  C CD1 . LEU A 1 107 ? -1.478  9.186   2.948   1.00 6.95  ? 107 LEU A CD1 1 
ATOM   738  C CD2 . LEU A 1 107 ? -2.790  7.952   1.198   1.00 6.39  ? 107 LEU A CD2 1 
ATOM   739  N N   . LEU A 1 108 ? 2.284   8.886   2.724   1.00 10.18 ? 108 LEU A N   1 
ATOM   740  C CA  . LEU A 1 108 ? 2.710   9.625   3.894   1.00 11.06 ? 108 LEU A CA  1 
ATOM   741  C C   . LEU A 1 108 ? 1.861   10.891  3.978   1.00 11.49 ? 108 LEU A C   1 
ATOM   742  O O   . LEU A 1 108 ? 1.675   11.584  2.979   1.00 11.80 ? 108 LEU A O   1 
ATOM   743  C CB  . LEU A 1 108 ? 4.196   9.970   3.785   1.00 10.84 ? 108 LEU A CB  1 
ATOM   744  C CG  . LEU A 1 108 ? 5.232   8.850   3.952   1.00 11.54 ? 108 LEU A CG  1 
ATOM   745  C CD1 . LEU A 1 108 ? 6.643   9.399   3.678   1.00 9.71  ? 108 LEU A CD1 1 
ATOM   746  C CD2 . LEU A 1 108 ? 5.152   8.214   5.344   1.00 10.88 ? 108 LEU A CD2 1 
ATOM   747  N N   . ALA A 1 109 ? 1.335   11.171  5.165   1.00 11.93 ? 109 ALA A N   1 
ATOM   748  C CA  . ALA A 1 109 ? 0.364   12.245  5.372   1.00 12.42 ? 109 ALA A CA  1 
ATOM   749  C C   . ALA A 1 109 ? 0.935   13.655  5.212   1.00 13.13 ? 109 ALA A C   1 
ATOM   750  O O   . ALA A 1 109 ? 0.241   14.554  4.715   1.00 12.54 ? 109 ALA A O   1 
ATOM   751  C CB  . ALA A 1 109 ? -0.260  12.101  6.733   1.00 12.05 ? 109 ALA A CB  1 
ATOM   752  N N   . ASN A 1 110 ? 2.194   13.838  5.637   1.00 14.18 ? 110 ASN A N   1 
ATOM   753  C CA  . ASN A 1 110 ? 2.810   15.177  5.756   1.00 15.18 ? 110 ASN A CA  1 
ATOM   754  C C   . ASN A 1 110 ? 3.902   15.415  4.720   1.00 16.21 ? 110 ASN A C   1 
ATOM   755  O O   . ASN A 1 110 ? 4.895   14.676  4.679   1.00 16.55 ? 110 ASN A O   1 
ATOM   756  C CB  . ASN A 1 110 ? 3.368   15.405  7.171   1.00 14.75 ? 110 ASN A CB  1 
ATOM   757  C CG  . ASN A 1 110 ? 2.341   15.116  8.277   1.00 14.93 ? 110 ASN A CG  1 
ATOM   758  O OD1 . ASN A 1 110 ? 1.244   15.678  8.292   1.00 14.05 ? 110 ASN A OD1 1 
ATOM   759  N ND2 . ASN A 1 110 ? 2.710   14.243  9.215   1.00 13.33 ? 110 ASN A ND2 1 
ATOM   760  N N   . ALA A 1 111 ? 3.698   16.429  3.876   1.00 17.45 ? 111 ALA A N   1 
ATOM   761  C CA  . ALA A 1 111 ? 4.658   16.827  2.835   1.00 18.90 ? 111 ALA A CA  1 
ATOM   762  C C   . ALA A 1 111 ? 6.068   17.111  3.376   1.00 20.06 ? 111 ALA A C   1 
ATOM   763  O O   . ALA A 1 111 ? 7.066   16.842  2.694   1.00 20.53 ? 111 ALA A O   1 
ATOM   764  C CB  . ALA A 1 111 ? 4.138   18.041  2.068   1.00 18.70 ? 111 ALA A CB  1 
ATOM   765  N N   . SER A 1 112 ? 6.142   17.646  4.593   1.00 21.19 ? 112 SER A N   1 
ATOM   766  C CA  . SER A 1 112 ? 7.420   17.935  5.256   1.00 22.77 ? 112 SER A CA  1 
ATOM   767  C C   . SER A 1 112 ? 8.163   16.664  5.713   1.00 23.54 ? 112 SER A C   1 
ATOM   768  O O   . SER A 1 112 ? 9.274   16.750  6.250   1.00 23.91 ? 112 SER A O   1 
ATOM   769  C CB  . SER A 1 112 ? 7.195   18.848  6.470   1.00 22.62 ? 112 SER A CB  1 
ATOM   770  O OG  . SER A 1 112 ? 6.611   18.117  7.545   1.00 22.97 ? 112 SER A OG  1 
ATOM   771  N N   . GLN A 1 113 ? 7.540   15.501  5.533   1.00 24.11 ? 113 GLN A N   1 
ATOM   772  C CA  . GLN A 1 113 ? 8.161   14.238  5.916   1.00 24.54 ? 113 GLN A CA  1 
ATOM   773  C C   . GLN A 1 113 ? 8.458   13.361  4.699   1.00 24.53 ? 113 GLN A C   1 
ATOM   774  O O   . GLN A 1 113 ? 8.871   12.210  4.846   1.00 25.22 ? 113 GLN A O   1 
ATOM   775  C CB  . GLN A 1 113 ? 7.288   13.497  6.933   1.00 24.76 ? 113 GLN A CB  1 
ATOM   776  C CG  . GLN A 1 113 ? 7.338   14.060  8.362   1.00 25.22 ? 113 GLN A CG  1 
ATOM   777  C CD  . GLN A 1 113 ? 6.329   13.394  9.278   1.00 26.09 ? 113 GLN A CD  1 
ATOM   778  O OE1 . GLN A 1 113 ? 5.201   13.111  8.875   1.00 28.90 ? 113 GLN A OE1 1 
ATOM   779  N NE2 . GLN A 1 113 ? 6.725   13.144  10.518  1.00 27.12 ? 113 GLN A NE2 1 
ATOM   780  N N   . LEU A 1 114 ? 8.242   13.904  3.503   1.00 24.39 ? 114 LEU A N   1 
ATOM   781  C CA  . LEU A 1 114 ? 8.561   13.212  2.260   1.00 24.67 ? 114 LEU A CA  1 
ATOM   782  C C   . LEU A 1 114 ? 10.069  13.191  2.014   1.00 24.86 ? 114 LEU A C   1 
ATOM   783  O O   . LEU A 1 114 ? 10.762  14.130  2.370   1.00 24.88 ? 114 LEU A O   1 
ATOM   784  C CB  . LEU A 1 114 ? 7.837   13.852  1.067   1.00 24.60 ? 114 LEU A CB  1 
ATOM   785  C CG  . LEU A 1 114 ? 6.305   13.771  0.970   1.00 24.47 ? 114 LEU A CG  1 
ATOM   786  C CD1 . LEU A 1 114 ? 5.796   14.328  -0.360  1.00 23.72 ? 114 LEU A CD1 1 
ATOM   787  C CD2 . LEU A 1 114 ? 5.806   12.349  1.166   1.00 24.36 ? 114 LEU A CD2 1 
ATOM   788  N N   . GLY A 1 115 ? 10.564  12.106  1.422   1.00 25.01 ? 115 GLY A N   1 
ATOM   789  C CA  . GLY A 1 115 ? 11.983  11.954  1.110   1.00 25.16 ? 115 GLY A CA  1 
ATOM   790  C C   . GLY A 1 115 ? 12.953  11.937  2.286   1.00 25.40 ? 115 GLY A C   1 
ATOM   791  O O   . GLY A 1 115 ? 14.093  12.380  2.139   1.00 25.88 ? 115 GLY A O   1 
ATOM   792  N N   . LYS A 1 116 ? 12.514  11.436  3.443   1.00 25.06 ? 116 LYS A N   1 
ATOM   793  C CA  . LYS A 1 116 ? 13.379  11.303  4.630   1.00 24.94 ? 116 LYS A CA  1 
ATOM   794  C C   . LYS A 1 116 ? 13.473  9.832   5.105   1.00 23.45 ? 116 LYS A C   1 
ATOM   795  O O   . LYS A 1 116 ? 13.761  9.563   6.270   1.00 22.63 ? 116 LYS A O   1 
ATOM   796  C CB  . LYS A 1 116 ? 12.887  12.203  5.784   1.00 25.20 ? 116 LYS A CB  1 
ATOM   797  C CG  . LYS A 1 116 ? 12.496  13.635  5.370   1.00 27.64 ? 116 LYS A CG  1 
ATOM   798  C CD  . LYS A 1 116 ? 12.332  14.559  6.580   1.00 28.66 ? 116 LYS A CD  1 
ATOM   799  C CE  . LYS A 1 116 ? 13.402  15.667  6.581   1.00 33.38 ? 116 LYS A CE  1 
ATOM   800  N NZ  . LYS A 1 116 ? 13.583  16.331  7.933   1.00 33.72 ? 116 LYS A NZ  1 
ATOM   801  N N   . GLY A 1 117 ? 13.217  8.893   4.193   1.00 22.37 ? 117 GLY A N   1 
ATOM   802  C CA  . GLY A 1 117 ? 13.284  7.460   4.502   1.00 20.78 ? 117 GLY A CA  1 
ATOM   803  C C   . GLY A 1 117 ? 12.108  6.818   5.235   1.00 19.48 ? 117 GLY A C   1 
ATOM   804  O O   . GLY A 1 117 ? 12.117  5.613   5.451   1.00 19.80 ? 117 GLY A O   1 
ATOM   805  N N   . LEU A 1 118 ? 11.095  7.596   5.606   1.00 18.44 ? 118 LEU A N   1 
ATOM   806  C CA  . LEU A 1 118 ? 9.942   7.056   6.357   1.00 17.87 ? 118 LEU A CA  1 
ATOM   807  C C   . LEU A 1 118 ? 9.057   6.101   5.555   1.00 17.05 ? 118 LEU A C   1 
ATOM   808  O O   . LEU A 1 118 ? 8.478   5.165   6.116   1.00 17.24 ? 118 LEU A O   1 
ATOM   809  C CB  . LEU A 1 118 ? 9.064   8.171   6.938   1.00 17.88 ? 118 LEU A CB  1 
ATOM   810  C CG  . LEU A 1 118 ? 9.646   9.117   7.983   1.00 18.17 ? 118 LEU A CG  1 
ATOM   811  C CD1 . LEU A 1 118 ? 8.605   10.143  8.351   1.00 17.85 ? 118 LEU A CD1 1 
ATOM   812  C CD2 . LEU A 1 118 ? 10.120  8.363   9.217   1.00 19.45 ? 118 LEU A CD2 1 
ATOM   813  N N   . GLY A 1 119 ? 8.943   6.365   4.256   1.00 16.10 ? 119 GLY A N   1 
ATOM   814  C CA  . GLY A 1 119 ? 8.185   5.526   3.342   1.00 14.69 ? 119 GLY A CA  1 
ATOM   815  C C   . GLY A 1 119 ? 8.792   4.149   3.241   1.00 13.81 ? 119 GLY A C   1 
ATOM   816  O O   . GLY A 1 119 ? 8.070   3.151   3.178   1.00 13.17 ? 119 GLY A O   1 
ATOM   817  N N   . THR A 1 120 ? 10.125  4.109   3.241   1.00 13.29 ? 120 THR A N   1 
ATOM   818  C CA  . THR A 1 120 ? 10.885  2.855   3.193   1.00 12.91 ? 120 THR A CA  1 
ATOM   819  C C   . THR A 1 120 ? 10.674  2.026   4.467   1.00 12.35 ? 120 THR A C   1 
ATOM   820  O O   . THR A 1 120 ? 10.464  0.825   4.375   1.00 11.83 ? 120 THR A O   1 
ATOM   821  C CB  . THR A 1 120 ? 12.396  3.106   2.901   1.00 13.14 ? 120 THR A CB  1 
ATOM   822  O OG1 . THR A 1 120 ? 12.544  3.616   1.565   1.00 14.27 ? 120 THR A OG1 1 
ATOM   823  C CG2 . THR A 1 120 ? 13.225  1.820   3.049   1.00 12.44 ? 120 THR A CG2 1 
ATOM   824  N N   . LYS A 1 121 ? 10.699  2.671   5.634   1.00 12.17 ? 121 LYS A N   1 
ATOM   825  C CA  . LYS A 1 121 ? 10.375  1.990   6.907   1.00 12.71 ? 121 LYS A CA  1 
ATOM   826  C C   . LYS A 1 121 ? 8.928   1.502   6.940   1.00 12.14 ? 121 LYS A C   1 
ATOM   827  O O   . LYS A 1 121 ? 8.662   0.388   7.363   1.00 12.44 ? 121 LYS A O   1 
ATOM   828  C CB  . LYS A 1 121 ? 10.618  2.888   8.125   1.00 12.72 ? 121 LYS A CB  1 
ATOM   829  C CG  . LYS A 1 121 ? 12.065  3.300   8.381   1.00 14.63 ? 121 LYS A CG  1 
ATOM   830  C CD  . LYS A 1 121 ? 12.082  4.517   9.316   1.00 19.01 ? 121 LYS A CD  1 
ATOM   831  C CE  . LYS A 1 121 ? 13.489  5.075   9.498   1.00 22.63 ? 121 LYS A CE  1 
ATOM   832  N NZ  . LYS A 1 121 ? 14.312  4.195   10.368  1.00 22.75 ? 121 LYS A NZ  1 
ATOM   833  N N   . LEU A 1 122 ? 7.999   2.336   6.476   1.00 11.86 ? 122 LEU A N   1 
ATOM   834  C CA  . LEU A 1 122 ? 6.597   1.951   6.389   1.00 11.59 ? 122 LEU A CA  1 
ATOM   835  C C   . LEU A 1 122 ? 6.447   0.674   5.531   1.00 11.65 ? 122 LEU A C   1 
ATOM   836  O O   . LEU A 1 122 ? 5.854   -0.312  5.975   1.00 11.06 ? 122 LEU A O   1 
ATOM   837  C CB  . LEU A 1 122 ? 5.752   3.117   5.838   1.00 11.39 ? 122 LEU A CB  1 
ATOM   838  C CG  . LEU A 1 122 ? 4.213   3.118   5.933   1.00 10.95 ? 122 LEU A CG  1 
ATOM   839  C CD1 . LEU A 1 122 ? 3.626   4.376   5.261   1.00 8.56  ? 122 LEU A CD1 1 
ATOM   840  C CD2 . LEU A 1 122 ? 3.571   1.869   5.337   1.00 9.25  ? 122 LEU A CD2 1 
ATOM   841  N N   . VAL A 1 123 ? 6.993   0.694   4.314   1.00 11.96 ? 123 VAL A N   1 
ATOM   842  C CA  . VAL A 1 123 ? 6.953   -0.488  3.429   1.00 12.42 ? 123 VAL A CA  1 
ATOM   843  C C   . VAL A 1 123 ? 7.618   -1.720  4.088   1.00 12.92 ? 123 VAL A C   1 
ATOM   844  O O   . VAL A 1 123 ? 7.027   -2.811  4.107   1.00 13.50 ? 123 VAL A O   1 
ATOM   845  C CB  . VAL A 1 123 ? 7.540   -0.176  2.010   1.00 12.24 ? 123 VAL A CB  1 
ATOM   846  C CG1 . VAL A 1 123 ? 7.537   -1.406  1.117   1.00 11.91 ? 123 VAL A CG1 1 
ATOM   847  C CG2 . VAL A 1 123 ? 6.748   0.939   1.337   1.00 12.70 ? 123 VAL A CG2 1 
ATOM   848  N N   . ARG A 1 124 ? 8.816   -1.545  4.655   1.00 13.05 ? 124 ARG A N   1 
ATOM   849  C CA  . ARG A 1 124 ? 9.489   -2.645  5.363   1.00 13.60 ? 124 ARG A CA  1 
ATOM   850  C C   . ARG A 1 124 ? 8.632   -3.253  6.493   1.00 12.90 ? 124 ARG A C   1 
ATOM   851  O O   . ARG A 1 124 ? 8.559   -4.492  6.630   1.00 13.06 ? 124 ARG A O   1 
ATOM   852  C CB  . ARG A 1 124 ? 10.883  -2.238  5.871   1.00 14.26 ? 124 ARG A CB  1 
ATOM   853  C CG  . ARG A 1 124 ? 11.927  -2.044  4.751   1.00 17.25 ? 124 ARG A CG  1 
ATOM   854  C CD  . ARG A 1 124 ? 13.346  -2.257  5.270   1.00 24.19 ? 124 ARG A CD  1 
ATOM   855  N NE  . ARG A 1 124 ? 14.386  -2.102  4.239   1.00 29.40 ? 124 ARG A NE  1 
ATOM   856  C CZ  . ARG A 1 124 ? 14.700  -3.009  3.301   1.00 31.43 ? 124 ARG A CZ  1 
ATOM   857  N NH1 . ARG A 1 124 ? 14.045  -4.165  3.203   1.00 31.73 ? 124 ARG A NH1 1 
ATOM   858  N NH2 . ARG A 1 124 ? 15.672  -2.752  2.432   1.00 30.60 ? 124 ARG A NH2 1 
ATOM   859  N N   . ALA A 1 125 ? 7.958   -2.391  7.258   1.00 11.67 ? 125 ALA A N   1 
ATOM   860  C CA  . ALA A 1 125 ? 7.034   -2.823  8.322   1.00 11.00 ? 125 ALA A CA  1 
ATOM   861  C C   . ALA A 1 125 ? 5.836   -3.607  7.762   1.00 10.97 ? 125 ALA A C   1 
ATOM   862  O O   . ALA A 1 125 ? 5.416   -4.630  8.335   1.00 11.14 ? 125 ALA A O   1 
ATOM   863  C CB  . ALA A 1 125 ? 6.556   -1.607  9.146   1.00 9.94  ? 125 ALA A CB  1 
ATOM   864  N N   . LEU A 1 126 ? 5.311   -3.141  6.627   1.00 10.84 ? 126 LEU A N   1 
ATOM   865  C CA  . LEU A 1 126 ? 4.131   -3.737  6.006   1.00 11.03 ? 126 LEU A CA  1 
ATOM   866  C C   . LEU A 1 126 ? 4.462   -5.083  5.344   1.00 10.72 ? 126 LEU A C   1 
ATOM   867  O O   . LEU A 1 126 ? 3.685   -6.037  5.453   1.00 10.62 ? 126 LEU A O   1 
ATOM   868  C CB  . LEU A 1 126 ? 3.497   -2.740  5.027   1.00 10.96 ? 126 LEU A CB  1 
ATOM   869  C CG  . LEU A 1 126 ? 2.263   -3.071  4.186   1.00 11.71 ? 126 LEU A CG  1 
ATOM   870  C CD1 . LEU A 1 126 ? 1.068   -3.528  5.032   1.00 13.19 ? 126 LEU A CD1 1 
ATOM   871  C CD2 . LEU A 1 126 ? 1.893   -1.852  3.347   1.00 12.79 ? 126 LEU A CD2 1 
ATOM   872  N N   . VAL A 1 127 ? 5.628   -5.162  4.703   1.00 10.37 ? 127 VAL A N   1 
ATOM   873  C CA  . VAL A 1 127 ? 6.152   -6.434  4.177   1.00 10.72 ? 127 VAL A CA  1 
ATOM   874  C C   . VAL A 1 127 ? 6.348   -7.516  5.276   1.00 11.01 ? 127 VAL A C   1 
ATOM   875  O O   . VAL A 1 127 ? 5.964   -8.665  5.076   1.00 10.40 ? 127 VAL A O   1 
ATOM   876  C CB  . VAL A 1 127 ? 7.485   -6.218  3.385   1.00 10.79 ? 127 VAL A CB  1 
ATOM   877  C CG1 . VAL A 1 127 ? 8.174   -7.539  3.081   1.00 9.47  ? 127 VAL A CG1 1 
ATOM   878  C CG2 . VAL A 1 127 ? 7.222   -5.418  2.103   1.00 10.55 ? 127 VAL A CG2 1 
ATOM   879  N N   . GLU A 1 128 ? 6.936   -7.130  6.416   1.00 11.35 ? 128 GLU A N   1 
ATOM   880  C CA  . GLU A 1 128 ? 7.143   -8.037  7.555   1.00 12.59 ? 128 GLU A CA  1 
ATOM   881  C C   . GLU A 1 128 ? 5.829   -8.567  8.145   1.00 12.10 ? 128 GLU A C   1 
ATOM   882  O O   . GLU A 1 128 ? 5.682   -9.772  8.408   1.00 12.15 ? 128 GLU A O   1 
ATOM   883  C CB  . GLU A 1 128 ? 7.983   -7.363  8.658   1.00 12.58 ? 128 GLU A CB  1 
ATOM   884  C CG  . GLU A 1 128 ? 8.226   -8.266  9.865   1.00 14.50 ? 128 GLU A CG  1 
ATOM   885  C CD  . GLU A 1 128 ? 9.093   -7.636  10.943  1.00 15.45 ? 128 GLU A CD  1 
ATOM   886  O OE1 . GLU A 1 128 ? 10.164  -7.071  10.602  1.00 19.20 ? 128 GLU A OE1 1 
ATOM   887  O OE2 . GLU A 1 128 ? 8.716   -7.734  12.136  1.00 15.11 ? 128 GLU A OE2 1 
ATOM   888  N N   . LEU A 1 129 ? 4.880   -7.660  8.351   1.00 11.95 ? 129 LEU A N   1 
ATOM   889  C CA  . LEU A 1 129 ? 3.547   -8.025  8.822   1.00 11.55 ? 129 LEU A CA  1 
ATOM   890  C C   . LEU A 1 129 ? 2.856   -9.036  7.901   1.00 11.04 ? 129 LEU A C   1 
ATOM   891  O O   . LEU A 1 129 ? 2.252   -10.002 8.375   1.00 11.36 ? 129 LEU A O   1 
ATOM   892  C CB  . LEU A 1 129 ? 2.681   -6.764  8.980   1.00 11.92 ? 129 LEU A CB  1 
ATOM   893  C CG  . LEU A 1 129 ? 1.162   -6.921  9.086   1.00 12.63 ? 129 LEU A CG  1 
ATOM   894  C CD1 . LEU A 1 129 ? 0.808   -7.629  10.399  1.00 14.42 ? 129 LEU A CD1 1 
ATOM   895  C CD2 . LEU A 1 129 ? 0.532   -5.564  9.028   1.00 13.71 ? 129 LEU A CD2 1 
ATOM   896  N N   . LEU A 1 130 ? 2.938   -8.797  6.592   1.00 10.43 ? 130 LEU A N   1 
ATOM   897  C CA  . LEU A 1 130 ? 2.294   -9.655  5.598   1.00 9.22  ? 130 LEU A CA  1 
ATOM   898  C C   . LEU A 1 130 ? 2.924   -11.041 5.492   1.00 8.60  ? 130 LEU A C   1 
ATOM   899  O O   . LEU A 1 130 ? 2.209   -12.039 5.342   1.00 8.48  ? 130 LEU A O   1 
ATOM   900  C CB  . LEU A 1 130 ? 2.245   -8.968  4.232   1.00 8.98  ? 130 LEU A CB  1 
ATOM   901  C CG  . LEU A 1 130 ? 1.259   -7.799  4.076   1.00 8.73  ? 130 LEU A CG  1 
ATOM   902  C CD1 . LEU A 1 130 ? 1.552   -7.039  2.763   1.00 7.76  ? 130 LEU A CD1 1 
ATOM   903  C CD2 . LEU A 1 130 ? -0.199  -8.251  4.136   1.00 5.79  ? 130 LEU A CD2 1 
ATOM   904  N N   . PHE A 1 131 ? 4.249   -11.118 5.580   1.00 7.45  ? 131 PHE A N   1 
ATOM   905  C CA  . PHE A 1 131 ? 4.898   -12.421 5.594   1.00 7.24  ? 131 PHE A CA  1 
ATOM   906  C C   . PHE A 1 131 ? 4.669   -13.189 6.906   1.00 7.60  ? 131 PHE A C   1 
ATOM   907  O O   . PHE A 1 131 ? 4.942   -14.389 6.983   1.00 7.80  ? 131 PHE A O   1 
ATOM   908  C CB  . PHE A 1 131 ? 6.388   -12.329 5.224   1.00 7.10  ? 131 PHE A CB  1 
ATOM   909  C CG  . PHE A 1 131 ? 6.631   -12.164 3.745   1.00 5.66  ? 131 PHE A CG  1 
ATOM   910  C CD1 . PHE A 1 131 ? 5.998   -12.995 2.825   1.00 3.94  ? 131 PHE A CD1 1 
ATOM   911  C CD2 . PHE A 1 131 ? 7.502   -11.186 3.273   1.00 5.47  ? 131 PHE A CD2 1 
ATOM   912  C CE1 . PHE A 1 131 ? 6.218   -12.850 1.471   1.00 4.12  ? 131 PHE A CE1 1 
ATOM   913  C CE2 . PHE A 1 131 ? 7.737   -11.040 1.904   1.00 2.99  ? 131 PHE A CE2 1 
ATOM   914  C CZ  . PHE A 1 131 ? 7.093   -11.866 1.007   1.00 4.40  ? 131 PHE A CZ  1 
ATOM   915  N N   . ASN A 1 132 ? 4.146   -12.494 7.916   1.00 8.02  ? 132 ASN A N   1 
ATOM   916  C CA  . ASN A 1 132 ? 3.686   -13.136 9.142   1.00 8.49  ? 132 ASN A CA  1 
ATOM   917  C C   . ASN A 1 132 ? 2.362   -13.872 8.970   1.00 8.83  ? 132 ASN A C   1 
ATOM   918  O O   . ASN A 1 132 ? 1.938   -14.588 9.874   1.00 9.15  ? 132 ASN A O   1 
ATOM   919  C CB  . ASN A 1 132 ? 3.669   -12.161 10.334  1.00 8.22  ? 132 ASN A CB  1 
ATOM   920  C CG  . ASN A 1 132 ? 5.066   -11.925 10.911  1.00 7.87  ? 132 ASN A CG  1 
ATOM   921  O OD1 . ASN A 1 132 ? 5.369   -10.856 11.472  1.00 10.09 ? 132 ASN A OD1 1 
ATOM   922  N ND2 . ASN A 1 132 ? 5.926   -12.912 10.766  1.00 4.54  ? 132 ASN A ND2 1 
ATOM   923  N N   . ASP A 1 133 ? 1.724   -13.695 7.812   1.00 9.16  ? 133 ASP A N   1 
ATOM   924  C CA  . ASP A 1 133 ? 0.678   -14.610 7.351   1.00 9.61  ? 133 ASP A CA  1 
ATOM   925  C C   . ASP A 1 133 ? 1.387   -15.792 6.678   1.00 9.95  ? 133 ASP A C   1 
ATOM   926  O O   . ASP A 1 133 ? 1.994   -15.629 5.618   1.00 9.82  ? 133 ASP A O   1 
ATOM   927  C CB  . ASP A 1 133 ? -0.298  -13.919 6.389   1.00 9.50  ? 133 ASP A CB  1 
ATOM   928  C CG  . ASP A 1 133 ? -1.421  -14.831 5.927   1.00 10.05 ? 133 ASP A CG  1 
ATOM   929  O OD1 . ASP A 1 133 ? -1.346  -16.055 6.149   1.00 13.37 ? 133 ASP A OD1 1 
ATOM   930  O OD2 . ASP A 1 133 ? -2.398  -14.341 5.329   1.00 10.31 ? 133 ASP A OD2 1 
ATOM   931  N N   . PRO A 1 134 ? 1.357   -16.976 7.324   1.00 10.51 ? 134 PRO A N   1 
ATOM   932  C CA  . PRO A 1 134 ? 2.123   -18.125 6.807   1.00 10.94 ? 134 PRO A CA  1 
ATOM   933  C C   . PRO A 1 134 ? 1.718   -18.538 5.391   1.00 11.57 ? 134 PRO A C   1 
ATOM   934  O O   . PRO A 1 134 ? 2.523   -19.127 4.663   1.00 11.75 ? 134 PRO A O   1 
ATOM   935  C CB  . PRO A 1 134 ? 1.828   -19.252 7.819   1.00 10.84 ? 134 PRO A CB  1 
ATOM   936  C CG  . PRO A 1 134 ? 0.629   -18.777 8.614   1.00 10.34 ? 134 PRO A CG  1 
ATOM   937  C CD  . PRO A 1 134 ? 0.657   -17.287 8.594   1.00 9.97  ? 134 PRO A CD  1 
ATOM   938  N N   . GLU A 1 135 ? 0.488   -18.202 5.010   1.00 11.65 ? 135 GLU A N   1 
ATOM   939  C CA  . GLU A 1 135 ? -0.045  -18.533 3.694   1.00 12.10 ? 135 GLU A CA  1 
ATOM   940  C C   . GLU A 1 135 ? 0.437   -17.609 2.575   1.00 11.33 ? 135 GLU A C   1 
ATOM   941  O O   . GLU A 1 135 ? 0.239   -17.912 1.404   1.00 11.59 ? 135 GLU A O   1 
ATOM   942  C CB  . GLU A 1 135 ? -1.582  -18.583 3.742   1.00 11.95 ? 135 GLU A CB  1 
ATOM   943  C CG  . GLU A 1 135 ? -2.120  -19.832 4.444   1.00 13.22 ? 135 GLU A CG  1 
ATOM   944  C CD  . GLU A 1 135 ? -3.627  -19.816 4.649   1.00 15.76 ? 135 GLU A CD  1 
ATOM   945  O OE1 . GLU A 1 135 ? -4.289  -18.875 4.150   1.00 17.10 ? 135 GLU A OE1 1 
ATOM   946  O OE2 . GLU A 1 135 ? -4.157  -20.755 5.313   1.00 19.01 ? 135 GLU A OE2 1 
ATOM   947  N N   . VAL A 1 136 ? 1.077   -16.498 2.940   1.00 10.76 ? 136 VAL A N   1 
ATOM   948  C CA  . VAL A 1 136 ? 1.561   -15.510 1.971   1.00 9.85  ? 136 VAL A CA  1 
ATOM   949  C C   . VAL A 1 136 ? 2.875   -15.943 1.317   1.00 9.68  ? 136 VAL A C   1 
ATOM   950  O O   . VAL A 1 136 ? 3.801   -16.341 1.999   1.00 9.04  ? 136 VAL A O   1 
ATOM   951  C CB  . VAL A 1 136 ? 1.711   -14.112 2.619   1.00 10.00 ? 136 VAL A CB  1 
ATOM   952  C CG1 . VAL A 1 136 ? 2.478   -13.162 1.707   1.00 8.60  ? 136 VAL A CG1 1 
ATOM   953  C CG2 . VAL A 1 136 ? 0.351   -13.558 2.972   1.00 7.99  ? 136 VAL A CG2 1 
ATOM   954  N N   . THR A 1 137 ? 2.922   -15.854 -0.013  1.00 9.81  ? 137 THR A N   1 
ATOM   955  C CA  . THR A 1 137 ? 4.039   -16.327 -0.830  1.00 9.70  ? 137 THR A CA  1 
ATOM   956  C C   . THR A 1 137 ? 4.877   -15.174 -1.420  1.00 9.74  ? 137 THR A C   1 
ATOM   957  O O   . THR A 1 137 ? 6.088   -15.308 -1.618  1.00 9.31  ? 137 THR A O   1 
ATOM   958  C CB  . THR A 1 137 ? 3.512   -17.162 -2.033  1.00 9.86  ? 137 THR A CB  1 
ATOM   959  O OG1 . THR A 1 137 ? 2.556   -16.377 -2.750  1.00 10.65 ? 137 THR A OG1 1 
ATOM   960  C CG2 . THR A 1 137 ? 2.842   -18.460 -1.574  1.00 7.51  ? 137 THR A CG2 1 
ATOM   961  N N   . LYS A 1 138 ? 4.221   -14.047 -1.694  1.00 9.52  ? 138 LYS A N   1 
ATOM   962  C CA  . LYS A 1 138 ? 4.824   -12.977 -2.483  1.00 9.73  ? 138 LYS A CA  1 
ATOM   963  C C   . LYS A 1 138 ? 4.046   -11.671 -2.283  1.00 9.08  ? 138 LYS A C   1 
ATOM   964  O O   . LYS A 1 138 ? 2.825   -11.690 -2.217  1.00 8.68  ? 138 LYS A O   1 
ATOM   965  C CB  . LYS A 1 138 ? 4.783   -13.405 -3.959  1.00 9.98  ? 138 LYS A CB  1 
ATOM   966  C CG  . LYS A 1 138 ? 5.686   -12.660 -4.887  1.00 12.18 ? 138 LYS A CG  1 
ATOM   967  C CD  . LYS A 1 138 ? 5.631   -13.278 -6.280  1.00 14.72 ? 138 LYS A CD  1 
ATOM   968  C CE  . LYS A 1 138 ? 4.487   -12.695 -7.103  1.00 17.51 ? 138 LYS A CE  1 
ATOM   969  N NZ  . LYS A 1 138 ? 4.107   -13.591 -8.235  1.00 19.24 ? 138 LYS A NZ  1 
ATOM   970  N N   . ILE A 1 139 ? 4.763   -10.548 -2.194  1.00 9.04  ? 139 ILE A N   1 
ATOM   971  C CA  . ILE A 1 139 ? 4.169   -9.206  -2.173  1.00 8.49  ? 139 ILE A CA  1 
ATOM   972  C C   . ILE A 1 139 ? 4.393   -8.503  -3.500  1.00 8.78  ? 139 ILE A C   1 
ATOM   973  O O   . ILE A 1 139 ? 5.482   -8.567  -4.080  1.00 9.21  ? 139 ILE A O   1 
ATOM   974  C CB  . ILE A 1 139 ? 4.743   -8.282  -1.041  1.00 8.68  ? 139 ILE A CB  1 
ATOM   975  C CG1 . ILE A 1 139 ? 4.983   -9.037  0.284   1.00 8.98  ? 139 ILE A CG1 1 
ATOM   976  C CG2 . ILE A 1 139 ? 3.840   -7.024  -0.825  1.00 6.54  ? 139 ILE A CG2 1 
ATOM   977  C CD1 . ILE A 1 139 ? 3.743   -9.604  0.938   1.00 9.53  ? 139 ILE A CD1 1 
ATOM   978  N N   . GLN A 1 140 ? 3.361   -7.819  -3.977  1.00 9.14  ? 140 GLN A N   1 
ATOM   979  C CA  . GLN A 1 140 ? 3.458   -7.019  -5.204  1.00 8.74  ? 140 GLN A CA  1 
ATOM   980  C C   . GLN A 1 140 ? 3.125   -5.565  -4.927  1.00 9.06  ? 140 GLN A C   1 
ATOM   981  O O   . GLN A 1 140 ? 2.508   -5.226  -3.907  1.00 8.88  ? 140 GLN A O   1 
ATOM   982  C CB  . GLN A 1 140 ? 2.539   -7.562  -6.299  1.00 8.49  ? 140 GLN A CB  1 
ATOM   983  C CG  . GLN A 1 140 ? 1.068   -7.473  -5.955  1.00 8.03  ? 140 GLN A CG  1 
ATOM   984  C CD  . GLN A 1 140 ? 0.151   -7.917  -7.078  1.00 7.77  ? 140 GLN A CD  1 
ATOM   985  O OE1 . GLN A 1 140 ? -0.879  -7.291  -7.331  1.00 8.31  ? 140 GLN A OE1 1 
ATOM   986  N NE2 . GLN A 1 140 ? 0.510   -9.000  -7.746  1.00 4.24  ? 140 GLN A NE2 1 
ATOM   987  N N   . THR A 1 141 ? 3.583   -4.708  -5.826  1.00 9.50  ? 141 THR A N   1 
ATOM   988  C CA  . THR A 1 141 ? 3.189   -3.306  -5.865  1.00 10.31 ? 141 THR A CA  1 
ATOM   989  C C   . THR A 1 141 ? 3.114   -2.915  -7.335  1.00 9.76  ? 141 THR A C   1 
ATOM   990  O O   . THR A 1 141 ? 3.771   -3.527  -8.193  1.00 9.54  ? 141 THR A O   1 
ATOM   991  C CB  . THR A 1 141 ? 4.182   -2.361  -5.136  1.00 10.29 ? 141 THR A CB  1 
ATOM   992  O OG1 . THR A 1 141 ? 5.396   -2.255  -5.884  1.00 13.27 ? 141 THR A OG1 1 
ATOM   993  C CG2 . THR A 1 141 ? 4.546   -2.883  -3.788  1.00 12.72 ? 141 THR A CG2 1 
ATOM   994  N N   . ASP A 1 142 ? 2.333   -1.875  -7.606  1.00 9.43  ? 142 ASP A N   1 
ATOM   995  C CA  . ASP A 1 142 ? 2.059   -1.423  -8.964  1.00 8.81  ? 142 ASP A CA  1 
ATOM   996  C C   . ASP A 1 142 ? 2.093   0.113   -9.077  1.00 8.38  ? 142 ASP A C   1 
ATOM   997  O O   . ASP A 1 142 ? 1.092   0.721   -9.436  1.00 7.92  ? 142 ASP A O   1 
ATOM   998  C CB  . ASP A 1 142 ? 0.683   -1.951  -9.397  1.00 9.03  ? 142 ASP A CB  1 
ATOM   999  C CG  . ASP A 1 142 ? -0.464  -1.339  -8.589  1.00 10.16 ? 142 ASP A CG  1 
ATOM   1000 O OD1 . ASP A 1 142 ? -0.263  -0.969  -7.412  1.00 11.12 ? 142 ASP A OD1 1 
ATOM   1001 O OD2 . ASP A 1 142 ? -1.576  -1.209  -9.134  1.00 13.18 ? 142 ASP A OD2 1 
ATOM   1002 N N   . PRO A 1 143 ? 3.240   0.743   -8.769  1.00 8.21  ? 143 PRO A N   1 
ATOM   1003 C CA  . PRO A 1 143 ? 3.328   2.180   -8.986  1.00 8.36  ? 143 PRO A CA  1 
ATOM   1004 C C   . PRO A 1 143 ? 3.196   2.504   -10.477 1.00 8.40  ? 143 PRO A C   1 
ATOM   1005 O O   . PRO A 1 143 ? 3.547   1.678   -11.331 1.00 8.48  ? 143 PRO A O   1 
ATOM   1006 C CB  . PRO A 1 143 ? 4.742   2.514   -8.501  1.00 8.59  ? 143 PRO A CB  1 
ATOM   1007 C CG  . PRO A 1 143 ? 5.501   1.214   -8.657  1.00 7.75  ? 143 PRO A CG  1 
ATOM   1008 C CD  . PRO A 1 143 ? 4.510   0.194   -8.255  1.00 8.36  ? 143 PRO A CD  1 
ATOM   1009 N N   . SER A 1 144 ? 2.656   3.675   -10.783 1.00 8.37  ? 144 SER A N   1 
ATOM   1010 C CA  . SER A 1 144 ? 2.581   4.148   -12.158 1.00 8.41  ? 144 SER A CA  1 
ATOM   1011 C C   . SER A 1 144 ? 3.995   4.502   -12.650 1.00 8.44  ? 144 SER A C   1 
ATOM   1012 O O   . SER A 1 144 ? 4.856   4.876   -11.842 1.00 8.45  ? 144 SER A O   1 
ATOM   1013 C CB  . SER A 1 144 ? 1.662   5.368   -12.241 1.00 8.33  ? 144 SER A CB  1 
ATOM   1014 O OG  . SER A 1 144 ? 2.366   6.559   -11.936 1.00 8.16  ? 144 SER A OG  1 
ATOM   1015 N N   . PRO A 1 145 ? 4.245   4.379   -13.968 1.00 8.73  ? 145 PRO A N   1 
ATOM   1016 C CA  . PRO A 1 145 ? 5.588   4.649   -14.526 1.00 8.81  ? 145 PRO A CA  1 
ATOM   1017 C C   . PRO A 1 145 ? 6.139   6.051   -14.233 1.00 9.17  ? 145 PRO A C   1 
ATOM   1018 O O   . PRO A 1 145 ? 7.356   6.223   -14.121 1.00 8.49  ? 145 PRO A O   1 
ATOM   1019 C CB  . PRO A 1 145 ? 5.390   4.471   -16.034 1.00 9.27  ? 145 PRO A CB  1 
ATOM   1020 C CG  . PRO A 1 145 ? 4.093   3.722   -16.202 1.00 8.50  ? 145 PRO A CG  1 
ATOM   1021 C CD  . PRO A 1 145 ? 3.273   3.951   -14.997 1.00 8.78  ? 145 PRO A CD  1 
ATOM   1022 N N   . SER A 1 146 ? 5.248   7.044   -14.132 1.00 9.65  ? 146 SER A N   1 
ATOM   1023 C CA  . SER A 1 146 ? 5.633   8.424   -13.807 1.00 9.90  ? 146 SER A CA  1 
ATOM   1024 C C   . SER A 1 146 ? 6.127   8.584   -12.367 1.00 9.78  ? 146 SER A C   1 
ATOM   1025 O O   . SER A 1 146 ? 6.856   9.530   -12.063 1.00 10.03 ? 146 SER A O   1 
ATOM   1026 C CB  . SER A 1 146 ? 4.454   9.390   -14.049 1.00 10.10 ? 146 SER A CB  1 
ATOM   1027 O OG  . SER A 1 146 ? 4.065   9.404   -15.421 1.00 11.35 ? 146 SER A OG  1 
ATOM   1028 N N   . ASN A 1 147 ? 5.725   7.662   -11.494 1.00 9.34  ? 147 ASN A N   1 
ATOM   1029 C CA  . ASN A 1 147 ? 5.957   7.771   -10.059 1.00 9.13  ? 147 ASN A CA  1 
ATOM   1030 C C   . ASN A 1 147 ? 7.309   7.166   -9.624  1.00 9.43  ? 147 ASN A C   1 
ATOM   1031 O O   . ASN A 1 147 ? 7.360   6.180   -8.866  1.00 9.77  ? 147 ASN A O   1 
ATOM   1032 C CB  . ASN A 1 147 ? 4.781   7.134   -9.295  1.00 8.46  ? 147 ASN A CB  1 
ATOM   1033 C CG  . ASN A 1 147 ? 4.630   7.675   -7.862  1.00 8.73  ? 147 ASN A CG  1 
ATOM   1034 O OD1 . ASN A 1 147 ? 5.481   8.432   -7.346  1.00 7.80  ? 147 ASN A OD1 1 
ATOM   1035 N ND2 . ASN A 1 147 ? 3.538   7.277   -7.211  1.00 6.86  ? 147 ASN A ND2 1 
ATOM   1036 N N   . LEU A 1 148 ? 8.387   7.796   -10.092 1.00 9.25  ? 148 LEU A N   1 
ATOM   1037 C CA  . LEU A 1 148 ? 9.765   7.379   -9.840  1.00 9.49  ? 148 LEU A CA  1 
ATOM   1038 C C   . LEU A 1 148 ? 10.157  7.359   -8.372  1.00 9.65  ? 148 LEU A C   1 
ATOM   1039 O O   . LEU A 1 148 ? 10.957  6.539   -7.966  1.00 10.60 ? 148 LEU A O   1 
ATOM   1040 C CB  . LEU A 1 148 ? 10.748  8.269   -10.625 1.00 8.85  ? 148 LEU A CB  1 
ATOM   1041 C CG  . LEU A 1 148 ? 10.579  8.353   -12.139 1.00 10.37 ? 148 LEU A CG  1 
ATOM   1042 C CD1 . LEU A 1 148 ? 11.379  9.511   -12.730 1.00 12.07 ? 148 LEU A CD1 1 
ATOM   1043 C CD2 . LEU A 1 148 ? 10.967  7.033   -12.817 1.00 10.33 ? 148 LEU A CD2 1 
ATOM   1044 N N   . ARG A 1 149 ? 9.619   8.272   -7.578  1.00 10.16 ? 149 ARG A N   1 
ATOM   1045 C CA  . ARG A 1 149 ? 9.900   8.289   -6.142  1.00 10.78 ? 149 ARG A CA  1 
ATOM   1046 C C   . ARG A 1 149 ? 9.319   7.065   -5.423  1.00 10.13 ? 149 ARG A C   1 
ATOM   1047 O O   . ARG A 1 149 ? 9.993   6.466   -4.605  1.00 10.46 ? 149 ARG A O   1 
ATOM   1048 C CB  . ARG A 1 149 ? 9.427   9.604   -5.504  1.00 10.71 ? 149 ARG A CB  1 
ATOM   1049 C CG  . ARG A 1 149 ? 9.624   9.680   -3.980  1.00 12.73 ? 149 ARG A CG  1 
ATOM   1050 C CD  . ARG A 1 149 ? 9.030   10.954  -3.379  1.00 13.12 ? 149 ARG A CD  1 
ATOM   1051 N NE  . ARG A 1 149 ? 7.606   11.102  -3.709  1.00 15.70 ? 149 ARG A NE  1 
ATOM   1052 C CZ  . ARG A 1 149 ? 6.961   12.265  -3.722  1.00 15.89 ? 149 ARG A CZ  1 
ATOM   1053 N NH1 . ARG A 1 149 ? 7.621   13.378  -3.414  1.00 17.17 ? 149 ARG A NH1 1 
ATOM   1054 N NH2 . ARG A 1 149 ? 5.667   12.318  -4.037  1.00 15.19 ? 149 ARG A NH2 1 
ATOM   1055 N N   . ALA A 1 150 ? 8.080   6.695   -5.738  1.00 10.06 ? 150 ALA A N   1 
ATOM   1056 C CA  . ALA A 1 150 ? 7.475   5.459   -5.221  1.00 9.71  ? 150 ALA A CA  1 
ATOM   1057 C C   . ALA A 1 150 ? 8.245   4.214   -5.664  1.00 9.95  ? 150 ALA A C   1 
ATOM   1058 O O   . ALA A 1 150 ? 8.514   3.336   -4.843  1.00 9.95  ? 150 ALA A O   1 
ATOM   1059 C CB  . ALA A 1 150 ? 5.995   5.357   -5.605  1.00 9.19  ? 150 ALA A CB  1 
ATOM   1060 N N   . ILE A 1 151 ? 8.623   4.154   -6.945  1.00 10.38 ? 151 ILE A N   1 
ATOM   1061 C CA  . ILE A 1 151 ? 9.425   3.038   -7.482  1.00 10.59 ? 151 ILE A CA  1 
ATOM   1062 C C   . ILE A 1 151 ? 10.761  2.892   -6.742  1.00 11.18 ? 151 ILE A C   1 
ATOM   1063 O O   . ILE A 1 151 ? 11.135  1.786   -6.349  1.00 10.96 ? 151 ILE A O   1 
ATOM   1064 C CB  . ILE A 1 151 ? 9.644   3.164   -9.023  1.00 10.72 ? 151 ILE A CB  1 
ATOM   1065 C CG1 . ILE A 1 151 ? 8.316   3.008   -9.770  1.00 9.61  ? 151 ILE A CG1 1 
ATOM   1066 C CG2 . ILE A 1 151 ? 10.678  2.157   -9.529  1.00 10.03 ? 151 ILE A CG2 1 
ATOM   1067 C CD1 . ILE A 1 151 ? 8.318   3.647   -11.148 1.00 10.36 ? 151 ILE A CD1 1 
ATOM   1068 N N   . ARG A 1 152 ? 11.450  4.010   -6.514  1.00 12.14 ? 152 ARG A N   1 
ATOM   1069 C CA  . ARG A 1 152 ? 12.718  4.001   -5.769  1.00 13.33 ? 152 ARG A CA  1 
ATOM   1070 C C   . ARG A 1 152 ? 12.581  3.571   -4.297  1.00 13.49 ? 152 ARG A C   1 
ATOM   1071 O O   . ARG A 1 152 ? 13.314  2.702   -3.829  1.00 13.71 ? 152 ARG A O   1 
ATOM   1072 C CB  . ARG A 1 152 ? 13.431  5.349   -5.889  1.00 13.68 ? 152 ARG A CB  1 
ATOM   1073 C CG  . ARG A 1 152 ? 14.790  5.411   -5.164  1.00 17.30 ? 152 ARG A CG  1 
ATOM   1074 C CD  . ARG A 1 152 ? 15.765  4.311   -5.622  1.00 22.56 ? 152 ARG A CD  1 
ATOM   1075 N NE  . ARG A 1 152 ? 16.906  4.193   -4.721  1.00 26.85 ? 152 ARG A NE  1 
ATOM   1076 C CZ  . ARG A 1 152 ? 17.657  3.099   -4.588  1.00 30.81 ? 152 ARG A CZ  1 
ATOM   1077 N NH1 . ARG A 1 152 ? 17.386  1.997   -5.295  1.00 30.75 ? 152 ARG A NH1 1 
ATOM   1078 N NH2 . ARG A 1 152 ? 18.682  3.105   -3.728  1.00 31.68 ? 152 ARG A NH2 1 
ATOM   1079 N N   . CYS A 1 153 ? 11.647  4.188   -3.577  1.00 14.02 ? 153 CYS A N   1 
ATOM   1080 C CA  . CYS A 1 153 ? 11.242  3.750   -2.238  1.00 14.15 ? 153 CYS A CA  1 
ATOM   1081 C C   . CYS A 1 153 ? 10.962  2.223   -2.131  1.00 14.18 ? 153 CYS A C   1 
ATOM   1082 O O   . CYS A 1 153 ? 11.429  1.562   -1.186  1.00 14.26 ? 153 CYS A O   1 
ATOM   1083 C CB  . CYS A 1 153 ? 10.019  4.557   -1.791  1.00 14.12 ? 153 CYS A CB  1 
ATOM   1084 S SG  . CYS A 1 153 ? 9.195   3.896   -0.321  1.00 15.28 ? 153 CYS A SG  1 
ATOM   1085 N N   . TYR A 1 154 ? 10.216  1.674   -3.093  1.00 13.77 ? 154 TYR A N   1 
ATOM   1086 C CA  . TYR A 1 154 ? 9.938   0.241   -3.118  1.00 14.32 ? 154 TYR A CA  1 
ATOM   1087 C C   . TYR A 1 154 ? 11.191  -0.625  -3.340  1.00 14.51 ? 154 TYR A C   1 
ATOM   1088 O O   . TYR A 1 154 ? 11.356  -1.660  -2.688  1.00 14.69 ? 154 TYR A O   1 
ATOM   1089 C CB  . TYR A 1 154 ? 8.870   -0.091  -4.154  1.00 14.52 ? 154 TYR A CB  1 
ATOM   1090 C CG  . TYR A 1 154 ? 7.460   0.294   -3.766  1.00 14.74 ? 154 TYR A CG  1 
ATOM   1091 C CD1 . TYR A 1 154 ? 6.952   -0.017  -2.503  1.00 14.89 ? 154 TYR A CD1 1 
ATOM   1092 C CD2 . TYR A 1 154 ? 6.615   0.931   -4.684  1.00 14.77 ? 154 TYR A CD2 1 
ATOM   1093 C CE1 . TYR A 1 154 ? 5.648   0.322   -2.150  1.00 16.26 ? 154 TYR A CE1 1 
ATOM   1094 C CE2 . TYR A 1 154 ? 5.307   1.278   -4.347  1.00 14.50 ? 154 TYR A CE2 1 
ATOM   1095 C CZ  . TYR A 1 154 ? 4.827   0.963   -3.078  1.00 16.54 ? 154 TYR A CZ  1 
ATOM   1096 O OH  . TYR A 1 154 ? 3.532   1.286   -2.724  1.00 15.77 ? 154 TYR A OH  1 
ATOM   1097 N N   . GLU A 1 155 ? 12.059  -0.191  -4.251  1.00 14.75 ? 155 GLU A N   1 
ATOM   1098 C CA  . GLU A 1 155 ? 13.366  -0.815  -4.468  1.00 15.54 ? 155 GLU A CA  1 
ATOM   1099 C C   . GLU A 1 155 ? 14.219  -0.889  -3.198  1.00 14.94 ? 155 GLU A C   1 
ATOM   1100 O O   . GLU A 1 155 ? 14.797  -1.922  -2.893  1.00 14.46 ? 155 GLU A O   1 
ATOM   1101 C CB  . GLU A 1 155 ? 14.144  -0.073  -5.562  1.00 15.76 ? 155 GLU A CB  1 
ATOM   1102 C CG  . GLU A 1 155 ? 13.717  -0.447  -6.952  1.00 18.92 ? 155 GLU A CG  1 
ATOM   1103 C CD  . GLU A 1 155 ? 14.601  0.148   -8.020  1.00 24.52 ? 155 GLU A CD  1 
ATOM   1104 O OE1 . GLU A 1 155 ? 15.167  1.254   -7.801  1.00 25.55 ? 155 GLU A OE1 1 
ATOM   1105 O OE2 . GLU A 1 155 ? 14.717  -0.501  -9.097  1.00 27.78 ? 155 GLU A OE2 1 
ATOM   1106 N N   . LYS A 1 156 ? 14.287  0.219   -2.472  1.00 15.14 ? 156 LYS A N   1 
ATOM   1107 C CA  . LYS A 1 156 ? 15.039  0.289   -1.227  1.00 15.38 ? 156 LYS A CA  1 
ATOM   1108 C C   . LYS A 1 156 ? 14.458  -0.648  -0.173  1.00 14.95 ? 156 LYS A C   1 
ATOM   1109 O O   . LYS A 1 156 ? 15.164  -1.069  0.728   1.00 15.37 ? 156 LYS A O   1 
ATOM   1110 C CB  . LYS A 1 156 ? 15.063  1.732   -0.709  1.00 15.52 ? 156 LYS A CB  1 
ATOM   1111 C CG  . LYS A 1 156 ? 16.023  2.637   -1.483  1.00 17.82 ? 156 LYS A CG  1 
ATOM   1112 C CD  . LYS A 1 156 ? 15.674  4.119   -1.328  1.00 20.86 ? 156 LYS A CD  1 
ATOM   1113 C CE  . LYS A 1 156 ? 15.849  4.576   0.096   1.00 23.62 ? 156 LYS A CE  1 
ATOM   1114 N NZ  . LYS A 1 156 ? 15.117  5.850   0.353   1.00 25.19 ? 156 LYS A NZ  1 
ATOM   1115 N N   . ALA A 1 157 ? 13.171  -0.962  -0.302  1.00 14.24 ? 157 ALA A N   1 
ATOM   1116 C CA  . ALA A 1 157 ? 12.471  -1.817  0.636   1.00 13.95 ? 157 ALA A CA  1 
ATOM   1117 C C   . ALA A 1 157 ? 12.492  -3.276  0.205   1.00 13.54 ? 157 ALA A C   1 
ATOM   1118 O O   . ALA A 1 157 ? 11.854  -4.119  0.826   1.00 13.34 ? 157 ALA A O   1 
ATOM   1119 C CB  . ALA A 1 157 ? 11.030  -1.325  0.844   1.00 13.64 ? 157 ALA A CB  1 
ATOM   1120 N N   . GLY A 1 158 ? 13.226  -3.572  -0.866  1.00 13.36 ? 158 GLY A N   1 
ATOM   1121 C CA  . GLY A 1 158 ? 13.471  -4.955  -1.266  1.00 12.14 ? 158 GLY A CA  1 
ATOM   1122 C C   . GLY A 1 158 ? 12.634  -5.435  -2.438  1.00 12.23 ? 158 GLY A C   1 
ATOM   1123 O O   . GLY A 1 158 ? 12.745  -6.597  -2.824  1.00 11.83 ? 158 GLY A O   1 
ATOM   1124 N N   . PHE A 1 159 ? 11.802  -4.557  -3.004  1.00 11.70 ? 159 PHE A N   1 
ATOM   1125 C CA  . PHE A 1 159 ? 11.037  -4.904  -4.203  1.00 12.46 ? 159 PHE A CA  1 
ATOM   1126 C C   . PHE A 1 159 ? 11.878  -4.855  -5.481  1.00 13.44 ? 159 PHE A C   1 
ATOM   1127 O O   . PHE A 1 159 ? 12.736  -3.979  -5.648  1.00 13.32 ? 159 PHE A O   1 
ATOM   1128 C CB  . PHE A 1 159 ? 9.793   -4.014  -4.351  1.00 11.93 ? 159 PHE A CB  1 
ATOM   1129 C CG  . PHE A 1 159 ? 8.705   -4.338  -3.374  1.00 11.19 ? 159 PHE A CG  1 
ATOM   1130 C CD1 . PHE A 1 159 ? 7.642   -5.155  -3.750  1.00 10.06 ? 159 PHE A CD1 1 
ATOM   1131 C CD2 . PHE A 1 159 ? 8.750   -3.841  -2.064  1.00 10.22 ? 159 PHE A CD2 1 
ATOM   1132 C CE1 . PHE A 1 159 ? 6.639   -5.486  -2.846  1.00 8.89  ? 159 PHE A CE1 1 
ATOM   1133 C CE2 . PHE A 1 159 ? 7.762   -4.167  -1.155  1.00 9.91  ? 159 PHE A CE2 1 
ATOM   1134 C CZ  . PHE A 1 159 ? 6.693   -4.991  -1.551  1.00 9.77  ? 159 PHE A CZ  1 
ATOM   1135 N N   . GLU A 1 160 ? 11.611  -5.799  -6.379  1.00 14.30 ? 160 GLU A N   1 
ATOM   1136 C CA  . GLU A 1 160 ? 12.254  -5.852  -7.682  1.00 15.67 ? 160 GLU A CA  1 
ATOM   1137 C C   . GLU A 1 160 ? 11.295  -5.593  -8.835  1.00 14.63 ? 160 GLU A C   1 
ATOM   1138 O O   . GLU A 1 160 ? 10.244  -6.230  -8.932  1.00 13.97 ? 160 GLU A O   1 
ATOM   1139 C CB  . GLU A 1 160 ? 12.912  -7.215  -7.891  1.00 15.67 ? 160 GLU A CB  1 
ATOM   1140 C CG  . GLU A 1 160 ? 14.291  -7.322  -7.279  1.00 19.37 ? 160 GLU A CG  1 
ATOM   1141 C CD  . GLU A 1 160 ? 14.890  -8.723  -7.411  1.00 21.96 ? 160 GLU A CD  1 
ATOM   1142 O OE1 . GLU A 1 160 ? 14.529  -9.478  -8.375  1.00 25.39 ? 160 GLU A OE1 1 
ATOM   1143 O OE2 . GLU A 1 160 ? 15.727  -9.055  -6.541  1.00 25.98 ? 160 GLU A OE2 1 
ATOM   1144 N N   . ARG A 1 161 ? 11.702  -4.684  -9.724  1.00 14.36 ? 161 ARG A N   1 
ATOM   1145 C CA  . ARG A 1 161 ? 10.962  -4.343  -10.942 1.00 14.04 ? 161 ARG A CA  1 
ATOM   1146 C C   . ARG A 1 161 ? 10.912  -5.532  -11.878 1.00 13.83 ? 161 ARG A C   1 
ATOM   1147 O O   . ARG A 1 161 ? 11.935  -6.108  -12.191 1.00 13.58 ? 161 ARG A O   1 
ATOM   1148 C CB  . ARG A 1 161 ? 11.629  -3.160  -11.658 1.00 13.96 ? 161 ARG A CB  1 
ATOM   1149 C CG  . ARG A 1 161 ? 11.305  -1.803  -11.049 1.00 14.59 ? 161 ARG A CG  1 
ATOM   1150 C CD  . ARG A 1 161 ? 11.874  -0.662  -11.883 1.00 15.26 ? 161 ARG A CD  1 
ATOM   1151 N NE  . ARG A 1 161 ? 12.963  0.053   -11.219 1.00 15.72 ? 161 ARG A NE  1 
ATOM   1152 C CZ  . ARG A 1 161 ? 13.360  1.282   -11.550 1.00 15.77 ? 161 ARG A CZ  1 
ATOM   1153 N NH1 . ARG A 1 161 ? 12.768  1.938   -12.542 1.00 14.87 ? 161 ARG A NH1 1 
ATOM   1154 N NH2 . ARG A 1 161 ? 14.347  1.858   -10.884 1.00 14.37 ? 161 ARG A NH2 1 
ATOM   1155 N N   . GLN A 1 162 ? 9.716   -5.893  -12.330 1.00 13.97 ? 162 GLN A N   1 
ATOM   1156 C CA  . GLN A 1 162 ? 9.553   -7.042  -13.210 1.00 13.94 ? 162 GLN A CA  1 
ATOM   1157 C C   . GLN A 1 162 ? 9.346   -6.617  -14.664 1.00 13.52 ? 162 GLN A C   1 
ATOM   1158 O O   . GLN A 1 162 ? 9.936   -7.194  -15.595 1.00 13.27 ? 162 GLN A O   1 
ATOM   1159 C CB  . GLN A 1 162 ? 8.391   -7.922  -12.727 1.00 14.05 ? 162 GLN A CB  1 
ATOM   1160 C CG  . GLN A 1 162 ? 8.555   -8.410  -11.304 1.00 15.16 ? 162 GLN A CG  1 
ATOM   1161 C CD  . GLN A 1 162 ? 9.788   -9.299  -11.138 1.00 16.78 ? 162 GLN A CD  1 
ATOM   1162 O OE1 . GLN A 1 162 ? 9.932   -10.295 -11.837 1.00 17.21 ? 162 GLN A OE1 1 
ATOM   1163 N NE2 . GLN A 1 162 ? 10.679  -8.934  -10.216 1.00 16.03 ? 162 GLN A NE2 1 
ATOM   1164 N N   . GLY A 1 163 ? 8.505   -5.604  -14.837 1.00 12.66 ? 163 GLY A N   1 
ATOM   1165 C CA  . GLY A 1 163 ? 8.132   -5.112  -16.144 1.00 11.96 ? 163 GLY A CA  1 
ATOM   1166 C C   . GLY A 1 163 ? 6.804   -4.402  -16.048 1.00 11.99 ? 163 GLY A C   1 
ATOM   1167 O O   . GLY A 1 163 ? 6.278   -4.176  -14.960 1.00 12.06 ? 163 GLY A O   1 
ATOM   1168 N N   . THR A 1 164 ? 6.247   -4.067  -17.198 1.00 11.94 ? 164 THR A N   1 
ATOM   1169 C CA  . THR A 1 164 ? 5.049   -3.262  -17.256 1.00 11.67 ? 164 THR A CA  1 
ATOM   1170 C C   . THR A 1 164 ? 3.835   -4.161  -17.340 1.00 11.97 ? 164 THR A C   1 
ATOM   1171 O O   . THR A 1 164 ? 3.858   -5.163  -18.059 1.00 12.38 ? 164 THR A O   1 
ATOM   1172 C CB  . THR A 1 164 ? 5.143   -2.244  -18.423 1.00 11.56 ? 164 THR A CB  1 
ATOM   1173 O OG1 . THR A 1 164 ? 6.273   -1.392  -18.191 1.00 10.17 ? 164 THR A OG1 1 
ATOM   1174 C CG2 . THR A 1 164 ? 3.876   -1.390  -18.561 1.00 10.55 ? 164 THR A CG2 1 
ATOM   1175 N N   . VAL A 1 165 ? 2.804   -3.819  -16.561 1.00 11.67 ? 165 VAL A N   1 
ATOM   1176 C CA  . VAL A 1 165 ? 1.495   -4.477  -16.630 1.00 11.83 ? 165 VAL A CA  1 
ATOM   1177 C C   . VAL A 1 165 ? 0.402   -3.446  -16.898 1.00 12.29 ? 165 VAL A C   1 
ATOM   1178 O O   . VAL A 1 165 ? 0.552   -2.269  -16.563 1.00 11.98 ? 165 VAL A O   1 
ATOM   1179 C CB  . VAL A 1 165 ? 1.142   -5.316  -15.329 1.00 11.60 ? 165 VAL A CB  1 
ATOM   1180 C CG1 . VAL A 1 165 ? 2.096   -6.504  -15.166 1.00 11.47 ? 165 VAL A CG1 1 
ATOM   1181 C CG2 . VAL A 1 165 ? 1.154   -4.446  -14.067 1.00 10.08 ? 165 VAL A CG2 1 
ATOM   1182 N N   . THR A 1 166 ? -0.683  -3.900  -17.517 1.00 13.18 ? 166 THR A N   1 
ATOM   1183 C CA  . THR A 1 166 ? -1.897  -3.106  -17.680 1.00 14.50 ? 166 THR A CA  1 
ATOM   1184 C C   . THR A 1 166 ? -2.824  -3.341  -16.490 1.00 14.34 ? 166 THR A C   1 
ATOM   1185 O O   . THR A 1 166 ? -3.120  -4.478  -16.125 1.00 14.37 ? 166 THR A O   1 
ATOM   1186 C CB  . THR A 1 166 ? -2.637  -3.452  -18.990 1.00 14.63 ? 166 THR A CB  1 
ATOM   1187 O OG1 . THR A 1 166 ? -1.779  -3.169  -20.099 1.00 16.50 ? 166 THR A OG1 1 
ATOM   1188 C CG2 . THR A 1 166 ? -3.912  -2.595  -19.154 1.00 16.77 ? 166 THR A CG2 1 
ATOM   1189 N N   . THR A 1 167 ? -3.267  -2.252  -15.884 1.00 14.36 ? 167 THR A N   1 
ATOM   1190 C CA  . THR A 1 167 ? -4.232  -2.312  -14.801 1.00 14.50 ? 167 THR A CA  1 
ATOM   1191 C C   . THR A 1 167 ? -5.421  -1.458  -15.241 1.00 14.90 ? 167 THR A C   1 
ATOM   1192 O O   . THR A 1 167 ? -5.295  -0.704  -16.215 1.00 15.59 ? 167 THR A O   1 
ATOM   1193 C CB  . THR A 1 167 ? -3.610  -1.810  -13.459 1.00 14.25 ? 167 THR A CB  1 
ATOM   1194 O OG1 . THR A 1 167 ? -3.557  -0.382  -13.435 1.00 13.29 ? 167 THR A OG1 1 
ATOM   1195 C CG2 . THR A 1 167 ? -2.204  -2.380  -13.249 1.00 13.97 ? 167 THR A CG2 1 
ATOM   1196 N N   . PRO A 1 168 ? -6.583  -1.580  -14.564 1.00 15.00 ? 168 PRO A N   1 
ATOM   1197 C CA  . PRO A 1 168 ? -7.718  -0.710  -14.929 1.00 15.24 ? 168 PRO A CA  1 
ATOM   1198 C C   . PRO A 1 168 ? -7.478  0.802   -14.741 1.00 15.45 ? 168 PRO A C   1 
ATOM   1199 O O   . PRO A 1 168 ? -8.200  1.590   -15.333 1.00 15.49 ? 168 PRO A O   1 
ATOM   1200 C CB  . PRO A 1 168 ? -8.847  -1.197  -14.011 1.00 15.19 ? 168 PRO A CB  1 
ATOM   1201 C CG  . PRO A 1 168 ? -8.445  -2.577  -13.608 1.00 15.02 ? 168 PRO A CG  1 
ATOM   1202 C CD  . PRO A 1 168 ? -6.953  -2.517  -13.491 1.00 14.87 ? 168 PRO A CD  1 
ATOM   1203 N N   . ASP A 1 169 ? -6.487  1.182   -13.926 1.00 15.67 ? 169 ASP A N   1 
ATOM   1204 C CA  . ASP A 1 169 ? -6.047  2.578   -13.770 1.00 15.61 ? 169 ASP A CA  1 
ATOM   1205 C C   . ASP A 1 169 ? -4.989  2.998   -14.807 1.00 15.30 ? 169 ASP A C   1 
ATOM   1206 O O   . ASP A 1 169 ? -4.628  4.179   -14.887 1.00 14.62 ? 169 ASP A O   1 
ATOM   1207 C CB  . ASP A 1 169 ? -5.465  2.818   -12.371 1.00 15.84 ? 169 ASP A CB  1 
ATOM   1208 C CG  . ASP A 1 169 ? -6.540  2.888   -11.267 1.00 17.75 ? 169 ASP A CG  1 
ATOM   1209 O OD1 . ASP A 1 169 ? -7.765  2.794   -11.568 1.00 17.84 ? 169 ASP A OD1 1 
ATOM   1210 O OD2 . ASP A 1 169 ? -6.137  3.027   -10.080 1.00 18.01 ? 169 ASP A OD2 1 
ATOM   1211 N N   . GLY A 1 170 ? -4.472  2.030   -15.573 1.00 14.51 ? 170 GLY A N   1 
ATOM   1212 C CA  . GLY A 1 170 ? -3.436  2.325   -16.553 1.00 13.72 ? 170 GLY A CA  1 
ATOM   1213 C C   . GLY A 1 170 ? -2.222  1.432   -16.381 1.00 13.29 ? 170 GLY A C   1 
ATOM   1214 O O   . GLY A 1 170 ? -2.239  0.527   -15.544 1.00 13.10 ? 170 GLY A O   1 
ATOM   1215 N N   . PRO A 1 171 ? -1.154  1.673   -17.178 1.00 12.72 ? 171 PRO A N   1 
ATOM   1216 C CA  . PRO A 1 171 ? 0.037   0.840   -17.021 1.00 12.22 ? 171 PRO A CA  1 
ATOM   1217 C C   . PRO A 1 171 ? 0.685   1.020   -15.646 1.00 11.57 ? 171 PRO A C   1 
ATOM   1218 O O   . PRO A 1 171 ? 0.534   2.074   -14.998 1.00 10.99 ? 171 PRO A O   1 
ATOM   1219 C CB  . PRO A 1 171 ? 0.969   1.328   -18.147 1.00 12.44 ? 171 PRO A CB  1 
ATOM   1220 C CG  . PRO A 1 171 ? 0.520   2.702   -18.444 1.00 12.03 ? 171 PRO A CG  1 
ATOM   1221 C CD  . PRO A 1 171 ? -0.973  2.685   -18.236 1.00 12.66 ? 171 PRO A CD  1 
ATOM   1222 N N   . ALA A 1 172 ? 1.383   -0.018  -15.196 1.00 10.71 ? 172 ALA A N   1 
ATOM   1223 C CA  . ALA A 1 172 ? 2.081   0.054   -13.930 1.00 9.97  ? 172 ALA A CA  1 
ATOM   1224 C C   . ALA A 1 172 ? 3.408   -0.663  -14.045 1.00 9.97  ? 172 ALA A C   1 
ATOM   1225 O O   . ALA A 1 172 ? 3.561   -1.613  -14.824 1.00 10.47 ? 172 ALA A O   1 
ATOM   1226 C CB  . ALA A 1 172 ? 1.226   -0.522  -12.803 1.00 9.45  ? 172 ALA A CB  1 
ATOM   1227 N N   . VAL A 1 173 ? 4.388   -0.189  -13.290 1.00 9.68  ? 173 VAL A N   1 
ATOM   1228 C CA  . VAL A 1 173 ? 5.623   -0.923  -13.146 1.00 9.48  ? 173 VAL A CA  1 
ATOM   1229 C C   . VAL A 1 173 ? 5.364   -1.979  -12.073 1.00 9.53  ? 173 VAL A C   1 
ATOM   1230 O O   . VAL A 1 173 ? 5.192   -1.649  -10.903 1.00 9.71  ? 173 VAL A O   1 
ATOM   1231 C CB  . VAL A 1 173 ? 6.782   0.022   -12.786 1.00 9.70  ? 173 VAL A CB  1 
ATOM   1232 C CG1 . VAL A 1 173 ? 8.081   -0.761  -12.604 1.00 9.43  ? 173 VAL A CG1 1 
ATOM   1233 C CG2 . VAL A 1 173 ? 6.920   1.069   -13.885 1.00 9.50  ? 173 VAL A CG2 1 
ATOM   1234 N N   . TYR A 1 174 ? 5.276   -3.241  -12.492 1.00 9.35  ? 174 TYR A N   1 
ATOM   1235 C CA  . TYR A 1 174 ? 4.980   -4.330  -11.589 1.00 9.17  ? 174 TYR A CA  1 
ATOM   1236 C C   . TYR A 1 174 ? 6.248   -4.742  -10.833 1.00 9.31  ? 174 TYR A C   1 
ATOM   1237 O O   . TYR A 1 174 ? 7.276   -5.013  -11.439 1.00 9.89  ? 174 TYR A O   1 
ATOM   1238 C CB  . TYR A 1 174 ? 4.357   -5.490  -12.370 1.00 9.41  ? 174 TYR A CB  1 
ATOM   1239 C CG  . TYR A 1 174 ? 3.821   -6.617  -11.508 1.00 9.84  ? 174 TYR A CG  1 
ATOM   1240 C CD1 . TYR A 1 174 ? 2.640   -6.468  -10.771 1.00 8.82  ? 174 TYR A CD1 1 
ATOM   1241 C CD2 . TYR A 1 174 ? 4.491   -7.830  -11.433 1.00 10.18 ? 174 TYR A CD2 1 
ATOM   1242 C CE1 . TYR A 1 174 ? 2.152   -7.504  -9.991  1.00 9.69  ? 174 TYR A CE1 1 
ATOM   1243 C CE2 . TYR A 1 174 ? 4.008   -8.878  -10.650 1.00 11.00 ? 174 TYR A CE2 1 
ATOM   1244 C CZ  . TYR A 1 174 ? 2.849   -8.711  -9.928  1.00 11.26 ? 174 TYR A CZ  1 
ATOM   1245 O OH  . TYR A 1 174 ? 2.389   -9.761  -9.147  1.00 12.95 ? 174 TYR A OH  1 
ATOM   1246 N N   . MET A 1 175 ? 6.180   -4.750  -9.508  1.00 9.52  ? 175 MET A N   1 
ATOM   1247 C CA  . MET A 1 175 ? 7.340   -5.004  -8.647  1.00 9.55  ? 175 MET A CA  1 
ATOM   1248 C C   . MET A 1 175 ? 6.995   -6.081  -7.628  1.00 9.67  ? 175 MET A C   1 
ATOM   1249 O O   . MET A 1 175 ? 5.897   -6.090  -7.098  1.00 8.96  ? 175 MET A O   1 
ATOM   1250 C CB  . MET A 1 175 ? 7.757   -3.715  -7.914  1.00 10.04 ? 175 MET A CB  1 
ATOM   1251 C CG  . MET A 1 175 ? 8.105   -2.531  -8.826  1.00 9.43  ? 175 MET A CG  1 
ATOM   1252 S SD  . MET A 1 175 ? 8.523   -1.023  -7.942  1.00 11.33 ? 175 MET A SD  1 
ATOM   1253 C CE  . MET A 1 175 ? 10.188  -1.360  -7.368  1.00 9.42  ? 175 MET A CE  1 
ATOM   1254 N N   . VAL A 1 176 ? 7.929   -6.997  -7.363  1.00 10.39 ? 176 VAL A N   1 
ATOM   1255 C CA  . VAL A 1 176 ? 7.691   -8.084  -6.414  1.00 10.64 ? 176 VAL A CA  1 
ATOM   1256 C C   . VAL A 1 176 ? 8.787   -8.245  -5.367  1.00 10.75 ? 176 VAL A C   1 
ATOM   1257 O O   . VAL A 1 176 ? 9.938   -7.858  -5.566  1.00 11.21 ? 176 VAL A O   1 
ATOM   1258 C CB  . VAL A 1 176 ? 7.396   -9.473  -7.116  1.00 11.19 ? 176 VAL A CB  1 
ATOM   1259 C CG1 . VAL A 1 176 ? 6.327   -9.339  -8.176  1.00 10.48 ? 176 VAL A CG1 1 
ATOM   1260 C CG2 . VAL A 1 176 ? 8.643   -10.057 -7.739  1.00 12.92 ? 176 VAL A CG2 1 
ATOM   1261 N N   . GLN A 1 177 ? 8.397   -8.777  -4.219  1.00 11.13 ? 177 GLN A N   1 
ATOM   1262 C CA  . GLN A 1 177 ? 9.341   -9.350  -3.264  1.00 10.90 ? 177 GLN A CA  1 
ATOM   1263 C C   . GLN A 1 177 ? 8.774   -10.709 -2.828  1.00 10.96 ? 177 GLN A C   1 
ATOM   1264 O O   . GLN A 1 177 ? 7.670   -10.787 -2.267  1.00 10.98 ? 177 GLN A O   1 
ATOM   1265 C CB  . GLN A 1 177 ? 9.533   -8.429  -2.063  1.00 11.26 ? 177 GLN A CB  1 
ATOM   1266 C CG  . GLN A 1 177 ? 10.493  -8.989  -1.004  1.00 10.95 ? 177 GLN A CG  1 
ATOM   1267 C CD  . GLN A 1 177 ? 10.869  -7.974  0.026   1.00 12.32 ? 177 GLN A CD  1 
ATOM   1268 O OE1 . GLN A 1 177 ? 10.319  -6.863  0.072   1.00 13.38 ? 177 GLN A OE1 1 
ATOM   1269 N NE2 . GLN A 1 177 ? 11.831  -8.325  0.856   1.00 13.86 ? 177 GLN A NE2 1 
ATOM   1270 N N   . THR A 1 178 ? 9.513   -11.772 -3.122  1.00 11.01 ? 178 THR A N   1 
ATOM   1271 C CA  . THR A 1 178 ? 9.131   -13.133 -2.690  1.00 11.23 ? 178 THR A CA  1 
ATOM   1272 C C   . THR A 1 178 ? 9.457   -13.359 -1.213  1.00 11.09 ? 178 THR A C   1 
ATOM   1273 O O   . THR A 1 178 ? 10.255  -12.640 -0.630  1.00 10.30 ? 178 THR A O   1 
ATOM   1274 C CB  . THR A 1 178 ? 9.833   -14.244 -3.530  1.00 10.98 ? 178 THR A CB  1 
ATOM   1275 O OG1 . THR A 1 178 ? 11.247  -14.173 -3.316  1.00 10.48 ? 178 THR A OG1 1 
ATOM   1276 C CG2 . THR A 1 178 ? 9.525   -14.087 -5.008  1.00 10.49 ? 178 THR A CG2 1 
ATOM   1277 N N   . ARG A 1 179 ? 8.822   -14.362 -0.627  1.00 12.18 ? 179 ARG A N   1 
ATOM   1278 C CA  . ARG A 1 179 ? 9.136   -14.805 0.730   1.00 13.87 ? 179 ARG A CA  1 
ATOM   1279 C C   . ARG A 1 179 ? 10.608  -15.211 0.872   1.00 14.72 ? 179 ARG A C   1 
ATOM   1280 O O   . ARG A 1 179 ? 11.247  -14.884 1.868   1.00 15.14 ? 179 ARG A O   1 
ATOM   1281 C CB  . ARG A 1 179 ? 8.204   -15.964 1.141   1.00 13.80 ? 179 ARG A CB  1 
ATOM   1282 C CG  . ARG A 1 179 ? 8.484   -16.502 2.548   1.00 14.07 ? 179 ARG A CG  1 
ATOM   1283 C CD  . ARG A 1 179 ? 7.475   -17.570 2.982   1.00 13.21 ? 179 ARG A CD  1 
ATOM   1284 N NE  . ARG A 1 179 ? 6.162   -17.014 3.302   1.00 11.65 ? 179 ARG A NE  1 
ATOM   1285 C CZ  . ARG A 1 179 ? 5.850   -16.389 4.438   1.00 13.26 ? 179 ARG A CZ  1 
ATOM   1286 N NH1 . ARG A 1 179 ? 6.757   -16.201 5.393   1.00 13.01 ? 179 ARG A NH1 1 
ATOM   1287 N NH2 . ARG A 1 179 ? 4.618   -15.931 4.619   1.00 13.64 ? 179 ARG A NH2 1 
ATOM   1288 N N   . GLN A 1 180 ? 11.130  -15.917 -0.135  1.00 15.82 ? 180 GLN A N   1 
ATOM   1289 C CA  . GLN A 1 180 ? 12.536  -16.328 -0.179  1.00 16.99 ? 180 GLN A CA  1 
ATOM   1290 C C   . GLN A 1 180 ? 13.496  -15.156 -0.144  1.00 16.56 ? 180 GLN A C   1 
ATOM   1291 O O   . GLN A 1 180 ? 14.490  -15.183 0.581   1.00 17.08 ? 180 GLN A O   1 
ATOM   1292 C CB  . GLN A 1 180 ? 12.814  -17.164 -1.433  1.00 17.84 ? 180 GLN A CB  1 
ATOM   1293 C CG  . GLN A 1 180 ? 12.836  -18.670 -1.205  1.00 21.53 ? 180 GLN A CG  1 
ATOM   1294 C CD  . GLN A 1 180 ? 14.070  -19.327 -1.873  1.00 27.94 ? 180 GLN A CD  1 
ATOM   1295 O OE1 . GLN A 1 180 ? 14.999  -19.784 -1.184  1.00 27.86 ? 180 GLN A OE1 1 
ATOM   1296 N NE2 . GLN A 1 180 ? 14.090  -19.340 -3.219  1.00 27.64 ? 180 GLN A NE2 1 
ATOM   1297 N N   . ALA A 1 181 ? 13.204  -14.124 -0.933  1.00 16.21 ? 181 ALA A N   1 
ATOM   1298 C CA  . ALA A 1 181 ? 14.026  -12.923 -0.936  1.00 15.81 ? 181 ALA A CA  1 
ATOM   1299 C C   . ALA A 1 181 ? 13.974  -12.245 0.423   1.00 15.63 ? 181 ALA A C   1 
ATOM   1300 O O   . ALA A 1 181 ? 15.015  -11.799 0.942   1.00 16.44 ? 181 ALA A O   1 
ATOM   1301 C CB  . ALA A 1 181 ? 13.605  -11.962 -2.063  1.00 15.77 ? 181 ALA A CB  1 
ATOM   1302 N N   . PHE A 1 182 ? 12.776  -12.172 1.009   1.00 15.00 ? 182 PHE A N   1 
ATOM   1303 C CA  . PHE A 1 182 ? 12.608  -11.612 2.367   1.00 14.16 ? 182 PHE A CA  1 
ATOM   1304 C C   . PHE A 1 182 ? 13.381  -12.395 3.439   1.00 14.53 ? 182 PHE A C   1 
ATOM   1305 O O   . PHE A 1 182 ? 14.013  -11.788 4.291   1.00 13.93 ? 182 PHE A O   1 
ATOM   1306 C CB  . PHE A 1 182 ? 11.129  -11.518 2.752   1.00 13.51 ? 182 PHE A CB  1 
ATOM   1307 C CG  . PHE A 1 182 ? 10.890  -10.989 4.145   1.00 11.09 ? 182 PHE A CG  1 
ATOM   1308 C CD1 . PHE A 1 182 ? 10.911  -9.617  4.399   1.00 10.80 ? 182 PHE A CD1 1 
ATOM   1309 C CD2 . PHE A 1 182 ? 10.634  -11.855 5.192   1.00 9.33  ? 182 PHE A CD2 1 
ATOM   1310 C CE1 . PHE A 1 182 ? 10.680  -9.120  5.684   1.00 9.04  ? 182 PHE A CE1 1 
ATOM   1311 C CE2 . PHE A 1 182 ? 10.408  -11.372 6.480   1.00 8.63  ? 182 PHE A CE2 1 
ATOM   1312 C CZ  . PHE A 1 182 ? 10.430  -10.004 6.723   1.00 9.56  ? 182 PHE A CZ  1 
ATOM   1313 N N   . GLU A 1 183 ? 13.293  -13.731 3.412   1.00 15.30 ? 183 GLU A N   1 
ATOM   1314 C CA  . GLU A 1 183 ? 14.101  -14.595 4.298   1.00 16.24 ? 183 GLU A CA  1 
ATOM   1315 C C   . GLU A 1 183 ? 15.606  -14.237 4.227   1.00 17.37 ? 183 GLU A C   1 
ATOM   1316 O O   . GLU A 1 183 ? 16.263  -14.123 5.255   1.00 17.12 ? 183 GLU A O   1 
ATOM   1317 C CB  . GLU A 1 183 ? 13.890  -16.087 3.972   1.00 15.78 ? 183 GLU A CB  1 
ATOM   1318 C CG  . GLU A 1 183 ? 12.523  -16.675 4.326   1.00 15.38 ? 183 GLU A CG  1 
ATOM   1319 C CD  . GLU A 1 183 ? 12.261  -18.061 3.703   1.00 16.19 ? 183 GLU A CD  1 
ATOM   1320 O OE1 . GLU A 1 183 ? 13.221  -18.720 3.236   1.00 16.84 ? 183 GLU A OE1 1 
ATOM   1321 O OE2 . GLU A 1 183 ? 11.086  -18.497 3.674   1.00 14.50 ? 183 GLU A OE2 1 
ATOM   1322 N N   . ARG A 1 184 ? 16.128  -14.015 3.016   1.00 19.04 ? 184 ARG A N   1 
ATOM   1323 C CA  . ARG A 1 184 ? 17.571  -13.802 2.816   1.00 21.01 ? 184 ARG A CA  1 
ATOM   1324 C C   . ARG A 1 184 ? 18.099  -12.427 3.227   1.00 21.62 ? 184 ARG A C   1 
ATOM   1325 O O   . ARG A 1 184 ? 19.284  -12.287 3.563   1.00 22.04 ? 184 ARG A O   1 
ATOM   1326 C CB  . ARG A 1 184 ? 17.984  -14.131 1.383   1.00 20.87 ? 184 ARG A CB  1 
ATOM   1327 C CG  . ARG A 1 184 ? 17.790  -15.604 1.025   1.00 23.07 ? 184 ARG A CG  1 
ATOM   1328 C CD  . ARG A 1 184 ? 18.181  -15.912 -0.424  1.00 24.72 ? 184 ARG A CD  1 
ATOM   1329 N NE  . ARG A 1 184 ? 17.791  -17.282 -0.789  1.00 31.01 ? 184 ARG A NE  1 
ATOM   1330 C CZ  . ARG A 1 184 ? 18.513  -18.384 -0.554  1.00 33.77 ? 184 ARG A CZ  1 
ATOM   1331 N NH1 . ARG A 1 184 ? 19.700  -18.318 0.049   1.00 34.96 ? 184 ARG A NH1 1 
ATOM   1332 N NH2 . ARG A 1 184 ? 18.046  -19.572 -0.926  1.00 34.87 ? 184 ARG A NH2 1 
ATOM   1333 N N   . THR A 1 185 ? 17.235  -11.416 3.214   1.00 22.24 ? 185 THR A N   1 
ATOM   1334 C CA  . THR A 1 185 ? 17.673  -10.049 3.482   1.00 22.75 ? 185 THR A CA  1 
ATOM   1335 C C   . THR A 1 185 ? 17.323  -9.555  4.883   1.00 23.27 ? 185 THR A C   1 
ATOM   1336 O O   . THR A 1 185 ? 17.940  -8.612  5.381   1.00 22.76 ? 185 THR A O   1 
ATOM   1337 C CB  . THR A 1 185 ? 17.119  -9.044  2.423   1.00 23.17 ? 185 THR A CB  1 
ATOM   1338 O OG1 . THR A 1 185 ? 15.683  -9.023  2.468   1.00 22.38 ? 185 THR A OG1 1 
ATOM   1339 C CG2 . THR A 1 185 ? 17.597  -9.409  1.019   1.00 22.68 ? 185 THR A CG2 1 
ATOM   1340 N N   . ARG A 1 186 ? 16.335  -10.184 5.516   1.00 24.15 ? 186 ARG A N   1 
ATOM   1341 C CA  . ARG A 1 186 ? 15.894  -9.791  6.864   1.00 25.36 ? 186 ARG A CA  1 
ATOM   1342 C C   . ARG A 1 186 ? 17.021  -9.802  7.924   1.00 26.36 ? 186 ARG A C   1 
ATOM   1343 O O   . ARG A 1 186 ? 17.000  -9.000  8.874   1.00 26.91 ? 186 ARG A O   1 
ATOM   1344 C CB  . ARG A 1 186 ? 14.690  -10.642 7.300   1.00 25.17 ? 186 ARG A CB  1 
ATOM   1345 C CG  . ARG A 1 186 ? 13.922  -10.124 8.500   1.00 24.90 ? 186 ARG A CG  1 
ATOM   1346 C CD  . ARG A 1 186 ? 13.522  -8.644  8.375   1.00 25.52 ? 186 ARG A CD  1 
ATOM   1347 N NE  . ARG A 1 186 ? 12.897  -8.126  9.601   1.00 26.04 ? 186 ARG A NE  1 
ATOM   1348 C CZ  . ARG A 1 186 ? 13.537  -7.879  10.752  1.00 26.69 ? 186 ARG A CZ  1 
ATOM   1349 N NH1 . ARG A 1 186 ? 14.846  -8.089  10.881  1.00 27.06 ? 186 ARG A NH1 1 
ATOM   1350 N NH2 . ARG A 1 186 ? 12.863  -7.418  11.793  1.00 26.55 ? 186 ARG A NH2 1 
ATOM   1351 N N   . SER A 1 187 ? 17.990  -10.700 7.758   1.00 27.30 ? 187 SER A N   1 
ATOM   1352 C CA  . SER A 1 187 ? 19.209  -10.722 8.573   1.00 28.48 ? 187 SER A CA  1 
ATOM   1353 C C   . SER A 1 187 ? 20.121  -9.534  8.207   1.00 29.07 ? 187 SER A C   1 
ATOM   1354 O O   . SER A 1 187 ? 20.171  -8.509  8.904   1.00 29.17 ? 187 SER A O   1 
ATOM   1355 C CB  . SER A 1 187 ? 19.977  -12.026 8.332   1.00 28.91 ? 187 SER A CB  1 
ATOM   1356 O OG  . SER A 1 187 ? 19.187  -12.982 7.614   1.00 30.28 ? 187 SER A OG  1 
HETATM 1357 N N1A . COA B 2 .   ? 12.990  10.674  -9.356  1.00 55.20 ? 197 COA A N1A 1 
HETATM 1358 C C2A . COA B 2 .   ? 13.840  9.663   -8.947  1.00 55.09 ? 197 COA A C2A 1 
HETATM 1359 N N3A . COA B 2 .   ? 14.039  9.439   -7.594  1.00 55.02 ? 197 COA A N3A 1 
HETATM 1360 C C4A . COA B 2 .   ? 13.413  10.198  -6.653  1.00 54.06 ? 197 COA A C4A 1 
HETATM 1361 C C5A . COA B 2 .   ? 12.550  11.220  -7.042  1.00 54.75 ? 197 COA A C5A 1 
HETATM 1362 C C6A . COA B 2 .   ? 12.340  11.457  -8.412  1.00 55.55 ? 197 COA A C6A 1 
HETATM 1363 N N6A . COA B 2 .   ? 11.441  12.351  -8.830  1.00 55.60 ? 197 COA A N6A 1 
HETATM 1364 N N7A . COA B 2 .   ? 12.075  11.803  -5.914  1.00 54.61 ? 197 COA A N7A 1 
HETATM 1365 C C8A . COA B 2 .   ? 12.617  11.177  -4.837  1.00 54.13 ? 197 COA A C8A 1 
HETATM 1366 N N9A . COA B 2 .   ? 13.447  10.167  -5.275  1.00 53.10 ? 197 COA A N9A 1 
HETATM 1367 C C1B . COA B 2 .   ? 13.991  9.036   -4.475  1.00 50.85 ? 197 COA A C1B 1 
HETATM 1368 C C2B . COA B 2 .   ? 14.784  9.498   -3.259  1.00 50.46 ? 197 COA A C2B 1 
HETATM 1369 O O2B . COA B 2 .   ? 16.102  9.833   -3.630  1.00 50.81 ? 197 COA A O2B 1 
HETATM 1370 C C3B . COA B 2 .   ? 14.699  8.318   -2.292  1.00 49.20 ? 197 COA A C3B 1 
HETATM 1371 O O3B . COA B 2 .   ? 15.768  7.398   -2.407  1.00 50.44 ? 197 COA A O3B 1 
HETATM 1372 P P3B . COA B 2 .   ? 17.286  7.601   -1.879  1.00 51.48 ? 197 COA A P3B 1 
HETATM 1373 O O7A . COA B 2 .   ? 17.412  7.127   -0.444  1.00 50.39 ? 197 COA A O7A 1 
HETATM 1374 O O8A . COA B 2 .   ? 17.687  9.060   -1.948  1.00 51.17 ? 197 COA A O8A 1 
HETATM 1375 O O9A . COA B 2 .   ? 18.188  6.774   -2.775  1.00 50.74 ? 197 COA A O9A 1 
HETATM 1376 C C4B . COA B 2 .   ? 13.455  7.561   -2.747  1.00 46.80 ? 197 COA A C4B 1 
HETATM 1377 O O4B . COA B 2 .   ? 12.997  8.165   -3.954  1.00 48.60 ? 197 COA A O4B 1 
HETATM 1378 C C5B . COA B 2 .   ? 12.348  7.546   -1.707  1.00 43.28 ? 197 COA A C5B 1 
HETATM 1379 O O5B . COA B 2 .   ? 12.822  7.190   -0.425  1.00 39.04 ? 197 COA A O5B 1 
HETATM 1380 P P1A . COA B 2 .   ? 11.917  7.473   0.886   1.00 36.47 ? 197 COA A P1A 1 
HETATM 1381 O O1A . COA B 2 .   ? 12.394  8.717   1.606   1.00 36.37 ? 197 COA A O1A 1 
HETATM 1382 O O2A . COA B 2 .   ? 11.898  6.272   1.803   1.00 36.33 ? 197 COA A O2A 1 
HETATM 1383 O O3A . COA B 2 .   ? 10.468  7.708   0.228   1.00 35.19 ? 197 COA A O3A 1 
HETATM 1384 P P2A . COA B 2 .   ? 9.299   8.558   0.927   1.00 34.15 ? 197 COA A P2A 1 
HETATM 1385 O O4A . COA B 2 .   ? 9.631   8.816   2.380   1.00 32.35 ? 197 COA A O4A 1 
HETATM 1386 O O5A . COA B 2 .   ? 9.046   9.845   0.166   1.00 34.13 ? 197 COA A O5A 1 
HETATM 1387 O O6A . COA B 2 .   ? 8.050   7.550   0.778   1.00 34.50 ? 197 COA A O6A 1 
HETATM 1388 C CBP . COA B 2 .   ? 6.057   7.406   -0.619  1.00 32.83 ? 197 COA A CBP 1 
HETATM 1389 C CCP . COA B 2 .   ? 7.565   7.164   -0.495  1.00 33.12 ? 197 COA A CCP 1 
HETATM 1390 C CDP . COA B 2 .   ? 5.660   6.907   -2.016  1.00 32.21 ? 197 COA A CDP 1 
HETATM 1391 C CEP . COA B 2 .   ? 5.340   6.561   0.436   1.00 30.41 ? 197 COA A CEP 1 
HETATM 1392 C CAP . COA B 2 .   ? 5.762   8.916   -0.415  1.00 31.27 ? 197 COA A CAP 1 
HETATM 1393 O OAP . COA B 2 .   ? 6.687   9.728   -1.111  1.00 29.79 ? 197 COA A OAP 1 
HETATM 1394 C C9P . COA B 2 .   ? 4.342   9.360   -0.691  1.00 31.70 ? 197 COA A C9P 1 
HETATM 1395 O O9P . COA B 2 .   ? 3.344   9.131   0.271   1.00 31.23 ? 197 COA A O9P 1 
HETATM 1396 N N8P . COA B 2 .   ? 4.069   9.978   -1.849  1.00 32.35 ? 197 COA A N8P 1 
HETATM 1397 C C7P . COA B 2 .   ? 2.757   10.543  -2.153  1.00 32.21 ? 197 COA A C7P 1 
HETATM 1398 C C6P . COA B 2 .   ? 1.697   9.513   -2.570  1.00 33.38 ? 197 COA A C6P 1 
HETATM 1399 C C5P . COA B 2 .   ? 2.276   8.313   -3.307  1.00 34.95 ? 197 COA A C5P 1 
HETATM 1400 O O5P . COA B 2 .   ? 3.010   8.439   -4.302  1.00 35.30 ? 197 COA A O5P 1 
HETATM 1401 N N4P . COA B 2 .   ? 1.953   7.110   -2.846  1.00 35.95 ? 197 COA A N4P 1 
HETATM 1402 C C3P . COA B 2 .   ? 2.488   5.916   -3.469  1.00 37.20 ? 197 COA A C3P 1 
HETATM 1403 C C2P . COA B 2 .   ? 1.562   5.387   -4.554  1.00 38.70 ? 197 COA A C2P 1 
HETATM 1404 S S1P . COA B 2 .   ? 2.296   3.959   -5.401  1.00 41.39 ? 197 COA A S1P 1 
HETATM 1405 C C1  . 9CS C 3 .   ? -5.035  2.672   -4.989  1.00 33.76 ? 501 9CS A C1  1 
HETATM 1406 C C2  . 9CS C 3 .   ? -5.769  3.996   -5.297  1.00 34.86 ? 501 9CS A C2  1 
HETATM 1407 C C3  . 9CS C 3 .   ? -5.037  4.759   -6.422  1.00 35.11 ? 501 9CS A C3  1 
HETATM 1408 C C4  . 9CS C 3 .   ? -3.570  5.013   -6.041  1.00 34.60 ? 501 9CS A C4  1 
HETATM 1409 C C5  . 9CS C 3 .   ? -2.922  3.696   -5.592  1.00 34.09 ? 501 9CS A C5  1 
HETATM 1410 C C6  . 9CS C 3 .   ? -1.573  4.065   -5.006  1.00 34.28 ? 501 9CS A C6  1 
HETATM 1411 C C7  . 9CS C 3 .   ? -5.517  -2.438  -6.583  1.00 32.70 ? 501 9CS A C7  1 
HETATM 1412 C C8  . 9CS C 3 .   ? -6.385  -1.754  -5.508  1.00 34.11 ? 501 9CS A C8  1 
HETATM 1413 C C9  . 9CS C 3 .   ? -6.354  -0.210  -5.649  1.00 34.22 ? 501 9CS A C9  1 
HETATM 1414 C C10 . 9CS C 3 .   ? -4.921  0.355   -5.786  1.00 33.86 ? 501 9CS A C10 1 
HETATM 1415 C C11 . 9CS C 3 .   ? -4.071  -0.426  -6.816  1.00 33.21 ? 501 9CS A C11 1 
HETATM 1416 C C12 . 9CS C 3 .   ? -4.076  -1.933  -6.537  1.00 32.31 ? 501 9CS A C12 1 
HETATM 1417 C C13 . 9CS C 3 .   ? -8.467  -2.516  -4.592  1.00 38.78 ? 501 9CS A C13 1 
HETATM 1418 C C14 . 9CS C 3 .   ? -9.319  -3.751  -4.927  1.00 38.34 ? 501 9CS A C14 1 
HETATM 1419 C C15 . 9CS C 3 .   ? -10.280 -3.437  -6.079  1.00 38.84 ? 501 9CS A C15 1 
HETATM 1420 C C16 . 9CS C 3 .   ? -11.156 -2.204  -5.779  1.00 40.42 ? 501 9CS A C16 1 
HETATM 1421 C C17 . 9CS C 3 .   ? -10.334 -1.030  -5.177  1.00 40.91 ? 501 9CS A C17 1 
HETATM 1422 C C18 . 9CS C 3 .   ? -11.237 0.040   -4.529  1.00 41.88 ? 501 9CS A C18 1 
HETATM 1423 N N1  . 9CS C 3 .   ? -0.630  2.973   -5.252  1.00 34.65 ? 501 9CS A N1  1 
HETATM 1424 N N2  . 9CS C 3 .   ? -2.679  0.036   -6.785  1.00 33.52 ? 501 9CS A N2  1 
HETATM 1425 N N3  . 9CS C 3 .   ? -5.550  -3.898  -6.469  1.00 30.83 ? 501 9CS A N3  1 
HETATM 1426 N N4  . 9CS C 3 .   ? -11.152 -4.591  -6.327  1.00 38.82 ? 501 9CS A N4  1 
HETATM 1427 O O5  . 9CS C 3 .   ? -3.706  2.999   -4.575  1.00 32.94 ? 501 9CS A O5  1 
HETATM 1428 O O7  . 9CS C 3 .   ? -5.696  5.985   -6.703  1.00 35.96 ? 501 9CS A O7  1 
HETATM 1429 O O8  . 9CS C 3 .   ? -2.841  5.542   -7.151  1.00 34.58 ? 501 9CS A O8  1 
HETATM 1430 O O9  . 9CS C 3 .   ? -5.003  1.757   -6.148  1.00 34.12 ? 501 9CS A O9  1 
HETATM 1431 O O10 . 9CS C 3 .   ? -6.999  0.402   -4.527  1.00 32.14 ? 501 9CS A O10 1 
HETATM 1432 O O11 . 9CS C 3 .   ? -7.713  -2.153  -5.776  1.00 36.74 ? 501 9CS A O11 1 
HETATM 1433 O O12 . 9CS C 3 .   ? -9.343  -1.432  -4.145  1.00 39.56 ? 501 9CS A O12 1 
HETATM 1434 O O13 . 9CS C 3 .   ? -8.458  -4.844  -5.266  1.00 38.90 ? 501 9CS A O13 1 
HETATM 1435 O O14 . 9CS C 3 .   ? -11.852 -1.802  -6.980  1.00 40.41 ? 501 9CS A O14 1 
HETATM 1436 O O15 . 9CS C 3 .   ? -10.660 1.324   -4.785  1.00 41.88 ? 501 9CS A O15 1 
HETATM 1437 N N6  . 9CS C 3 .   ? -7.135  3.752   -5.675  1.00 35.18 ? 501 9CS A N6  1 
HETATM 1438 O O   . HOH D 4 .   ? 8.074   -14.331 7.913   1.00 2.00  ? 502 HOH A O   1 
HETATM 1439 O O   . HOH D 4 .   ? -3.589  -13.427 -4.272  1.00 6.37  ? 503 HOH A O   1 
HETATM 1440 O O   . HOH D 4 .   ? -6.717  -7.964  2.855   1.00 2.00  ? 504 HOH A O   1 
HETATM 1441 O O   . HOH D 4 .   ? 11.863  -10.921 -5.036  1.00 13.01 ? 505 HOH A O   1 
HETATM 1442 O O   . HOH D 4 .   ? -0.237  -2.800  -5.426  1.00 2.60  ? 506 HOH A O   1 
HETATM 1443 O O   . HOH D 4 .   ? -4.307  -16.212 4.034   1.00 19.17 ? 507 HOH A O   1 
HETATM 1444 O O   . HOH D 4 .   ? 8.695   -1.756  -17.037 1.00 10.19 ? 508 HOH A O   1 
HETATM 1445 O O   . HOH D 4 .   ? -4.347  -5.300  -12.629 1.00 10.30 ? 509 HOH A O   1 
HETATM 1446 O O   . HOH D 4 .   ? -2.591  -11.811 4.799   1.00 17.17 ? 510 HOH A O   1 
HETATM 1447 O O   . HOH D 4 .   ? 5.753   1.239   -17.456 1.00 8.80  ? 511 HOH A O   1 
HETATM 1448 O O   . HOH D 4 .   ? -3.972  -3.021  14.922  1.00 18.02 ? 512 HOH A O   1 
HETATM 1449 O O   . HOH D 4 .   ? -9.636  -12.258 1.353   1.00 6.56  ? 513 HOH A O   1 
HETATM 1450 O O   . HOH D 4 .   ? 7.425   10.362  -8.011  1.00 4.44  ? 514 HOH A O   1 
HETATM 1451 O O   . HOH D 4 .   ? -0.234  -20.383 -2.479  1.00 17.23 ? 515 HOH A O   1 
HETATM 1452 O O   . HOH D 4 .   ? 9.492   -17.276 5.645   1.00 13.91 ? 516 HOH A O   1 
HETATM 1453 O O   . HOH D 4 .   ? 3.934   11.828  6.880   1.00 10.56 ? 517 HOH A O   1 
HETATM 1454 O O   . HOH D 4 .   ? 7.995   11.525  -10.423 1.00 6.98  ? 518 HOH A O   1 
HETATM 1455 O O   . HOH D 4 .   ? 10.236  10.144  4.537   1.00 5.30  ? 519 HOH A O   1 
HETATM 1456 O O   . HOH D 4 .   ? -3.007  14.596  10.727  1.00 19.29 ? 520 HOH A O   1 
HETATM 1457 O O   . HOH D 4 .   ? -2.845  -10.111 -13.562 1.00 18.08 ? 521 HOH A O   1 
HETATM 1458 O O   . HOH D 4 .   ? 1.761   0.291   -5.267  1.00 24.45 ? 522 HOH A O   1 
HETATM 1459 O O   . HOH D 4 .   ? -15.222 -0.784  9.868   1.00 11.37 ? 523 HOH A O   1 
HETATM 1460 O O   . HOH D 4 .   ? 7.568   -11.628 8.650   1.00 2.41  ? 524 HOH A O   1 
HETATM 1461 O O   . HOH D 4 .   ? 9.771   -17.609 -2.132  1.00 16.49 ? 525 HOH A O   1 
HETATM 1462 O O   . HOH D 4 .   ? -10.640 -4.426  5.900   1.00 10.21 ? 526 HOH A O   1 
HETATM 1463 O O   . HOH D 4 .   ? -4.205  -8.293  3.057   1.00 8.44  ? 527 HOH A O   1 
HETATM 1464 O O   . HOH D 4 .   ? -10.511 10.769  12.238  1.00 10.95 ? 528 HOH A O   1 
HETATM 1465 O O   . HOH D 4 .   ? 0.613   18.978  0.381   1.00 18.09 ? 529 HOH A O   1 
HETATM 1466 O O   . HOH D 4 .   ? 1.639   5.749   -8.557  1.00 7.00  ? 530 HOH A O   1 
HETATM 1467 O O   . HOH D 4 .   ? -2.334  0.795   -11.136 1.00 13.30 ? 531 HOH A O   1 
HETATM 1468 O O   . HOH D 4 .   ? -1.320  -10.583 -9.407  1.00 8.96  ? 532 HOH A O   1 
HETATM 1469 O O   . HOH D 4 .   ? 10.861  -7.393  14.006  1.00 15.38 ? 533 HOH A O   1 
HETATM 1470 O O   . HOH D 4 .   ? 7.788   -4.579  -19.451 1.00 9.63  ? 534 HOH A O   1 
HETATM 1471 O O   . HOH D 4 .   ? -3.195  -7.961  7.305   1.00 4.44  ? 535 HOH A O   1 
HETATM 1472 O O   . HOH D 4 .   ? 1.990   -12.467 -9.590  1.00 16.76 ? 536 HOH A O   1 
HETATM 1473 O O   . HOH D 4 .   ? -5.577  10.836  -8.532  1.00 20.19 ? 537 HOH A O   1 
HETATM 1474 O O   . HOH D 4 .   ? 7.685   -10.041 12.965  1.00 9.21  ? 538 HOH A O   1 
HETATM 1475 O O   . HOH D 4 .   ? 4.261   -2.713  12.984  1.00 19.34 ? 539 HOH A O   1 
HETATM 1476 O O   . HOH D 4 .   ? -3.402  -6.520  -14.555 1.00 15.40 ? 540 HOH A O   1 
HETATM 1477 O O   . HOH D 4 .   ? 15.796  -19.390 4.080   1.00 13.76 ? 541 HOH A O   1 
HETATM 1478 O O   . HOH D 4 .   ? 18.563  -18.956 3.183   1.00 14.01 ? 542 HOH A O   1 
HETATM 1479 O O   . HOH D 4 .   ? 2.995   -15.596 11.988  1.00 9.73  ? 543 HOH A O   1 
HETATM 1480 O O   . HOH D 4 .   ? -8.706  5.079   15.554  1.00 21.84 ? 544 HOH A O   1 
HETATM 1481 O O   . HOH D 4 .   ? -0.176  7.182   -9.525  1.00 12.90 ? 545 HOH A O   1 
HETATM 1482 O O   . HOH D 4 .   ? -6.515  0.064   15.601  1.00 21.59 ? 546 HOH A O   1 
HETATM 1483 O O   . HOH D 4 .   ? -13.081 17.123  -1.695  1.00 20.49 ? 547 HOH A O   1 
HETATM 1484 O O   . HOH D 4 .   ? -16.463 9.526   9.972   1.00 15.32 ? 548 HOH A O   1 
HETATM 1485 O O   . HOH D 4 .   ? -16.948 13.282  -5.225  1.00 21.95 ? 549 HOH A O   1 
HETATM 1486 O O   . HOH D 4 .   ? 2.818   14.694  -11.352 1.00 16.38 ? 550 HOH A O   1 
HETATM 1487 O O   . HOH D 4 .   ? -10.926 1.968   -15.689 1.00 19.12 ? 551 HOH A O   1 
HETATM 1488 O O   . HOH D 4 .   ? 0.664   13.048  -11.493 1.00 17.76 ? 552 HOH A O   1 
HETATM 1489 O O   . HOH D 4 .   ? -2.514  21.018  0.311   1.00 20.64 ? 553 HOH A O   1 
HETATM 1490 O O   . HOH D 4 .   ? 5.720   -8.451  -15.004 1.00 17.98 ? 554 HOH A O   1 
HETATM 1491 O O   . HOH D 4 .   ? 5.377   9.485   -4.961  1.00 22.06 ? 555 HOH A O   1 
HETATM 1492 O O   . HOH D 4 .   ? 1.191   18.207  4.326   1.00 15.65 ? 556 HOH A O   1 
HETATM 1493 O O   . HOH D 4 .   ? -8.415  -9.690  3.381   1.00 3.57  ? 557 HOH A O   1 
HETATM 1494 O O   . HOH D 4 .   ? -4.531  -9.596  5.618   1.00 4.67  ? 558 HOH A O   1 
HETATM 1495 O O   . HOH D 4 .   ? 8.842   3.187   -15.565 1.00 24.41 ? 559 HOH A O   1 
HETATM 1496 O O   . HOH D 4 .   ? -4.214  -10.602 3.657   1.00 92.16 ? 560 HOH A O   1 
HETATM 1497 O O   . HOH D 4 .   ? 5.179   -19.720 5.628   1.00 14.39 ? 561 HOH A O   1 
HETATM 1498 O O   . HOH D 4 .   ? 9.731   0.417   -15.953 1.00 14.56 ? 562 HOH A O   1 
HETATM 1499 O O   . HOH D 4 .   ? -3.839  -16.924 7.976   1.00 23.98 ? 563 HOH A O   1 
HETATM 1500 O O   . HOH D 4 .   ? 15.040  8.753   1.530   1.00 19.65 ? 564 HOH A O   1 
HETATM 1501 O O   . HOH D 4 .   ? -10.136 -9.849  -10.502 1.00 3.69  ? 565 HOH A O   1 
HETATM 1502 O O   . HOH D 4 .   ? 3.629   14.252  -4.476  1.00 16.62 ? 566 HOH A O   1 
HETATM 1503 O O   . HOH D 4 .   ? -7.025  11.829  -3.584  1.00 18.69 ? 567 HOH A O   1 
HETATM 1504 O O   . HOH D 4 .   ? -1.049  -10.691 -11.954 1.00 12.55 ? 568 HOH A O   1 
HETATM 1505 O O   . HOH D 4 .   ? -0.398  1.619   -7.127  1.00 16.44 ? 569 HOH A O   1 
HETATM 1506 O O   . HOH D 4 .   ? 3.751   5.198   17.817  1.00 24.00 ? 570 HOH A O   1 
HETATM 1507 O O   . HOH D 4 .   ? 4.738   13.387  12.927  1.00 21.22 ? 571 HOH A O   1 
HETATM 1508 O O   . HOH D 4 .   ? -1.865  5.023   -10.050 1.00 19.11 ? 572 HOH A O   1 
HETATM 1509 O O   . HOH D 4 .   ? 14.600  4.517   5.673   1.00 26.08 ? 573 HOH A O   1 
HETATM 1510 O O   . HOH D 4 .   ? 10.346  13.967  -2.179  1.00 26.47 ? 574 HOH A O   1 
HETATM 1511 O O   . HOH D 4 .   ? -17.562 7.233   10.131  1.00 27.44 ? 575 HOH A O   1 
HETATM 1512 O O   . HOH D 4 .   ? -20.380 2.160   0.708   1.00 22.60 ? 576 HOH A O   1 
HETATM 1513 O O   . HOH D 4 .   ? -1.910  17.730  -6.527  1.00 25.35 ? 577 HOH A O   1 
HETATM 1514 O O   . HOH D 4 .   ? 14.410  -3.062  -9.495  1.00 23.78 ? 578 HOH A O   1 
HETATM 1515 O O   . HOH D 4 .   ? 1.031   3.298   -2.928  1.00 31.30 ? 579 HOH A O   1 
# 
loop_
_pdbx_poly_seq_scheme.asym_id 
_pdbx_poly_seq_scheme.entity_id 
_pdbx_poly_seq_scheme.seq_id 
_pdbx_poly_seq_scheme.mon_id 
_pdbx_poly_seq_scheme.ndb_seq_num 
_pdbx_poly_seq_scheme.pdb_seq_num 
_pdbx_poly_seq_scheme.auth_seq_num 
_pdbx_poly_seq_scheme.pdb_mon_id 
_pdbx_poly_seq_scheme.auth_mon_id 
_pdbx_poly_seq_scheme.pdb_strand_id 
_pdbx_poly_seq_scheme.pdb_ins_code 
_pdbx_poly_seq_scheme.hetero 
A 1 1   MET 1   1   ?   ?   ?   A . n 
A 1 2   LYS 2   2   ?   ?   ?   A . n 
A 1 3   ASN 3   3   ?   ?   ?   A . n 
A 1 4   THR 4   4   ?   ?   ?   A . n 
A 1 5   ILE 5   5   ?   ?   ?   A . n 
A 1 6   HIS 6   6   ?   ?   ?   A . n 
A 1 7   ILE 7   7   ?   ?   ?   A . n 
A 1 8   ASN 8   8   ?   ?   ?   A . n 
A 1 9   SER 9   9   ?   ?   ?   A . n 
A 1 10  ASN 10  10  ?   ?   ?   A . n 
A 1 11  ASP 11  11  ?   ?   ?   A . n 
A 1 12  SER 12  12  12  SER SER A . n 
A 1 13  VAL 13  13  13  VAL VAL A . n 
A 1 14  THR 14  14  14  THR THR A . n 
A 1 15  LEU 15  15  15  LEU LEU A . n 
A 1 16  ARG 16  16  16  ARG ARG A . n 
A 1 17  LEU 17  17  17  LEU LEU A . n 
A 1 18  MET 18  18  18  MET MET A . n 
A 1 19  THR 19  19  19  THR THR A . n 
A 1 20  GLU 20  20  20  GLU GLU A . n 
A 1 21  HIS 21  21  21  HIS HIS A . n 
A 1 22  ASP 22  22  22  ASP ASP A . n 
A 1 23  LEU 23  23  23  LEU LEU A . n 
A 1 24  ALA 24  24  24  ALA ALA A . n 
A 1 25  MET 25  25  25  MET MET A . n 
A 1 26  LEU 26  26  26  LEU LEU A . n 
A 1 27  TYR 27  27  27  TYR TYR A . n 
A 1 28  GLU 28  28  28  GLU GLU A . n 
A 1 29  TRP 29  29  29  TRP TRP A . n 
A 1 30  LEU 30  30  30  LEU LEU A . n 
A 1 31  ASN 31  31  31  ASN ASN A . n 
A 1 32  ARG 32  32  32  ARG ARG A . n 
A 1 33  SER 33  33  33  SER SER A . n 
A 1 34  HIS 34  34  34  HIS HIS A . n 
A 1 35  ILE 35  35  35  ILE ILE A . n 
A 1 36  VAL 36  36  36  VAL VAL A . n 
A 1 37  GLU 37  37  37  GLU GLU A . n 
A 1 38  TRP 38  38  38  TRP TRP A . n 
A 1 39  TRP 39  39  39  TRP TRP A . n 
A 1 40  GLY 40  40  ?   ?   ?   A . n 
A 1 41  GLY 41  41  ?   ?   ?   A . n 
A 1 42  GLU 42  42  ?   ?   ?   A . n 
A 1 43  GLU 43  43  ?   ?   ?   A . n 
A 1 44  ALA 44  44  44  ALA ALA A . n 
A 1 45  ARG 45  45  45  ARG ARG A . n 
A 1 46  PRO 46  46  46  PRO PRO A . n 
A 1 47  THR 47  47  47  THR THR A . n 
A 1 48  LEU 48  48  48  LEU LEU A . n 
A 1 49  ALA 49  49  49  ALA ALA A . n 
A 1 50  ASP 50  50  50  ASP ASP A . n 
A 1 51  VAL 51  51  51  VAL VAL A . n 
A 1 52  GLN 52  52  52  GLN GLN A . n 
A 1 53  GLU 53  53  53  GLU GLU A . n 
A 1 54  GLN 54  54  54  GLN GLN A . n 
A 1 55  TYR 55  55  55  TYR TYR A . n 
A 1 56  LEU 56  56  56  LEU LEU A . n 
A 1 57  PRO 57  57  57  PRO PRO A . n 
A 1 58  SER 58  58  58  SER SER A . n 
A 1 59  VAL 59  59  59  VAL VAL A . n 
A 1 60  LEU 60  60  60  LEU LEU A . n 
A 1 61  ALA 61  61  61  ALA ALA A . n 
A 1 62  GLN 62  62  62  GLN GLN A . n 
A 1 63  GLU 63  63  63  GLU GLU A . n 
A 1 64  SER 64  64  64  SER SER A . n 
A 1 65  VAL 65  65  65  VAL VAL A . n 
A 1 66  THR 66  66  66  THR THR A . n 
A 1 67  PRO 67  67  67  PRO PRO A . n 
A 1 68  TYR 68  68  68  TYR TYR A . n 
A 1 69  ILE 69  69  69  ILE ILE A . n 
A 1 70  ALA 70  70  70  ALA ALA A . n 
A 1 71  MET 71  71  71  MET MET A . n 
A 1 72  LEU 72  72  72  LEU LEU A . n 
A 1 73  ASN 73  73  73  ASN ASN A . n 
A 1 74  GLY 74  74  74  GLY GLY A . n 
A 1 75  GLU 75  75  75  GLU GLU A . n 
A 1 76  PRO 76  76  76  PRO PRO A . n 
A 1 77  ILE 77  77  77  ILE ILE A . n 
A 1 78  GLY 78  78  78  GLY GLY A . n 
A 1 79  TYR 79  79  79  TYR TYR A . n 
A 1 80  ALA 80  80  80  ALA ALA A . n 
A 1 81  GLN 81  81  81  GLN GLN A . n 
A 1 82  SER 82  82  82  SER SER A . n 
A 1 83  TYR 83  83  83  TYR TYR A . n 
A 1 84  VAL 84  84  84  VAL VAL A . n 
A 1 85  ALA 85  85  85  ALA ALA A . n 
A 1 86  LEU 86  86  86  LEU LEU A . n 
A 1 87  GLY 87  87  87  GLY GLY A . n 
A 1 88  SER 88  88  88  SER SER A . n 
A 1 89  GLY 89  89  89  GLY GLY A . n 
A 1 90  ASP 90  90  90  ASP ASP A . n 
A 1 91  GLY 91  91  91  GLY GLY A . n 
A 1 92  TRP 92  92  92  TRP TRP A . n 
A 1 93  TRP 93  93  93  TRP TRP A . n 
A 1 94  GLU 94  94  94  GLU GLU A . n 
A 1 95  GLU 95  95  95  GLU GLU A . n 
A 1 96  GLU 96  96  96  GLU GLU A . n 
A 1 97  THR 97  97  97  THR THR A . n 
A 1 98  ASP 98  98  98  ASP ASP A . n 
A 1 99  PRO 99  99  99  PRO PRO A . n 
A 1 100 GLY 100 100 100 GLY GLY A . n 
A 1 101 VAL 101 101 101 VAL VAL A . n 
A 1 102 ARG 102 102 102 ARG ARG A . n 
A 1 103 GLY 103 103 103 GLY GLY A . n 
A 1 104 ILE 104 104 104 ILE ILE A . n 
A 1 105 ASP 105 105 105 ASP ASP A . n 
A 1 106 GLN 106 106 106 GLN GLN A . n 
A 1 107 LEU 107 107 107 LEU LEU A . n 
A 1 108 LEU 108 108 108 LEU LEU A . n 
A 1 109 ALA 109 109 109 ALA ALA A . n 
A 1 110 ASN 110 110 110 ASN ASN A . n 
A 1 111 ALA 111 111 111 ALA ALA A . n 
A 1 112 SER 112 112 112 SER SER A . n 
A 1 113 GLN 113 113 113 GLN GLN A . n 
A 1 114 LEU 114 114 114 LEU LEU A . n 
A 1 115 GLY 115 115 115 GLY GLY A . n 
A 1 116 LYS 116 116 116 LYS LYS A . n 
A 1 117 GLY 117 117 117 GLY GLY A . n 
A 1 118 LEU 118 118 118 LEU LEU A . n 
A 1 119 GLY 119 119 119 GLY GLY A . n 
A 1 120 THR 120 120 120 THR THR A . n 
A 1 121 LYS 121 121 121 LYS LYS A . n 
A 1 122 LEU 122 122 122 LEU LEU A . n 
A 1 123 VAL 123 123 123 VAL VAL A . n 
A 1 124 ARG 124 124 124 ARG ARG A . n 
A 1 125 ALA 125 125 125 ALA ALA A . n 
A 1 126 LEU 126 126 126 LEU LEU A . n 
A 1 127 VAL 127 127 127 VAL VAL A . n 
A 1 128 GLU 128 128 128 GLU GLU A . n 
A 1 129 LEU 129 129 129 LEU LEU A . n 
A 1 130 LEU 130 130 130 LEU LEU A . n 
A 1 131 PHE 131 131 131 PHE PHE A . n 
A 1 132 ASN 132 132 132 ASN ASN A . n 
A 1 133 ASP 133 133 133 ASP ASP A . n 
A 1 134 PRO 134 134 134 PRO PRO A . n 
A 1 135 GLU 135 135 135 GLU GLU A . n 
A 1 136 VAL 136 136 136 VAL VAL A . n 
A 1 137 THR 137 137 137 THR THR A . n 
A 1 138 LYS 138 138 138 LYS LYS A . n 
A 1 139 ILE 139 139 139 ILE ILE A . n 
A 1 140 GLN 140 140 140 GLN GLN A . n 
A 1 141 THR 141 141 141 THR THR A . n 
A 1 142 ASP 142 142 142 ASP ASP A . n 
A 1 143 PRO 143 143 143 PRO PRO A . n 
A 1 144 SER 144 144 144 SER SER A . n 
A 1 145 PRO 145 145 145 PRO PRO A . n 
A 1 146 SER 146 146 146 SER SER A . n 
A 1 147 ASN 147 147 147 ASN ASN A . n 
A 1 148 LEU 148 148 148 LEU LEU A . n 
A 1 149 ARG 149 149 149 ARG ARG A . n 
A 1 150 ALA 150 150 150 ALA ALA A . n 
A 1 151 ILE 151 151 151 ILE ILE A . n 
A 1 152 ARG 152 152 152 ARG ARG A . n 
A 1 153 CYS 153 153 153 CYS CYS A . n 
A 1 154 TYR 154 154 154 TYR TYR A . n 
A 1 155 GLU 155 155 155 GLU GLU A . n 
A 1 156 LYS 156 156 156 LYS LYS A . n 
A 1 157 ALA 157 157 157 ALA ALA A . n 
A 1 158 GLY 158 158 158 GLY GLY A . n 
A 1 159 PHE 159 159 159 PHE PHE A . n 
A 1 160 GLU 160 160 160 GLU GLU A . n 
A 1 161 ARG 161 161 161 ARG ARG A . n 
A 1 162 GLN 162 162 162 GLN GLN A . n 
A 1 163 GLY 163 163 163 GLY GLY A . n 
A 1 164 THR 164 164 164 THR THR A . n 
A 1 165 VAL 165 165 165 VAL VAL A . n 
A 1 166 THR 166 166 166 THR THR A . n 
A 1 167 THR 167 167 167 THR THR A . n 
A 1 168 PRO 168 168 168 PRO PRO A . n 
A 1 169 ASP 169 169 169 ASP ASP A . n 
A 1 170 GLY 170 170 170 GLY GLY A . n 
A 1 171 PRO 171 171 171 PRO PRO A . n 
A 1 172 ALA 172 172 172 ALA ALA A . n 
A 1 173 VAL 173 173 173 VAL VAL A . n 
A 1 174 TYR 174 174 174 TYR TYR A . n 
A 1 175 MET 175 175 175 MET MET A . n 
A 1 176 VAL 176 176 176 VAL VAL A . n 
A 1 177 GLN 177 177 177 GLN GLN A . n 
A 1 178 THR 178 178 178 THR THR A . n 
A 1 179 ARG 179 179 179 ARG ARG A . n 
A 1 180 GLN 180 180 180 GLN GLN A . n 
A 1 181 ALA 181 181 181 ALA ALA A . n 
A 1 182 PHE 182 182 182 PHE PHE A . n 
A 1 183 GLU 183 183 183 GLU GLU A . n 
A 1 184 ARG 184 184 184 ARG ARG A . n 
A 1 185 THR 185 185 185 THR THR A . n 
A 1 186 ARG 186 186 186 ARG ARG A . n 
A 1 187 SER 187 187 187 SER SER A . n 
A 1 188 ASP 188 188 ?   ?   ?   A . n 
A 1 189 GLU 189 189 ?   ?   ?   A . n 
A 1 190 GLY 190 190 ?   ?   ?   A . n 
A 1 191 ARG 191 191 ?   ?   ?   A . n 
A 1 192 ALA 192 192 ?   ?   ?   A . n 
A 1 193 GLN 193 193 ?   ?   ?   A . n 
A 1 194 PHE 194 194 ?   ?   ?   A . n 
A 1 195 GLU 195 195 ?   ?   ?   A . n 
A 1 196 ALA 196 196 ?   ?   ?   A . n 
# 
loop_
_pdbx_nonpoly_scheme.asym_id 
_pdbx_nonpoly_scheme.entity_id 
_pdbx_nonpoly_scheme.mon_id 
_pdbx_nonpoly_scheme.ndb_seq_num 
_pdbx_nonpoly_scheme.pdb_seq_num 
_pdbx_nonpoly_scheme.auth_seq_num 
_pdbx_nonpoly_scheme.pdb_mon_id 
_pdbx_nonpoly_scheme.auth_mon_id 
_pdbx_nonpoly_scheme.pdb_strand_id 
_pdbx_nonpoly_scheme.pdb_ins_code 
B 2 COA 1  197 1   COA COA A . 
C 3 9CS 1  501 501 9CS 9CS A . 
D 4 HOH 1  502 1   HOH HOH A . 
D 4 HOH 2  503 2   HOH HOH A . 
D 4 HOH 3  504 3   HOH HOH A . 
D 4 HOH 4  505 4   HOH HOH A . 
D 4 HOH 5  506 5   HOH HOH A . 
D 4 HOH 6  507 7   HOH HOH A . 
D 4 HOH 7  508 8   HOH HOH A . 
D 4 HOH 8  509 9   HOH HOH A . 
D 4 HOH 9  510 10  HOH HOH A . 
D 4 HOH 10 511 11  HOH HOH A . 
D 4 HOH 11 512 12  HOH HOH A . 
D 4 HOH 12 513 13  HOH HOH A . 
D 4 HOH 13 514 14  HOH HOH A . 
D 4 HOH 14 515 15  HOH HOH A . 
D 4 HOH 15 516 16  HOH HOH A . 
D 4 HOH 16 517 17  HOH HOH A . 
D 4 HOH 17 518 18  HOH HOH A . 
D 4 HOH 18 519 19  HOH HOH A . 
D 4 HOH 19 520 20  HOH HOH A . 
D 4 HOH 20 521 22  HOH HOH A . 
D 4 HOH 21 522 23  HOH HOH A . 
D 4 HOH 22 523 24  HOH HOH A . 
D 4 HOH 23 524 25  HOH HOH A . 
D 4 HOH 24 525 26  HOH HOH A . 
D 4 HOH 25 526 27  HOH HOH A . 
D 4 HOH 26 527 28  HOH HOH A . 
D 4 HOH 27 528 29  HOH HOH A . 
D 4 HOH 28 529 30  HOH HOH A . 
D 4 HOH 29 530 31  HOH HOH A . 
D 4 HOH 30 531 32  HOH HOH A . 
D 4 HOH 31 532 33  HOH HOH A . 
D 4 HOH 32 533 34  HOH HOH A . 
D 4 HOH 33 534 36  HOH HOH A . 
D 4 HOH 34 535 39  HOH HOH A . 
D 4 HOH 35 536 40  HOH HOH A . 
D 4 HOH 36 537 41  HOH HOH A . 
D 4 HOH 37 538 43  HOH HOH A . 
D 4 HOH 38 539 44  HOH HOH A . 
D 4 HOH 39 540 46  HOH HOH A . 
D 4 HOH 40 541 47  HOH HOH A . 
D 4 HOH 41 542 48  HOH HOH A . 
D 4 HOH 42 543 49  HOH HOH A . 
D 4 HOH 43 544 54  HOH HOH A . 
D 4 HOH 44 545 55  HOH HOH A . 
D 4 HOH 45 546 56  HOH HOH A . 
D 4 HOH 46 547 59  HOH HOH A . 
D 4 HOH 47 548 60  HOH HOH A . 
D 4 HOH 48 549 61  HOH HOH A . 
D 4 HOH 49 550 62  HOH HOH A . 
D 4 HOH 50 551 63  HOH HOH A . 
D 4 HOH 51 552 64  HOH HOH A . 
D 4 HOH 52 553 65  HOH HOH A . 
D 4 HOH 53 554 66  HOH HOH A . 
D 4 HOH 54 555 68  HOH HOH A . 
D 4 HOH 55 556 69  HOH HOH A . 
D 4 HOH 56 557 70  HOH HOH A . 
D 4 HOH 57 558 71  HOH HOH A . 
D 4 HOH 58 559 72  HOH HOH A . 
D 4 HOH 59 560 73  HOH HOH A . 
D 4 HOH 60 561 74  HOH HOH A . 
D 4 HOH 61 562 75  HOH HOH A . 
D 4 HOH 62 563 76  HOH HOH A . 
D 4 HOH 63 564 77  HOH HOH A . 
D 4 HOH 64 565 79  HOH HOH A . 
D 4 HOH 65 566 80  HOH HOH A . 
D 4 HOH 66 567 82  HOH HOH A . 
D 4 HOH 67 568 83  HOH HOH A . 
D 4 HOH 68 569 85  HOH HOH A . 
D 4 HOH 69 570 87  HOH HOH A . 
D 4 HOH 70 571 88  HOH HOH A . 
D 4 HOH 71 572 89  HOH HOH A . 
D 4 HOH 72 573 92  HOH HOH A . 
D 4 HOH 73 574 93  HOH HOH A . 
D 4 HOH 74 575 94  HOH HOH A . 
D 4 HOH 75 576 95  HOH HOH A . 
D 4 HOH 76 577 96  HOH HOH A . 
D 4 HOH 77 578 98  HOH HOH A . 
D 4 HOH 78 579 99  HOH HOH A . 
# 
_pdbx_struct_assembly.id                   1 
_pdbx_struct_assembly.details              author_defined_assembly 
_pdbx_struct_assembly.method_details       ? 
_pdbx_struct_assembly.oligomeric_details   monomeric 
_pdbx_struct_assembly.oligomeric_count     1 
# 
_pdbx_struct_assembly_gen.assembly_id       1 
_pdbx_struct_assembly_gen.oper_expression   1 
_pdbx_struct_assembly_gen.asym_id_list      A,B,C,D 
# 
_pdbx_struct_oper_list.id                   1 
_pdbx_struct_oper_list.type                 'identity operation' 
_pdbx_struct_oper_list.name                 1_555 
_pdbx_struct_oper_list.symmetry_operation   x,y,z 
_pdbx_struct_oper_list.matrix[1][1]         1.0000000000 
_pdbx_struct_oper_list.matrix[1][2]         0.0000000000 
_pdbx_struct_oper_list.matrix[1][3]         0.0000000000 
_pdbx_struct_oper_list.vector[1]            0.0000000000 
_pdbx_struct_oper_list.matrix[2][1]         0.0000000000 
_pdbx_struct_oper_list.matrix[2][2]         1.0000000000 
_pdbx_struct_oper_list.matrix[2][3]         0.0000000000 
_pdbx_struct_oper_list.vector[2]            0.0000000000 
_pdbx_struct_oper_list.matrix[3][1]         0.0000000000 
_pdbx_struct_oper_list.matrix[3][2]         0.0000000000 
_pdbx_struct_oper_list.matrix[3][3]         1.0000000000 
_pdbx_struct_oper_list.vector[3]            0.0000000000 
# 
loop_
_pdbx_audit_revision_history.ordinal 
_pdbx_audit_revision_history.data_content_type 
_pdbx_audit_revision_history.major_revision 
_pdbx_audit_revision_history.minor_revision 
_pdbx_audit_revision_history.revision_date 
1 'Structure model' 1 0 2008-04-08 
2 'Structure model' 1 1 2011-07-13 
3 'Structure model' 1 2 2016-12-07 
4 'Structure model' 1 3 2017-10-11 
5 'Structure model' 1 4 2021-10-20 
6 'Structure model' 1 5 2023-08-30 
# 
_pdbx_audit_revision_details.ordinal             1 
_pdbx_audit_revision_details.revision_ordinal    1 
_pdbx_audit_revision_details.data_content_type   'Structure model' 
_pdbx_audit_revision_details.provider            repository 
_pdbx_audit_revision_details.type                'Initial release' 
_pdbx_audit_revision_details.description         ? 
_pdbx_audit_revision_details.details             ? 
# 
loop_
_pdbx_audit_revision_group.ordinal 
_pdbx_audit_revision_group.revision_ordinal 
_pdbx_audit_revision_group.data_content_type 
_pdbx_audit_revision_group.group 
1 2 'Structure model' 'Version format compliance' 
2 3 'Structure model' 'Non-polymer description'   
3 4 'Structure model' 'Data collection'           
4 5 'Structure model' 'Database references'       
5 5 'Structure model' 'Derived calculations'      
6 5 'Structure model' 'Structure summary'         
7 6 'Structure model' 'Data collection'           
8 6 'Structure model' 'Refinement description'    
# 
loop_
_pdbx_audit_revision_category.ordinal 
_pdbx_audit_revision_category.revision_ordinal 
_pdbx_audit_revision_category.data_content_type 
_pdbx_audit_revision_category.category 
1 4 'Structure model' reflns_shell                  
2 5 'Structure model' chem_comp                     
3 5 'Structure model' database_2                    
4 5 'Structure model' struct_ref_seq_dif            
5 5 'Structure model' struct_site                   
6 6 'Structure model' chem_comp_atom                
7 6 'Structure model' chem_comp_bond                
8 6 'Structure model' pdbx_initial_refinement_model 
# 
loop_
_pdbx_audit_revision_item.ordinal 
_pdbx_audit_revision_item.revision_ordinal 
_pdbx_audit_revision_item.data_content_type 
_pdbx_audit_revision_item.item 
1 4 'Structure model' '_reflns_shell.percent_possible_all'  
2 5 'Structure model' '_chem_comp.pdbx_synonyms'            
3 5 'Structure model' '_database_2.pdbx_DOI'                
4 5 'Structure model' '_database_2.pdbx_database_accession' 
5 5 'Structure model' '_struct_ref_seq_dif.details'         
6 5 'Structure model' '_struct_site.pdbx_auth_asym_id'      
7 5 'Structure model' '_struct_site.pdbx_auth_comp_id'      
8 5 'Structure model' '_struct_site.pdbx_auth_seq_id'       
# 
_pdbx_phasing_MR.entry_id                     2QIR 
_pdbx_phasing_MR.method_rotation              ? 
_pdbx_phasing_MR.method_translation           ? 
_pdbx_phasing_MR.model_details                ? 
_pdbx_phasing_MR.R_factor                     ? 
_pdbx_phasing_MR.R_rigid_body                 ? 
_pdbx_phasing_MR.correlation_coeff_Fo_to_Fc   ? 
_pdbx_phasing_MR.correlation_coeff_Io_to_Ic   ? 
_pdbx_phasing_MR.d_res_high_rotation          2.500 
_pdbx_phasing_MR.d_res_low_rotation           53.400 
_pdbx_phasing_MR.d_res_high_translation       2.500 
_pdbx_phasing_MR.d_res_low_translation        53.400 
_pdbx_phasing_MR.packing                      ? 
_pdbx_phasing_MR.reflns_percent_rotation      ? 
_pdbx_phasing_MR.reflns_percent_translation   ? 
_pdbx_phasing_MR.sigma_F_rotation             ? 
_pdbx_phasing_MR.sigma_F_translation          ? 
_pdbx_phasing_MR.sigma_I_rotation             ? 
_pdbx_phasing_MR.sigma_I_translation          ? 
# 
loop_
_software.name 
_software.version 
_software.date 
_software.type 
_software.contact_author 
_software.contact_author_email 
_software.classification 
_software.location 
_software.language 
_software.citation_id 
_software.pdbx_ordinal 
SCALA       .       ?                other   'Phil Evans'      pre@mrc-lmb.cam.ac.uk       'data scaling'    
http://www.ccp4.ac.uk/dist/html/INDEX.html  Fortran_77 ? 1 
PHASER      .       ?                other   'R. J. Read'      cimr-phaser@lists.cam.ac.uk phasing           
http://www-structmed.cimr.cam.ac.uk/phaser/ ?          ? 2 
REFMAC      .       ?                program 'Murshudov, G.N.' ccp4@dl.ac.uk               refinement        
http://www.ccp4.ac.uk/main.html             Fortran_77 ? 3 
PDB_EXTRACT 2.000   'April. 3, 2006' package PDB               sw-help@rcsb.rutgers.edu    'data extraction' 
http://pdb.rutgers.edu/software/            C++        ? 4 
ADSC        Quantum ?                ?       ?                 ?                           'data collection' ? ?          ? 5 
MOSFLM      .       ?                ?       ?                 ?                           'data reduction'  ? ?          ? 6 
# 
loop_
_pdbx_validate_symm_contact.id 
_pdbx_validate_symm_contact.PDB_model_num 
_pdbx_validate_symm_contact.auth_atom_id_1 
_pdbx_validate_symm_contact.auth_asym_id_1 
_pdbx_validate_symm_contact.auth_comp_id_1 
_pdbx_validate_symm_contact.auth_seq_id_1 
_pdbx_validate_symm_contact.PDB_ins_code_1 
_pdbx_validate_symm_contact.label_alt_id_1 
_pdbx_validate_symm_contact.site_symmetry_1 
_pdbx_validate_symm_contact.auth_atom_id_2 
_pdbx_validate_symm_contact.auth_asym_id_2 
_pdbx_validate_symm_contact.auth_comp_id_2 
_pdbx_validate_symm_contact.auth_seq_id_2 
_pdbx_validate_symm_contact.PDB_ins_code_2 
_pdbx_validate_symm_contact.label_alt_id_2 
_pdbx_validate_symm_contact.site_symmetry_2 
_pdbx_validate_symm_contact.dist 
1 1 O A HOH 513 ? ? 1_555 O A HOH 559 ? ? 5_554 1.66 
2 1 O A HOH 557 ? ? 1_555 O A HOH 559 ? ? 5_554 1.87 
# 
_pdbx_validate_torsion.id              1 
_pdbx_validate_torsion.PDB_model_num   1 
_pdbx_validate_torsion.auth_comp_id    ASP 
_pdbx_validate_torsion.auth_asym_id    A 
_pdbx_validate_torsion.auth_seq_id     90 
_pdbx_validate_torsion.PDB_ins_code    ? 
_pdbx_validate_torsion.label_alt_id    ? 
_pdbx_validate_torsion.phi             17.49 
_pdbx_validate_torsion.psi             57.61 
# 
loop_
_pdbx_unobs_or_zero_occ_residues.id 
_pdbx_unobs_or_zero_occ_residues.PDB_model_num 
_pdbx_unobs_or_zero_occ_residues.polymer_flag 
_pdbx_unobs_or_zero_occ_residues.occupancy_flag 
_pdbx_unobs_or_zero_occ_residues.auth_asym_id 
_pdbx_unobs_or_zero_occ_residues.auth_comp_id 
_pdbx_unobs_or_zero_occ_residues.auth_seq_id 
_pdbx_unobs_or_zero_occ_residues.PDB_ins_code 
_pdbx_unobs_or_zero_occ_residues.label_asym_id 
_pdbx_unobs_or_zero_occ_residues.label_comp_id 
_pdbx_unobs_or_zero_occ_residues.label_seq_id 
1  1 Y 1 A MET 1   ? A MET 1   
2  1 Y 1 A LYS 2   ? A LYS 2   
3  1 Y 1 A ASN 3   ? A ASN 3   
4  1 Y 1 A THR 4   ? A THR 4   
5  1 Y 1 A ILE 5   ? A ILE 5   
6  1 Y 1 A HIS 6   ? A HIS 6   
7  1 Y 1 A ILE 7   ? A ILE 7   
8  1 Y 1 A ASN 8   ? A ASN 8   
9  1 Y 1 A SER 9   ? A SER 9   
10 1 Y 1 A ASN 10  ? A ASN 10  
11 1 Y 1 A ASP 11  ? A ASP 11  
12 1 Y 1 A GLY 40  ? A GLY 40  
13 1 Y 1 A GLY 41  ? A GLY 41  
14 1 Y 1 A GLU 42  ? A GLU 42  
15 1 Y 1 A GLU 43  ? A GLU 43  
16 1 Y 1 A ASP 188 ? A ASP 188 
17 1 Y 1 A GLU 189 ? A GLU 189 
18 1 Y 1 A GLY 190 ? A GLY 190 
19 1 Y 1 A ARG 191 ? A ARG 191 
20 1 Y 1 A ALA 192 ? A ALA 192 
21 1 Y 1 A GLN 193 ? A GLN 193 
22 1 Y 1 A PHE 194 ? A PHE 194 
23 1 Y 1 A GLU 195 ? A GLU 195 
24 1 Y 1 A ALA 196 ? A ALA 196 
# 
loop_
_chem_comp_atom.comp_id 
_chem_comp_atom.atom_id 
_chem_comp_atom.type_symbol 
_chem_comp_atom.pdbx_aromatic_flag 
_chem_comp_atom.pdbx_stereo_config 
_chem_comp_atom.pdbx_ordinal 
9CS C1   C N R 1   
9CS C2   C N R 2   
9CS C3   C N R 3   
9CS C4   C N S 4   
9CS C5   C N R 5   
9CS C6   C N N 6   
9CS C7   C N R 7   
9CS C8   C N S 8   
9CS C9   C N S 9   
9CS C10  C N R 10  
9CS C11  C N S 11  
9CS C12  C N N 12  
9CS C13  C N S 13  
9CS C14  C N R 14  
9CS C15  C N S 15  
9CS C16  C N S 16  
9CS C17  C N R 17  
9CS C18  C N N 18  
9CS N1   N N N 19  
9CS N2   N N N 20  
9CS N3   N N N 21  
9CS N4   N N N 22  
9CS O5   O N N 23  
9CS O7   O N N 24  
9CS O8   O N N 25  
9CS O9   O N N 26  
9CS O10  O N N 27  
9CS O11  O N N 28  
9CS O12  O N N 29  
9CS O13  O N N 30  
9CS O14  O N N 31  
9CS O15  O N N 32  
9CS N6   N N N 33  
9CS H1   H N N 34  
9CS H2   H N N 35  
9CS H3   H N N 36  
9CS H4   H N N 37  
9CS H5   H N N 38  
9CS H61  H N N 39  
9CS H62  H N N 40  
9CS H7   H N N 41  
9CS H8   H N N 42  
9CS H9   H N N 43  
9CS H10  H N N 44  
9CS H11  H N N 45  
9CS H121 H N N 46  
9CS H122 H N N 47  
9CS H13  H N N 48  
9CS H14  H N N 49  
9CS H15  H N N 50  
9CS H16  H N N 51  
9CS H17  H N N 52  
9CS H181 H N N 53  
9CS H182 H N N 54  
9CS HN11 H N N 55  
9CS HN12 H N N 56  
9CS HN21 H N N 57  
9CS HN22 H N N 58  
9CS HN31 H N N 59  
9CS HN32 H N N 60  
9CS HN41 H N N 61  
9CS HN42 H N N 62  
9CS HO7  H N N 63  
9CS HO8  H N N 64  
9CS HO10 H N N 65  
9CS HO13 H N N 66  
9CS HO14 H N N 67  
9CS HO15 H N N 68  
9CS HN61 H N N 69  
9CS HN62 H N N 70  
ALA N    N N N 71  
ALA CA   C N S 72  
ALA C    C N N 73  
ALA O    O N N 74  
ALA CB   C N N 75  
ALA OXT  O N N 76  
ALA H    H N N 77  
ALA H2   H N N 78  
ALA HA   H N N 79  
ALA HB1  H N N 80  
ALA HB2  H N N 81  
ALA HB3  H N N 82  
ALA HXT  H N N 83  
ARG N    N N N 84  
ARG CA   C N S 85  
ARG C    C N N 86  
ARG O    O N N 87  
ARG CB   C N N 88  
ARG CG   C N N 89  
ARG CD   C N N 90  
ARG NE   N N N 91  
ARG CZ   C N N 92  
ARG NH1  N N N 93  
ARG NH2  N N N 94  
ARG OXT  O N N 95  
ARG H    H N N 96  
ARG H2   H N N 97  
ARG HA   H N N 98  
ARG HB2  H N N 99  
ARG HB3  H N N 100 
ARG HG2  H N N 101 
ARG HG3  H N N 102 
ARG HD2  H N N 103 
ARG HD3  H N N 104 
ARG HE   H N N 105 
ARG HH11 H N N 106 
ARG HH12 H N N 107 
ARG HH21 H N N 108 
ARG HH22 H N N 109 
ARG HXT  H N N 110 
ASN N    N N N 111 
ASN CA   C N S 112 
ASN C    C N N 113 
ASN O    O N N 114 
ASN CB   C N N 115 
ASN CG   C N N 116 
ASN OD1  O N N 117 
ASN ND2  N N N 118 
ASN OXT  O N N 119 
ASN H    H N N 120 
ASN H2   H N N 121 
ASN HA   H N N 122 
ASN HB2  H N N 123 
ASN HB3  H N N 124 
ASN HD21 H N N 125 
ASN HD22 H N N 126 
ASN HXT  H N N 127 
ASP N    N N N 128 
ASP CA   C N S 129 
ASP C    C N N 130 
ASP O    O N N 131 
ASP CB   C N N 132 
ASP CG   C N N 133 
ASP OD1  O N N 134 
ASP OD2  O N N 135 
ASP OXT  O N N 136 
ASP H    H N N 137 
ASP H2   H N N 138 
ASP HA   H N N 139 
ASP HB2  H N N 140 
ASP HB3  H N N 141 
ASP HD2  H N N 142 
ASP HXT  H N N 143 
COA N1A  N Y N 144 
COA C2A  C Y N 145 
COA N3A  N Y N 146 
COA C4A  C Y N 147 
COA C5A  C Y N 148 
COA C6A  C Y N 149 
COA N6A  N N N 150 
COA N7A  N Y N 151 
COA C8A  C Y N 152 
COA N9A  N Y N 153 
COA C1B  C N R 154 
COA C2B  C N R 155 
COA O2B  O N N 156 
COA C3B  C N S 157 
COA O3B  O N N 158 
COA P3B  P N N 159 
COA O7A  O N N 160 
COA O8A  O N N 161 
COA O9A  O N N 162 
COA C4B  C N R 163 
COA O4B  O N N 164 
COA C5B  C N N 165 
COA O5B  O N N 166 
COA P1A  P N S 167 
COA O1A  O N N 168 
COA O2A  O N N 169 
COA O3A  O N N 170 
COA P2A  P N S 171 
COA O4A  O N N 172 
COA O5A  O N N 173 
COA O6A  O N N 174 
COA CBP  C N N 175 
COA CCP  C N N 176 
COA CDP  C N N 177 
COA CEP  C N N 178 
COA CAP  C N R 179 
COA OAP  O N N 180 
COA C9P  C N N 181 
COA O9P  O N N 182 
COA N8P  N N N 183 
COA C7P  C N N 184 
COA C6P  C N N 185 
COA C5P  C N N 186 
COA O5P  O N N 187 
COA N4P  N N N 188 
COA C3P  C N N 189 
COA C2P  C N N 190 
COA S1P  S N N 191 
COA H2A  H N N 192 
COA H61A H N N 193 
COA H62A H N N 194 
COA H8A  H N N 195 
COA H1B  H N N 196 
COA H2B  H N N 197 
COA HO2A H N N 198 
COA H3B  H N N 199 
COA HOA8 H N N 200 
COA HOA9 H N N 201 
COA H4B  H N N 202 
COA H51A H N N 203 
COA H52A H N N 204 
COA HOA2 H N N 205 
COA HOA5 H N N 206 
COA H121 H N N 207 
COA H122 H N N 208 
COA H131 H N N 209 
COA H132 H N N 210 
COA H133 H N N 211 
COA H141 H N N 212 
COA H142 H N N 213 
COA H143 H N N 214 
COA H10  H N N 215 
COA HO1  H N N 216 
COA HN8  H N N 217 
COA H71  H N N 218 
COA H72  H N N 219 
COA H61  H N N 220 
COA H62  H N N 221 
COA HN4  H N N 222 
COA H31  H N N 223 
COA H32  H N N 224 
COA H21  H N N 225 
COA H22  H N N 226 
COA HS1  H N N 227 
CYS N    N N N 228 
CYS CA   C N R 229 
CYS C    C N N 230 
CYS O    O N N 231 
CYS CB   C N N 232 
CYS SG   S N N 233 
CYS OXT  O N N 234 
CYS H    H N N 235 
CYS H2   H N N 236 
CYS HA   H N N 237 
CYS HB2  H N N 238 
CYS HB3  H N N 239 
CYS HG   H N N 240 
CYS HXT  H N N 241 
GLN N    N N N 242 
GLN CA   C N S 243 
GLN C    C N N 244 
GLN O    O N N 245 
GLN CB   C N N 246 
GLN CG   C N N 247 
GLN CD   C N N 248 
GLN OE1  O N N 249 
GLN NE2  N N N 250 
GLN OXT  O N N 251 
GLN H    H N N 252 
GLN H2   H N N 253 
GLN HA   H N N 254 
GLN HB2  H N N 255 
GLN HB3  H N N 256 
GLN HG2  H N N 257 
GLN HG3  H N N 258 
GLN HE21 H N N 259 
GLN HE22 H N N 260 
GLN HXT  H N N 261 
GLU N    N N N 262 
GLU CA   C N S 263 
GLU C    C N N 264 
GLU O    O N N 265 
GLU CB   C N N 266 
GLU CG   C N N 267 
GLU CD   C N N 268 
GLU OE1  O N N 269 
GLU OE2  O N N 270 
GLU OXT  O N N 271 
GLU H    H N N 272 
GLU H2   H N N 273 
GLU HA   H N N 274 
GLU HB2  H N N 275 
GLU HB3  H N N 276 
GLU HG2  H N N 277 
GLU HG3  H N N 278 
GLU HE2  H N N 279 
GLU HXT  H N N 280 
GLY N    N N N 281 
GLY CA   C N N 282 
GLY C    C N N 283 
GLY O    O N N 284 
GLY OXT  O N N 285 
GLY H    H N N 286 
GLY H2   H N N 287 
GLY HA2  H N N 288 
GLY HA3  H N N 289 
GLY HXT  H N N 290 
HIS N    N N N 291 
HIS CA   C N S 292 
HIS C    C N N 293 
HIS O    O N N 294 
HIS CB   C N N 295 
HIS CG   C Y N 296 
HIS ND1  N Y N 297 
HIS CD2  C Y N 298 
HIS CE1  C Y N 299 
HIS NE2  N Y N 300 
HIS OXT  O N N 301 
HIS H    H N N 302 
HIS H2   H N N 303 
HIS HA   H N N 304 
HIS HB2  H N N 305 
HIS HB3  H N N 306 
HIS HD1  H N N 307 
HIS HD2  H N N 308 
HIS HE1  H N N 309 
HIS HE2  H N N 310 
HIS HXT  H N N 311 
HOH O    O N N 312 
HOH H1   H N N 313 
HOH H2   H N N 314 
ILE N    N N N 315 
ILE CA   C N S 316 
ILE C    C N N 317 
ILE O    O N N 318 
ILE CB   C N S 319 
ILE CG1  C N N 320 
ILE CG2  C N N 321 
ILE CD1  C N N 322 
ILE OXT  O N N 323 
ILE H    H N N 324 
ILE H2   H N N 325 
ILE HA   H N N 326 
ILE HB   H N N 327 
ILE HG12 H N N 328 
ILE HG13 H N N 329 
ILE HG21 H N N 330 
ILE HG22 H N N 331 
ILE HG23 H N N 332 
ILE HD11 H N N 333 
ILE HD12 H N N 334 
ILE HD13 H N N 335 
ILE HXT  H N N 336 
LEU N    N N N 337 
LEU CA   C N S 338 
LEU C    C N N 339 
LEU O    O N N 340 
LEU CB   C N N 341 
LEU CG   C N N 342 
LEU CD1  C N N 343 
LEU CD2  C N N 344 
LEU OXT  O N N 345 
LEU H    H N N 346 
LEU H2   H N N 347 
LEU HA   H N N 348 
LEU HB2  H N N 349 
LEU HB3  H N N 350 
LEU HG   H N N 351 
LEU HD11 H N N 352 
LEU HD12 H N N 353 
LEU HD13 H N N 354 
LEU HD21 H N N 355 
LEU HD22 H N N 356 
LEU HD23 H N N 357 
LEU HXT  H N N 358 
LYS N    N N N 359 
LYS CA   C N S 360 
LYS C    C N N 361 
LYS O    O N N 362 
LYS CB   C N N 363 
LYS CG   C N N 364 
LYS CD   C N N 365 
LYS CE   C N N 366 
LYS NZ   N N N 367 
LYS OXT  O N N 368 
LYS H    H N N 369 
LYS H2   H N N 370 
LYS HA   H N N 371 
LYS HB2  H N N 372 
LYS HB3  H N N 373 
LYS HG2  H N N 374 
LYS HG3  H N N 375 
LYS HD2  H N N 376 
LYS HD3  H N N 377 
LYS HE2  H N N 378 
LYS HE3  H N N 379 
LYS HZ1  H N N 380 
LYS HZ2  H N N 381 
LYS HZ3  H N N 382 
LYS HXT  H N N 383 
MET N    N N N 384 
MET CA   C N S 385 
MET C    C N N 386 
MET O    O N N 387 
MET CB   C N N 388 
MET CG   C N N 389 
MET SD   S N N 390 
MET CE   C N N 391 
MET OXT  O N N 392 
MET H    H N N 393 
MET H2   H N N 394 
MET HA   H N N 395 
MET HB2  H N N 396 
MET HB3  H N N 397 
MET HG2  H N N 398 
MET HG3  H N N 399 
MET HE1  H N N 400 
MET HE2  H N N 401 
MET HE3  H N N 402 
MET HXT  H N N 403 
PHE N    N N N 404 
PHE CA   C N S 405 
PHE C    C N N 406 
PHE O    O N N 407 
PHE CB   C N N 408 
PHE CG   C Y N 409 
PHE CD1  C Y N 410 
PHE CD2  C Y N 411 
PHE CE1  C Y N 412 
PHE CE2  C Y N 413 
PHE CZ   C Y N 414 
PHE OXT  O N N 415 
PHE H    H N N 416 
PHE H2   H N N 417 
PHE HA   H N N 418 
PHE HB2  H N N 419 
PHE HB3  H N N 420 
PHE HD1  H N N 421 
PHE HD2  H N N 422 
PHE HE1  H N N 423 
PHE HE2  H N N 424 
PHE HZ   H N N 425 
PHE HXT  H N N 426 
PRO N    N N N 427 
PRO CA   C N S 428 
PRO C    C N N 429 
PRO O    O N N 430 
PRO CB   C N N 431 
PRO CG   C N N 432 
PRO CD   C N N 433 
PRO OXT  O N N 434 
PRO H    H N N 435 
PRO HA   H N N 436 
PRO HB2  H N N 437 
PRO HB3  H N N 438 
PRO HG2  H N N 439 
PRO HG3  H N N 440 
PRO HD2  H N N 441 
PRO HD3  H N N 442 
PRO HXT  H N N 443 
SER N    N N N 444 
SER CA   C N S 445 
SER C    C N N 446 
SER O    O N N 447 
SER CB   C N N 448 
SER OG   O N N 449 
SER OXT  O N N 450 
SER H    H N N 451 
SER H2   H N N 452 
SER HA   H N N 453 
SER HB2  H N N 454 
SER HB3  H N N 455 
SER HG   H N N 456 
SER HXT  H N N 457 
THR N    N N N 458 
THR CA   C N S 459 
THR C    C N N 460 
THR O    O N N 461 
THR CB   C N R 462 
THR OG1  O N N 463 
THR CG2  C N N 464 
THR OXT  O N N 465 
THR H    H N N 466 
THR H2   H N N 467 
THR HA   H N N 468 
THR HB   H N N 469 
THR HG1  H N N 470 
THR HG21 H N N 471 
THR HG22 H N N 472 
THR HG23 H N N 473 
THR HXT  H N N 474 
TRP N    N N N 475 
TRP CA   C N S 476 
TRP C    C N N 477 
TRP O    O N N 478 
TRP CB   C N N 479 
TRP CG   C Y N 480 
TRP CD1  C Y N 481 
TRP CD2  C Y N 482 
TRP NE1  N Y N 483 
TRP CE2  C Y N 484 
TRP CE3  C Y N 485 
TRP CZ2  C Y N 486 
TRP CZ3  C Y N 487 
TRP CH2  C Y N 488 
TRP OXT  O N N 489 
TRP H    H N N 490 
TRP H2   H N N 491 
TRP HA   H N N 492 
TRP HB2  H N N 493 
TRP HB3  H N N 494 
TRP HD1  H N N 495 
TRP HE1  H N N 496 
TRP HE3  H N N 497 
TRP HZ2  H N N 498 
TRP HZ3  H N N 499 
TRP HH2  H N N 500 
TRP HXT  H N N 501 
TYR N    N N N 502 
TYR CA   C N S 503 
TYR C    C N N 504 
TYR O    O N N 505 
TYR CB   C N N 506 
TYR CG   C Y N 507 
TYR CD1  C Y N 508 
TYR CD2  C Y N 509 
TYR CE1  C Y N 510 
TYR CE2  C Y N 511 
TYR CZ   C Y N 512 
TYR OH   O N N 513 
TYR OXT  O N N 514 
TYR H    H N N 515 
TYR H2   H N N 516 
TYR HA   H N N 517 
TYR HB2  H N N 518 
TYR HB3  H N N 519 
TYR HD1  H N N 520 
TYR HD2  H N N 521 
TYR HE1  H N N 522 
TYR HE2  H N N 523 
TYR HH   H N N 524 
TYR HXT  H N N 525 
VAL N    N N N 526 
VAL CA   C N S 527 
VAL C    C N N 528 
VAL O    O N N 529 
VAL CB   C N N 530 
VAL CG1  C N N 531 
VAL CG2  C N N 532 
VAL OXT  O N N 533 
VAL H    H N N 534 
VAL H2   H N N 535 
VAL HA   H N N 536 
VAL HB   H N N 537 
VAL HG11 H N N 538 
VAL HG12 H N N 539 
VAL HG13 H N N 540 
VAL HG21 H N N 541 
VAL HG22 H N N 542 
VAL HG23 H N N 543 
VAL HXT  H N N 544 
# 
loop_
_chem_comp_bond.comp_id 
_chem_comp_bond.atom_id_1 
_chem_comp_bond.atom_id_2 
_chem_comp_bond.value_order 
_chem_comp_bond.pdbx_aromatic_flag 
_chem_comp_bond.pdbx_stereo_config 
_chem_comp_bond.pdbx_ordinal 
9CS C1  O5   sing N N 1   
9CS C1  O9   sing N N 2   
9CS C1  C2   sing N N 3   
9CS C1  H1   sing N N 4   
9CS C2  C3   sing N N 5   
9CS C2  N6   sing N N 6   
9CS C2  H2   sing N N 7   
9CS C3  C4   sing N N 8   
9CS C3  O7   sing N N 9   
9CS C3  H3   sing N N 10  
9CS C4  C5   sing N N 11  
9CS C4  O8   sing N N 12  
9CS C4  H4   sing N N 13  
9CS C5  C6   sing N N 14  
9CS C5  O5   sing N N 15  
9CS C5  H5   sing N N 16  
9CS C6  N1   sing N N 17  
9CS C6  H61  sing N N 18  
9CS C6  H62  sing N N 19  
9CS C7  C12  sing N N 20  
9CS C7  N3   sing N N 21  
9CS C7  C8   sing N N 22  
9CS C7  H7   sing N N 23  
9CS C8  C9   sing N N 24  
9CS C8  O11  sing N N 25  
9CS C8  H8   sing N N 26  
9CS C9  C10  sing N N 27  
9CS C9  O10  sing N N 28  
9CS C9  H9   sing N N 29  
9CS C10 C11  sing N N 30  
9CS C10 O9   sing N N 31  
9CS C10 H10  sing N N 32  
9CS C11 N2   sing N N 33  
9CS C11 C12  sing N N 34  
9CS C11 H11  sing N N 35  
9CS C12 H121 sing N N 36  
9CS C12 H122 sing N N 37  
9CS C13 O11  sing N N 38  
9CS C13 C14  sing N N 39  
9CS C13 O12  sing N N 40  
9CS C13 H13  sing N N 41  
9CS C14 O13  sing N N 42  
9CS C14 C15  sing N N 43  
9CS C14 H14  sing N N 44  
9CS C15 N4   sing N N 45  
9CS C15 C16  sing N N 46  
9CS C15 H15  sing N N 47  
9CS C16 C17  sing N N 48  
9CS C16 O14  sing N N 49  
9CS C16 H16  sing N N 50  
9CS C17 O12  sing N N 51  
9CS C17 C18  sing N N 52  
9CS C17 H17  sing N N 53  
9CS C18 O15  sing N N 54  
9CS C18 H181 sing N N 55  
9CS C18 H182 sing N N 56  
9CS N1  HN11 sing N N 57  
9CS N1  HN12 sing N N 58  
9CS N2  HN21 sing N N 59  
9CS N2  HN22 sing N N 60  
9CS N3  HN31 sing N N 61  
9CS N3  HN32 sing N N 62  
9CS N4  HN41 sing N N 63  
9CS N4  HN42 sing N N 64  
9CS O7  HO7  sing N N 65  
9CS O8  HO8  sing N N 66  
9CS O10 HO10 sing N N 67  
9CS O13 HO13 sing N N 68  
9CS O14 HO14 sing N N 69  
9CS O15 HO15 sing N N 70  
9CS N6  HN61 sing N N 71  
9CS N6  HN62 sing N N 72  
ALA N   CA   sing N N 73  
ALA N   H    sing N N 74  
ALA N   H2   sing N N 75  
ALA CA  C    sing N N 76  
ALA CA  CB   sing N N 77  
ALA CA  HA   sing N N 78  
ALA C   O    doub N N 79  
ALA C   OXT  sing N N 80  
ALA CB  HB1  sing N N 81  
ALA CB  HB2  sing N N 82  
ALA CB  HB3  sing N N 83  
ALA OXT HXT  sing N N 84  
ARG N   CA   sing N N 85  
ARG N   H    sing N N 86  
ARG N   H2   sing N N 87  
ARG CA  C    sing N N 88  
ARG CA  CB   sing N N 89  
ARG CA  HA   sing N N 90  
ARG C   O    doub N N 91  
ARG C   OXT  sing N N 92  
ARG CB  CG   sing N N 93  
ARG CB  HB2  sing N N 94  
ARG CB  HB3  sing N N 95  
ARG CG  CD   sing N N 96  
ARG CG  HG2  sing N N 97  
ARG CG  HG3  sing N N 98  
ARG CD  NE   sing N N 99  
ARG CD  HD2  sing N N 100 
ARG CD  HD3  sing N N 101 
ARG NE  CZ   sing N N 102 
ARG NE  HE   sing N N 103 
ARG CZ  NH1  sing N N 104 
ARG CZ  NH2  doub N N 105 
ARG NH1 HH11 sing N N 106 
ARG NH1 HH12 sing N N 107 
ARG NH2 HH21 sing N N 108 
ARG NH2 HH22 sing N N 109 
ARG OXT HXT  sing N N 110 
ASN N   CA   sing N N 111 
ASN N   H    sing N N 112 
ASN N   H2   sing N N 113 
ASN CA  C    sing N N 114 
ASN CA  CB   sing N N 115 
ASN CA  HA   sing N N 116 
ASN C   O    doub N N 117 
ASN C   OXT  sing N N 118 
ASN CB  CG   sing N N 119 
ASN CB  HB2  sing N N 120 
ASN CB  HB3  sing N N 121 
ASN CG  OD1  doub N N 122 
ASN CG  ND2  sing N N 123 
ASN ND2 HD21 sing N N 124 
ASN ND2 HD22 sing N N 125 
ASN OXT HXT  sing N N 126 
ASP N   CA   sing N N 127 
ASP N   H    sing N N 128 
ASP N   H2   sing N N 129 
ASP CA  C    sing N N 130 
ASP CA  CB   sing N N 131 
ASP CA  HA   sing N N 132 
ASP C   O    doub N N 133 
ASP C   OXT  sing N N 134 
ASP CB  CG   sing N N 135 
ASP CB  HB2  sing N N 136 
ASP CB  HB3  sing N N 137 
ASP CG  OD1  doub N N 138 
ASP CG  OD2  sing N N 139 
ASP OD2 HD2  sing N N 140 
ASP OXT HXT  sing N N 141 
COA N1A C2A  sing Y N 142 
COA N1A C6A  doub Y N 143 
COA C2A N3A  doub Y N 144 
COA C2A H2A  sing N N 145 
COA N3A C4A  sing Y N 146 
COA C4A C5A  doub Y N 147 
COA C4A N9A  sing Y N 148 
COA C5A C6A  sing Y N 149 
COA C5A N7A  sing Y N 150 
COA C6A N6A  sing N N 151 
COA N6A H61A sing N N 152 
COA N6A H62A sing N N 153 
COA N7A C8A  doub Y N 154 
COA C8A N9A  sing Y N 155 
COA C8A H8A  sing N N 156 
COA N9A C1B  sing N N 157 
COA C1B C2B  sing N N 158 
COA C1B O4B  sing N N 159 
COA C1B H1B  sing N N 160 
COA C2B O2B  sing N N 161 
COA C2B C3B  sing N N 162 
COA C2B H2B  sing N N 163 
COA O2B HO2A sing N N 164 
COA C3B O3B  sing N N 165 
COA C3B C4B  sing N N 166 
COA C3B H3B  sing N N 167 
COA O3B P3B  sing N N 168 
COA P3B O7A  doub N N 169 
COA P3B O8A  sing N N 170 
COA P3B O9A  sing N N 171 
COA O8A HOA8 sing N N 172 
COA O9A HOA9 sing N N 173 
COA C4B O4B  sing N N 174 
COA C4B C5B  sing N N 175 
COA C4B H4B  sing N N 176 
COA C5B O5B  sing N N 177 
COA C5B H51A sing N N 178 
COA C5B H52A sing N N 179 
COA O5B P1A  sing N N 180 
COA P1A O1A  doub N N 181 
COA P1A O2A  sing N N 182 
COA P1A O3A  sing N N 183 
COA O2A HOA2 sing N N 184 
COA O3A P2A  sing N N 185 
COA P2A O4A  doub N N 186 
COA P2A O5A  sing N N 187 
COA P2A O6A  sing N N 188 
COA O5A HOA5 sing N N 189 
COA O6A CCP  sing N N 190 
COA CBP CCP  sing N N 191 
COA CBP CDP  sing N N 192 
COA CBP CEP  sing N N 193 
COA CBP CAP  sing N N 194 
COA CCP H121 sing N N 195 
COA CCP H122 sing N N 196 
COA CDP H131 sing N N 197 
COA CDP H132 sing N N 198 
COA CDP H133 sing N N 199 
COA CEP H141 sing N N 200 
COA CEP H142 sing N N 201 
COA CEP H143 sing N N 202 
COA CAP OAP  sing N N 203 
COA CAP C9P  sing N N 204 
COA CAP H10  sing N N 205 
COA OAP HO1  sing N N 206 
COA C9P O9P  doub N N 207 
COA C9P N8P  sing N N 208 
COA N8P C7P  sing N N 209 
COA N8P HN8  sing N N 210 
COA C7P C6P  sing N N 211 
COA C7P H71  sing N N 212 
COA C7P H72  sing N N 213 
COA C6P C5P  sing N N 214 
COA C6P H61  sing N N 215 
COA C6P H62  sing N N 216 
COA C5P O5P  doub N N 217 
COA C5P N4P  sing N N 218 
COA N4P C3P  sing N N 219 
COA N4P HN4  sing N N 220 
COA C3P C2P  sing N N 221 
COA C3P H31  sing N N 222 
COA C3P H32  sing N N 223 
COA C2P S1P  sing N N 224 
COA C2P H21  sing N N 225 
COA C2P H22  sing N N 226 
COA S1P HS1  sing N N 227 
CYS N   CA   sing N N 228 
CYS N   H    sing N N 229 
CYS N   H2   sing N N 230 
CYS CA  C    sing N N 231 
CYS CA  CB   sing N N 232 
CYS CA  HA   sing N N 233 
CYS C   O    doub N N 234 
CYS C   OXT  sing N N 235 
CYS CB  SG   sing N N 236 
CYS CB  HB2  sing N N 237 
CYS CB  HB3  sing N N 238 
CYS SG  HG   sing N N 239 
CYS OXT HXT  sing N N 240 
GLN N   CA   sing N N 241 
GLN N   H    sing N N 242 
GLN N   H2   sing N N 243 
GLN CA  C    sing N N 244 
GLN CA  CB   sing N N 245 
GLN CA  HA   sing N N 246 
GLN C   O    doub N N 247 
GLN C   OXT  sing N N 248 
GLN CB  CG   sing N N 249 
GLN CB  HB2  sing N N 250 
GLN CB  HB3  sing N N 251 
GLN CG  CD   sing N N 252 
GLN CG  HG2  sing N N 253 
GLN CG  HG3  sing N N 254 
GLN CD  OE1  doub N N 255 
GLN CD  NE2  sing N N 256 
GLN NE2 HE21 sing N N 257 
GLN NE2 HE22 sing N N 258 
GLN OXT HXT  sing N N 259 
GLU N   CA   sing N N 260 
GLU N   H    sing N N 261 
GLU N   H2   sing N N 262 
GLU CA  C    sing N N 263 
GLU CA  CB   sing N N 264 
GLU CA  HA   sing N N 265 
GLU C   O    doub N N 266 
GLU C   OXT  sing N N 267 
GLU CB  CG   sing N N 268 
GLU CB  HB2  sing N N 269 
GLU CB  HB3  sing N N 270 
GLU CG  CD   sing N N 271 
GLU CG  HG2  sing N N 272 
GLU CG  HG3  sing N N 273 
GLU CD  OE1  doub N N 274 
GLU CD  OE2  sing N N 275 
GLU OE2 HE2  sing N N 276 
GLU OXT HXT  sing N N 277 
GLY N   CA   sing N N 278 
GLY N   H    sing N N 279 
GLY N   H2   sing N N 280 
GLY CA  C    sing N N 281 
GLY CA  HA2  sing N N 282 
GLY CA  HA3  sing N N 283 
GLY C   O    doub N N 284 
GLY C   OXT  sing N N 285 
GLY OXT HXT  sing N N 286 
HIS N   CA   sing N N 287 
HIS N   H    sing N N 288 
HIS N   H2   sing N N 289 
HIS CA  C    sing N N 290 
HIS CA  CB   sing N N 291 
HIS CA  HA   sing N N 292 
HIS C   O    doub N N 293 
HIS C   OXT  sing N N 294 
HIS CB  CG   sing N N 295 
HIS CB  HB2  sing N N 296 
HIS CB  HB3  sing N N 297 
HIS CG  ND1  sing Y N 298 
HIS CG  CD2  doub Y N 299 
HIS ND1 CE1  doub Y N 300 
HIS ND1 HD1  sing N N 301 
HIS CD2 NE2  sing Y N 302 
HIS CD2 HD2  sing N N 303 
HIS CE1 NE2  sing Y N 304 
HIS CE1 HE1  sing N N 305 
HIS NE2 HE2  sing N N 306 
HIS OXT HXT  sing N N 307 
HOH O   H1   sing N N 308 
HOH O   H2   sing N N 309 
ILE N   CA   sing N N 310 
ILE N   H    sing N N 311 
ILE N   H2   sing N N 312 
ILE CA  C    sing N N 313 
ILE CA  CB   sing N N 314 
ILE CA  HA   sing N N 315 
ILE C   O    doub N N 316 
ILE C   OXT  sing N N 317 
ILE CB  CG1  sing N N 318 
ILE CB  CG2  sing N N 319 
ILE CB  HB   sing N N 320 
ILE CG1 CD1  sing N N 321 
ILE CG1 HG12 sing N N 322 
ILE CG1 HG13 sing N N 323 
ILE CG2 HG21 sing N N 324 
ILE CG2 HG22 sing N N 325 
ILE CG2 HG23 sing N N 326 
ILE CD1 HD11 sing N N 327 
ILE CD1 HD12 sing N N 328 
ILE CD1 HD13 sing N N 329 
ILE OXT HXT  sing N N 330 
LEU N   CA   sing N N 331 
LEU N   H    sing N N 332 
LEU N   H2   sing N N 333 
LEU CA  C    sing N N 334 
LEU CA  CB   sing N N 335 
LEU CA  HA   sing N N 336 
LEU C   O    doub N N 337 
LEU C   OXT  sing N N 338 
LEU CB  CG   sing N N 339 
LEU CB  HB2  sing N N 340 
LEU CB  HB3  sing N N 341 
LEU CG  CD1  sing N N 342 
LEU CG  CD2  sing N N 343 
LEU CG  HG   sing N N 344 
LEU CD1 HD11 sing N N 345 
LEU CD1 HD12 sing N N 346 
LEU CD1 HD13 sing N N 347 
LEU CD2 HD21 sing N N 348 
LEU CD2 HD22 sing N N 349 
LEU CD2 HD23 sing N N 350 
LEU OXT HXT  sing N N 351 
LYS N   CA   sing N N 352 
LYS N   H    sing N N 353 
LYS N   H2   sing N N 354 
LYS CA  C    sing N N 355 
LYS CA  CB   sing N N 356 
LYS CA  HA   sing N N 357 
LYS C   O    doub N N 358 
LYS C   OXT  sing N N 359 
LYS CB  CG   sing N N 360 
LYS CB  HB2  sing N N 361 
LYS CB  HB3  sing N N 362 
LYS CG  CD   sing N N 363 
LYS CG  HG2  sing N N 364 
LYS CG  HG3  sing N N 365 
LYS CD  CE   sing N N 366 
LYS CD  HD2  sing N N 367 
LYS CD  HD3  sing N N 368 
LYS CE  NZ   sing N N 369 
LYS CE  HE2  sing N N 370 
LYS CE  HE3  sing N N 371 
LYS NZ  HZ1  sing N N 372 
LYS NZ  HZ2  sing N N 373 
LYS NZ  HZ3  sing N N 374 
LYS OXT HXT  sing N N 375 
MET N   CA   sing N N 376 
MET N   H    sing N N 377 
MET N   H2   sing N N 378 
MET CA  C    sing N N 379 
MET CA  CB   sing N N 380 
MET CA  HA   sing N N 381 
MET C   O    doub N N 382 
MET C   OXT  sing N N 383 
MET CB  CG   sing N N 384 
MET CB  HB2  sing N N 385 
MET CB  HB3  sing N N 386 
MET CG  SD   sing N N 387 
MET CG  HG2  sing N N 388 
MET CG  HG3  sing N N 389 
MET SD  CE   sing N N 390 
MET CE  HE1  sing N N 391 
MET CE  HE2  sing N N 392 
MET CE  HE3  sing N N 393 
MET OXT HXT  sing N N 394 
PHE N   CA   sing N N 395 
PHE N   H    sing N N 396 
PHE N   H2   sing N N 397 
PHE CA  C    sing N N 398 
PHE CA  CB   sing N N 399 
PHE CA  HA   sing N N 400 
PHE C   O    doub N N 401 
PHE C   OXT  sing N N 402 
PHE CB  CG   sing N N 403 
PHE CB  HB2  sing N N 404 
PHE CB  HB3  sing N N 405 
PHE CG  CD1  doub Y N 406 
PHE CG  CD2  sing Y N 407 
PHE CD1 CE1  sing Y N 408 
PHE CD1 HD1  sing N N 409 
PHE CD2 CE2  doub Y N 410 
PHE CD2 HD2  sing N N 411 
PHE CE1 CZ   doub Y N 412 
PHE CE1 HE1  sing N N 413 
PHE CE2 CZ   sing Y N 414 
PHE CE2 HE2  sing N N 415 
PHE CZ  HZ   sing N N 416 
PHE OXT HXT  sing N N 417 
PRO N   CA   sing N N 418 
PRO N   CD   sing N N 419 
PRO N   H    sing N N 420 
PRO CA  C    sing N N 421 
PRO CA  CB   sing N N 422 
PRO CA  HA   sing N N 423 
PRO C   O    doub N N 424 
PRO C   OXT  sing N N 425 
PRO CB  CG   sing N N 426 
PRO CB  HB2  sing N N 427 
PRO CB  HB3  sing N N 428 
PRO CG  CD   sing N N 429 
PRO CG  HG2  sing N N 430 
PRO CG  HG3  sing N N 431 
PRO CD  HD2  sing N N 432 
PRO CD  HD3  sing N N 433 
PRO OXT HXT  sing N N 434 
SER N   CA   sing N N 435 
SER N   H    sing N N 436 
SER N   H2   sing N N 437 
SER CA  C    sing N N 438 
SER CA  CB   sing N N 439 
SER CA  HA   sing N N 440 
SER C   O    doub N N 441 
SER C   OXT  sing N N 442 
SER CB  OG   sing N N 443 
SER CB  HB2  sing N N 444 
SER CB  HB3  sing N N 445 
SER OG  HG   sing N N 446 
SER OXT HXT  sing N N 447 
THR N   CA   sing N N 448 
THR N   H    sing N N 449 
THR N   H2   sing N N 450 
THR CA  C    sing N N 451 
THR CA  CB   sing N N 452 
THR CA  HA   sing N N 453 
THR C   O    doub N N 454 
THR C   OXT  sing N N 455 
THR CB  OG1  sing N N 456 
THR CB  CG2  sing N N 457 
THR CB  HB   sing N N 458 
THR OG1 HG1  sing N N 459 
THR CG2 HG21 sing N N 460 
THR CG2 HG22 sing N N 461 
THR CG2 HG23 sing N N 462 
THR OXT HXT  sing N N 463 
TRP N   CA   sing N N 464 
TRP N   H    sing N N 465 
TRP N   H2   sing N N 466 
TRP CA  C    sing N N 467 
TRP CA  CB   sing N N 468 
TRP CA  HA   sing N N 469 
TRP C   O    doub N N 470 
TRP C   OXT  sing N N 471 
TRP CB  CG   sing N N 472 
TRP CB  HB2  sing N N 473 
TRP CB  HB3  sing N N 474 
TRP CG  CD1  doub Y N 475 
TRP CG  CD2  sing Y N 476 
TRP CD1 NE1  sing Y N 477 
TRP CD1 HD1  sing N N 478 
TRP CD2 CE2  doub Y N 479 
TRP CD2 CE3  sing Y N 480 
TRP NE1 CE2  sing Y N 481 
TRP NE1 HE1  sing N N 482 
TRP CE2 CZ2  sing Y N 483 
TRP CE3 CZ3  doub Y N 484 
TRP CE3 HE3  sing N N 485 
TRP CZ2 CH2  doub Y N 486 
TRP CZ2 HZ2  sing N N 487 
TRP CZ3 CH2  sing Y N 488 
TRP CZ3 HZ3  sing N N 489 
TRP CH2 HH2  sing N N 490 
TRP OXT HXT  sing N N 491 
TYR N   CA   sing N N 492 
TYR N   H    sing N N 493 
TYR N   H2   sing N N 494 
TYR CA  C    sing N N 495 
TYR CA  CB   sing N N 496 
TYR CA  HA   sing N N 497 
TYR C   O    doub N N 498 
TYR C   OXT  sing N N 499 
TYR CB  CG   sing N N 500 
TYR CB  HB2  sing N N 501 
TYR CB  HB3  sing N N 502 
TYR CG  CD1  doub Y N 503 
TYR CG  CD2  sing Y N 504 
TYR CD1 CE1  sing Y N 505 
TYR CD1 HD1  sing N N 506 
TYR CD2 CE2  doub Y N 507 
TYR CD2 HD2  sing N N 508 
TYR CE1 CZ   doub Y N 509 
TYR CE1 HE1  sing N N 510 
TYR CE2 CZ   sing Y N 511 
TYR CE2 HE2  sing N N 512 
TYR CZ  OH   sing N N 513 
TYR OH  HH   sing N N 514 
TYR OXT HXT  sing N N 515 
VAL N   CA   sing N N 516 
VAL N   H    sing N N 517 
VAL N   H2   sing N N 518 
VAL CA  C    sing N N 519 
VAL CA  CB   sing N N 520 
VAL CA  HA   sing N N 521 
VAL C   O    doub N N 522 
VAL C   OXT  sing N N 523 
VAL CB  CG1  sing N N 524 
VAL CB  CG2  sing N N 525 
VAL CB  HB   sing N N 526 
VAL CG1 HG11 sing N N 527 
VAL CG1 HG12 sing N N 528 
VAL CG1 HG13 sing N N 529 
VAL CG2 HG21 sing N N 530 
VAL CG2 HG22 sing N N 531 
VAL CG2 HG23 sing N N 532 
VAL OXT HXT  sing N N 533 
# 
loop_
_pdbx_entity_nonpoly.entity_id 
_pdbx_entity_nonpoly.name 
_pdbx_entity_nonpoly.comp_id 
2 'COENZYME A' COA 
3 
;(1R,2S,3S,4R,6S)-4,6-DIAMINO-3-[(3-AMINO-3-DEOXY-ALPHA-D-GLUCOPYRANOSYL)OXY]-2-HYDROXYCYCLOHEXYL 2,6-DIAMINO-2,6-DIDEOXY-ALPHA-D-GLUCOPYRANOSIDE
;
9CS 
4 water HOH 
# 
_pdbx_initial_refinement_model.id               1 
_pdbx_initial_refinement_model.entity_id_list   ? 
_pdbx_initial_refinement_model.type             'experimental model' 
_pdbx_initial_refinement_model.source_name      PDB 
_pdbx_initial_refinement_model.accession_code   2PRB 
_pdbx_initial_refinement_model.details          'pdb entry 2prb' 
# 
